data_6KYX
# 
_entry.id   6KYX 
# 
_audit_conform.dict_name       mmcif_pdbx.dic 
_audit_conform.dict_version    5.387 
_audit_conform.dict_location   http://mmcif.pdb.org/dictionaries/ascii/mmcif_pdbx.dic 
# 
loop_
_database_2.database_id 
_database_2.database_code 
_database_2.pdbx_database_accession 
_database_2.pdbx_DOI 
PDB   6KYX         pdb_00006kyx 10.2210/pdb6kyx/pdb 
WWPDB D_1300013885 ?            ?                   
# 
loop_
_pdbx_audit_revision_history.ordinal 
_pdbx_audit_revision_history.data_content_type 
_pdbx_audit_revision_history.major_revision 
_pdbx_audit_revision_history.minor_revision 
_pdbx_audit_revision_history.revision_date 
1 'Structure model' 1 0 2020-09-23 
2 'Structure model' 1 1 2024-03-27 
# 
_pdbx_audit_revision_details.ordinal             1 
_pdbx_audit_revision_details.revision_ordinal    1 
_pdbx_audit_revision_details.data_content_type   'Structure model' 
_pdbx_audit_revision_details.provider            repository 
_pdbx_audit_revision_details.type                'Initial release' 
_pdbx_audit_revision_details.description         ? 
_pdbx_audit_revision_details.details             ? 
# 
loop_
_pdbx_audit_revision_group.ordinal 
_pdbx_audit_revision_group.revision_ordinal 
_pdbx_audit_revision_group.data_content_type 
_pdbx_audit_revision_group.group 
1 2 'Structure model' 'Data collection'     
2 2 'Structure model' 'Database references' 
# 
loop_
_pdbx_audit_revision_category.ordinal 
_pdbx_audit_revision_category.revision_ordinal 
_pdbx_audit_revision_category.data_content_type 
_pdbx_audit_revision_category.category 
1 2 'Structure model' chem_comp_atom 
2 2 'Structure model' chem_comp_bond 
3 2 'Structure model' database_2     
# 
loop_
_pdbx_audit_revision_item.ordinal 
_pdbx_audit_revision_item.revision_ordinal 
_pdbx_audit_revision_item.data_content_type 
_pdbx_audit_revision_item.item 
1 2 'Structure model' '_database_2.pdbx_DOI'                
2 2 'Structure model' '_database_2.pdbx_database_accession' 
# 
_pdbx_database_status.status_code                     REL 
_pdbx_database_status.status_code_sf                  REL 
_pdbx_database_status.status_code_mr                  ? 
_pdbx_database_status.entry_id                        6KYX 
_pdbx_database_status.recvd_initial_deposition_date   2019-09-20 
_pdbx_database_status.SG_entry                        N 
_pdbx_database_status.deposit_site                    PDBJ 
_pdbx_database_status.process_site                    PDBJ 
_pdbx_database_status.status_code_cs                  ? 
_pdbx_database_status.methods_development_category    ? 
_pdbx_database_status.pdb_format_compatible           Y 
_pdbx_database_status.status_code_nmr_data            ? 
# 
loop_
_audit_author.name 
_audit_author.pdbx_ordinal 
_audit_author.identifier_ORCID 
'Wen, Y.'    1 ? 
'Ouyang, Z.' 2 ? 
# 
_citation.abstract                  ? 
_citation.abstract_id_CAS           ? 
_citation.book_id_ISBN              ? 
_citation.book_publisher            ? 
_citation.book_publisher_city       ? 
_citation.book_title                ? 
_citation.coordinate_linkage        ? 
_citation.country                   ? 
_citation.database_id_Medline       ? 
_citation.details                   ? 
_citation.id                        primary 
_citation.journal_abbrev            'To Be Published' 
_citation.journal_id_ASTM           ? 
_citation.journal_id_CSD            0353 
_citation.journal_id_ISSN           ? 
_citation.journal_full              ? 
_citation.journal_issue             ? 
_citation.journal_volume            ? 
_citation.language                  ? 
_citation.page_first                ? 
_citation.page_last                 ? 
_citation.title                     'Crystal Structure of Staphylococcus aureus response regulator ArlR DNA binding domain' 
_citation.year                      ? 
_citation.database_id_CSD           ? 
_citation.pdbx_database_id_DOI      ? 
_citation.pdbx_database_id_PubMed   ? 
_citation.unpublished_flag          ? 
# 
loop_
_citation_author.citation_id 
_citation_author.name 
_citation_author.ordinal 
_citation_author.identifier_ORCID 
primary 'Wen, Y.'    1 ? 
primary 'Ouyang, Z.' 2 ? 
# 
loop_
_entity.id 
_entity.type 
_entity.src_method 
_entity.pdbx_description 
_entity.formula_weight 
_entity.pdbx_number_of_molecules 
_entity.pdbx_ec 
_entity.pdbx_mutation 
_entity.pdbx_fragment 
_entity.details 
1 polymer man 'DNA-binding response regulator ArlR' 11677.303 1  ? ? ? ? 
2 water   nat water                                 18.015    75 ? ? ? ? 
# 
_entity_poly.entity_id                      1 
_entity_poly.type                           'polypeptide(L)' 
_entity_poly.nstd_linkage                   no 
_entity_poly.nstd_monomer                   no 
_entity_poly.pdbx_seq_one_letter_code       
;GSKDIIDVNGITIDKNAFKVTVNGAEIELTKTEYDLLYLLAENKNHVMQREQILNHVWGYNSEVETNVVDVYIRYLRNKL
KPYDRDKMIETVRGVGYVIR
;
_entity_poly.pdbx_seq_one_letter_code_can   
;GSKDIIDVNGITIDKNAFKVTVNGAEIELTKTEYDLLYLLAENKNHVMQREQILNHVWGYNSEVETNVVDVYIRYLRNKL
KPYDRDKMIETVRGVGYVIR
;
_entity_poly.pdbx_strand_id                 A 
_entity_poly.pdbx_target_identifier         ? 
# 
_pdbx_entity_nonpoly.entity_id   2 
_pdbx_entity_nonpoly.name        water 
_pdbx_entity_nonpoly.comp_id     HOH 
# 
loop_
_entity_poly_seq.entity_id 
_entity_poly_seq.num 
_entity_poly_seq.mon_id 
_entity_poly_seq.hetero 
1 1   GLY n 
1 2   SER n 
1 3   LYS n 
1 4   ASP n 
1 5   ILE n 
1 6   ILE n 
1 7   ASP n 
1 8   VAL n 
1 9   ASN n 
1 10  GLY n 
1 11  ILE n 
1 12  THR n 
1 13  ILE n 
1 14  ASP n 
1 15  LYS n 
1 16  ASN n 
1 17  ALA n 
1 18  PHE n 
1 19  LYS n 
1 20  VAL n 
1 21  THR n 
1 22  VAL n 
1 23  ASN n 
1 24  GLY n 
1 25  ALA n 
1 26  GLU n 
1 27  ILE n 
1 28  GLU n 
1 29  LEU n 
1 30  THR n 
1 31  LYS n 
1 32  THR n 
1 33  GLU n 
1 34  TYR n 
1 35  ASP n 
1 36  LEU n 
1 37  LEU n 
1 38  TYR n 
1 39  LEU n 
1 40  LEU n 
1 41  ALA n 
1 42  GLU n 
1 43  ASN n 
1 44  LYS n 
1 45  ASN n 
1 46  HIS n 
1 47  VAL n 
1 48  MET n 
1 49  GLN n 
1 50  ARG n 
1 51  GLU n 
1 52  GLN n 
1 53  ILE n 
1 54  LEU n 
1 55  ASN n 
1 56  HIS n 
1 57  VAL n 
1 58  TRP n 
1 59  GLY n 
1 60  TYR n 
1 61  ASN n 
1 62  SER n 
1 63  GLU n 
1 64  VAL n 
1 65  GLU n 
1 66  THR n 
1 67  ASN n 
1 68  VAL n 
1 69  VAL n 
1 70  ASP n 
1 71  VAL n 
1 72  TYR n 
1 73  ILE n 
1 74  ARG n 
1 75  TYR n 
1 76  LEU n 
1 77  ARG n 
1 78  ASN n 
1 79  LYS n 
1 80  LEU n 
1 81  LYS n 
1 82  PRO n 
1 83  TYR n 
1 84  ASP n 
1 85  ARG n 
1 86  ASP n 
1 87  LYS n 
1 88  MET n 
1 89  ILE n 
1 90  GLU n 
1 91  THR n 
1 92  VAL n 
1 93  ARG n 
1 94  GLY n 
1 95  VAL n 
1 96  GLY n 
1 97  TYR n 
1 98  VAL n 
1 99  ILE n 
1 100 ARG n 
# 
_entity_src_gen.entity_id                          1 
_entity_src_gen.pdbx_src_id                        1 
_entity_src_gen.pdbx_alt_source_flag               sample 
_entity_src_gen.pdbx_seq_type                      'Biological sequence' 
_entity_src_gen.pdbx_beg_seq_num                   1 
_entity_src_gen.pdbx_end_seq_num                   100 
_entity_src_gen.gene_src_common_name               ? 
_entity_src_gen.gene_src_genus                     ? 
_entity_src_gen.pdbx_gene_src_gene                 ER627_12465 
_entity_src_gen.gene_src_species                   ? 
_entity_src_gen.gene_src_strain                    ? 
_entity_src_gen.gene_src_tissue                    ? 
_entity_src_gen.gene_src_tissue_fraction           ? 
_entity_src_gen.gene_src_details                   ? 
_entity_src_gen.pdbx_gene_src_fragment             ? 
_entity_src_gen.pdbx_gene_src_scientific_name      'Staphylococcus aureus' 
_entity_src_gen.pdbx_gene_src_ncbi_taxonomy_id     1280 
_entity_src_gen.pdbx_gene_src_variant              ? 
_entity_src_gen.pdbx_gene_src_cell_line            ? 
_entity_src_gen.pdbx_gene_src_atcc                 ? 
_entity_src_gen.pdbx_gene_src_organ                ? 
_entity_src_gen.pdbx_gene_src_organelle            ? 
_entity_src_gen.pdbx_gene_src_cell                 ? 
_entity_src_gen.pdbx_gene_src_cellular_location    ? 
_entity_src_gen.host_org_common_name               ? 
_entity_src_gen.pdbx_host_org_scientific_name      'Escherichia coli' 
_entity_src_gen.pdbx_host_org_ncbi_taxonomy_id     562 
_entity_src_gen.host_org_genus                     ? 
_entity_src_gen.pdbx_host_org_gene                 ? 
_entity_src_gen.pdbx_host_org_organ                ? 
_entity_src_gen.host_org_species                   ? 
_entity_src_gen.pdbx_host_org_tissue               ? 
_entity_src_gen.pdbx_host_org_tissue_fraction      ? 
_entity_src_gen.pdbx_host_org_strain               ? 
_entity_src_gen.pdbx_host_org_variant              ? 
_entity_src_gen.pdbx_host_org_cell_line            ? 
_entity_src_gen.pdbx_host_org_atcc                 ? 
_entity_src_gen.pdbx_host_org_culture_collection   ? 
_entity_src_gen.pdbx_host_org_cell                 ? 
_entity_src_gen.pdbx_host_org_organelle            ? 
_entity_src_gen.pdbx_host_org_cellular_location    ? 
_entity_src_gen.pdbx_host_org_vector_type          ? 
_entity_src_gen.pdbx_host_org_vector               ? 
_entity_src_gen.host_org_details                   ? 
_entity_src_gen.expression_system_id               ? 
_entity_src_gen.plasmid_name                       ? 
_entity_src_gen.plasmid_details                    ? 
_entity_src_gen.pdbx_description                   ? 
# 
loop_
_chem_comp.id 
_chem_comp.type 
_chem_comp.mon_nstd_flag 
_chem_comp.name 
_chem_comp.pdbx_synonyms 
_chem_comp.formula 
_chem_comp.formula_weight 
ALA 'L-peptide linking' y ALANINE         ? 'C3 H7 N O2'     89.093  
ARG 'L-peptide linking' y ARGININE        ? 'C6 H15 N4 O2 1' 175.209 
ASN 'L-peptide linking' y ASPARAGINE      ? 'C4 H8 N2 O3'    132.118 
ASP 'L-peptide linking' y 'ASPARTIC ACID' ? 'C4 H7 N O4'     133.103 
GLN 'L-peptide linking' y GLUTAMINE       ? 'C5 H10 N2 O3'   146.144 
GLU 'L-peptide linking' y 'GLUTAMIC ACID' ? 'C5 H9 N O4'     147.129 
GLY 'peptide linking'   y GLYCINE         ? 'C2 H5 N O2'     75.067  
HIS 'L-peptide linking' y HISTIDINE       ? 'C6 H10 N3 O2 1' 156.162 
HOH non-polymer         . WATER           ? 'H2 O'           18.015  
ILE 'L-peptide linking' y ISOLEUCINE      ? 'C6 H13 N O2'    131.173 
LEU 'L-peptide linking' y LEUCINE         ? 'C6 H13 N O2'    131.173 
LYS 'L-peptide linking' y LYSINE          ? 'C6 H15 N2 O2 1' 147.195 
MET 'L-peptide linking' y METHIONINE      ? 'C5 H11 N O2 S'  149.211 
PHE 'L-peptide linking' y PHENYLALANINE   ? 'C9 H11 N O2'    165.189 
PRO 'L-peptide linking' y PROLINE         ? 'C5 H9 N O2'     115.130 
SER 'L-peptide linking' y SERINE          ? 'C3 H7 N O3'     105.093 
THR 'L-peptide linking' y THREONINE       ? 'C4 H9 N O3'     119.119 
TRP 'L-peptide linking' y TRYPTOPHAN      ? 'C11 H12 N2 O2'  204.225 
TYR 'L-peptide linking' y TYROSINE        ? 'C9 H11 N O3'    181.189 
VAL 'L-peptide linking' y VALINE          ? 'C5 H11 N O2'    117.146 
# 
loop_
_pdbx_poly_seq_scheme.asym_id 
_pdbx_poly_seq_scheme.entity_id 
_pdbx_poly_seq_scheme.seq_id 
_pdbx_poly_seq_scheme.mon_id 
_pdbx_poly_seq_scheme.ndb_seq_num 
_pdbx_poly_seq_scheme.pdb_seq_num 
_pdbx_poly_seq_scheme.auth_seq_num 
_pdbx_poly_seq_scheme.pdb_mon_id 
_pdbx_poly_seq_scheme.auth_mon_id 
_pdbx_poly_seq_scheme.pdb_strand_id 
_pdbx_poly_seq_scheme.pdb_ins_code 
_pdbx_poly_seq_scheme.hetero 
A 1 1   GLY 1   120 120 GLY GLY A . n 
A 1 2   SER 2   121 121 SER SER A . n 
A 1 3   LYS 3   122 122 LYS LYS A . n 
A 1 4   ASP 4   123 123 ASP ASP A . n 
A 1 5   ILE 5   124 124 ILE ILE A . n 
A 1 6   ILE 6   125 125 ILE ILE A . n 
A 1 7   ASP 7   126 126 ASP ASP A . n 
A 1 8   VAL 8   127 127 VAL VAL A . n 
A 1 9   ASN 9   128 128 ASN ASN A . n 
A 1 10  GLY 10  129 129 GLY GLY A . n 
A 1 11  ILE 11  130 130 ILE ILE A . n 
A 1 12  THR 12  131 131 THR THR A . n 
A 1 13  ILE 13  132 132 ILE ILE A . n 
A 1 14  ASP 14  133 133 ASP ASP A . n 
A 1 15  LYS 15  134 134 LYS LYS A . n 
A 1 16  ASN 16  135 135 ASN ASN A . n 
A 1 17  ALA 17  136 136 ALA ALA A . n 
A 1 18  PHE 18  137 137 PHE PHE A . n 
A 1 19  LYS 19  138 138 LYS LYS A . n 
A 1 20  VAL 20  139 139 VAL VAL A . n 
A 1 21  THR 21  140 140 THR THR A . n 
A 1 22  VAL 22  141 141 VAL VAL A . n 
A 1 23  ASN 23  142 142 ASN ASN A . n 
A 1 24  GLY 24  143 143 GLY GLY A . n 
A 1 25  ALA 25  144 144 ALA ALA A . n 
A 1 26  GLU 26  145 145 GLU GLU A . n 
A 1 27  ILE 27  146 146 ILE ILE A . n 
A 1 28  GLU 28  147 147 GLU GLU A . n 
A 1 29  LEU 29  148 148 LEU LEU A . n 
A 1 30  THR 30  149 149 THR THR A . n 
A 1 31  LYS 31  150 150 LYS LYS A . n 
A 1 32  THR 32  151 151 THR THR A . n 
A 1 33  GLU 33  152 152 GLU GLU A . n 
A 1 34  TYR 34  153 153 TYR TYR A . n 
A 1 35  ASP 35  154 154 ASP ASP A . n 
A 1 36  LEU 36  155 155 LEU LEU A . n 
A 1 37  LEU 37  156 156 LEU LEU A . n 
A 1 38  TYR 38  157 157 TYR TYR A . n 
A 1 39  LEU 39  158 158 LEU LEU A . n 
A 1 40  LEU 40  159 159 LEU LEU A . n 
A 1 41  ALA 41  160 160 ALA ALA A . n 
A 1 42  GLU 42  161 161 GLU GLU A . n 
A 1 43  ASN 43  162 162 ASN ASN A . n 
A 1 44  LYS 44  163 163 LYS LYS A . n 
A 1 45  ASN 45  164 164 ASN ASN A . n 
A 1 46  HIS 46  165 165 HIS HIS A . n 
A 1 47  VAL 47  166 166 VAL VAL A . n 
A 1 48  MET 48  167 167 MET MET A . n 
A 1 49  GLN 49  168 168 GLN GLN A . n 
A 1 50  ARG 50  169 169 ARG ARG A . n 
A 1 51  GLU 51  170 170 GLU GLU A . n 
A 1 52  GLN 52  171 171 GLN GLN A . n 
A 1 53  ILE 53  172 172 ILE ILE A . n 
A 1 54  LEU 54  173 173 LEU LEU A . n 
A 1 55  ASN 55  174 174 ASN ASN A . n 
A 1 56  HIS 56  175 175 HIS HIS A . n 
A 1 57  VAL 57  176 176 VAL VAL A . n 
A 1 58  TRP 58  177 177 TRP TRP A . n 
A 1 59  GLY 59  178 178 GLY GLY A . n 
A 1 60  TYR 60  179 179 TYR TYR A . n 
A 1 61  ASN 61  180 180 ASN ASN A . n 
A 1 62  SER 62  181 181 SER SER A . n 
A 1 63  GLU 63  182 182 GLU GLU A . n 
A 1 64  VAL 64  183 183 VAL VAL A . n 
A 1 65  GLU 65  184 184 GLU GLU A . n 
A 1 66  THR 66  185 185 THR THR A . n 
A 1 67  ASN 67  186 186 ASN ASN A . n 
A 1 68  VAL 68  187 187 VAL VAL A . n 
A 1 69  VAL 69  188 188 VAL VAL A . n 
A 1 70  ASP 70  189 189 ASP ASP A . n 
A 1 71  VAL 71  190 190 VAL VAL A . n 
A 1 72  TYR 72  191 191 TYR TYR A . n 
A 1 73  ILE 73  192 192 ILE ILE A . n 
A 1 74  ARG 74  193 193 ARG ARG A . n 
A 1 75  TYR 75  194 194 TYR TYR A . n 
A 1 76  LEU 76  195 195 LEU LEU A . n 
A 1 77  ARG 77  196 196 ARG ARG A . n 
A 1 78  ASN 78  197 197 ASN ASN A . n 
A 1 79  LYS 79  198 198 LYS LYS A . n 
A 1 80  LEU 80  199 199 LEU LEU A . n 
A 1 81  LYS 81  200 200 LYS LYS A . n 
A 1 82  PRO 82  201 201 PRO PRO A . n 
A 1 83  TYR 83  202 202 TYR TYR A . n 
A 1 84  ASP 84  203 203 ASP ASP A . n 
A 1 85  ARG 85  204 204 ARG ARG A . n 
A 1 86  ASP 86  205 205 ASP ASP A . n 
A 1 87  LYS 87  206 206 LYS LYS A . n 
A 1 88  MET 88  207 207 MET MET A . n 
A 1 89  ILE 89  208 208 ILE ILE A . n 
A 1 90  GLU 90  209 209 GLU GLU A . n 
A 1 91  THR 91  210 210 THR THR A . n 
A 1 92  VAL 92  211 211 VAL VAL A . n 
A 1 93  ARG 93  212 212 ARG ARG A . n 
A 1 94  GLY 94  213 213 GLY GLY A . n 
A 1 95  VAL 95  214 214 VAL VAL A . n 
A 1 96  GLY 96  215 215 GLY GLY A . n 
A 1 97  TYR 97  216 216 TYR TYR A . n 
A 1 98  VAL 98  217 217 VAL VAL A . n 
A 1 99  ILE 99  218 218 ILE ILE A . n 
A 1 100 ARG 100 219 219 ARG ARG A . n 
# 
loop_
_pdbx_nonpoly_scheme.asym_id 
_pdbx_nonpoly_scheme.entity_id 
_pdbx_nonpoly_scheme.mon_id 
_pdbx_nonpoly_scheme.ndb_seq_num 
_pdbx_nonpoly_scheme.pdb_seq_num 
_pdbx_nonpoly_scheme.auth_seq_num 
_pdbx_nonpoly_scheme.pdb_mon_id 
_pdbx_nonpoly_scheme.auth_mon_id 
_pdbx_nonpoly_scheme.pdb_strand_id 
_pdbx_nonpoly_scheme.pdb_ins_code 
B 2 HOH 1  301 38 HOH HOH A . 
B 2 HOH 2  302 75 HOH HOH A . 
B 2 HOH 3  303 1  HOH HOH A . 
B 2 HOH 4  304 3  HOH HOH A . 
B 2 HOH 5  305 25 HOH HOH A . 
B 2 HOH 6  306 15 HOH HOH A . 
B 2 HOH 7  307 30 HOH HOH A . 
B 2 HOH 8  308 58 HOH HOH A . 
B 2 HOH 9  309 27 HOH HOH A . 
B 2 HOH 10 310 70 HOH HOH A . 
B 2 HOH 11 311 23 HOH HOH A . 
B 2 HOH 12 312 22 HOH HOH A . 
B 2 HOH 13 313 2  HOH HOH A . 
B 2 HOH 14 314 56 HOH HOH A . 
B 2 HOH 15 315 62 HOH HOH A . 
B 2 HOH 16 316 12 HOH HOH A . 
B 2 HOH 17 317 46 HOH HOH A . 
B 2 HOH 18 318 47 HOH HOH A . 
B 2 HOH 19 319 6  HOH HOH A . 
B 2 HOH 20 320 53 HOH HOH A . 
B 2 HOH 21 321 66 HOH HOH A . 
B 2 HOH 22 322 45 HOH HOH A . 
B 2 HOH 23 323 44 HOH HOH A . 
B 2 HOH 24 324 33 HOH HOH A . 
B 2 HOH 25 325 19 HOH HOH A . 
B 2 HOH 26 326 64 HOH HOH A . 
B 2 HOH 27 327 40 HOH HOH A . 
B 2 HOH 28 328 18 HOH HOH A . 
B 2 HOH 29 329 17 HOH HOH A . 
B 2 HOH 30 330 14 HOH HOH A . 
B 2 HOH 31 331 11 HOH HOH A . 
B 2 HOH 32 332 24 HOH HOH A . 
B 2 HOH 33 333 13 HOH HOH A . 
B 2 HOH 34 334 8  HOH HOH A . 
B 2 HOH 35 335 52 HOH HOH A . 
B 2 HOH 36 336 10 HOH HOH A . 
B 2 HOH 37 337 21 HOH HOH A . 
B 2 HOH 38 338 65 HOH HOH A . 
B 2 HOH 39 339 9  HOH HOH A . 
B 2 HOH 40 340 73 HOH HOH A . 
B 2 HOH 41 341 51 HOH HOH A . 
B 2 HOH 42 342 32 HOH HOH A . 
B 2 HOH 43 343 61 HOH HOH A . 
B 2 HOH 44 344 72 HOH HOH A . 
B 2 HOH 45 345 35 HOH HOH A . 
B 2 HOH 46 346 7  HOH HOH A . 
B 2 HOH 47 347 74 HOH HOH A . 
B 2 HOH 48 348 31 HOH HOH A . 
B 2 HOH 49 349 54 HOH HOH A . 
B 2 HOH 50 350 4  HOH HOH A . 
B 2 HOH 51 351 28 HOH HOH A . 
B 2 HOH 52 352 68 HOH HOH A . 
B 2 HOH 53 353 36 HOH HOH A . 
B 2 HOH 54 354 50 HOH HOH A . 
B 2 HOH 55 355 5  HOH HOH A . 
B 2 HOH 56 356 71 HOH HOH A . 
B 2 HOH 57 357 37 HOH HOH A . 
B 2 HOH 58 358 16 HOH HOH A . 
B 2 HOH 59 359 26 HOH HOH A . 
B 2 HOH 60 360 69 HOH HOH A . 
B 2 HOH 61 361 60 HOH HOH A . 
B 2 HOH 62 362 29 HOH HOH A . 
B 2 HOH 63 363 67 HOH HOH A . 
B 2 HOH 64 364 49 HOH HOH A . 
B 2 HOH 65 365 42 HOH HOH A . 
B 2 HOH 66 366 41 HOH HOH A . 
B 2 HOH 67 367 48 HOH HOH A . 
B 2 HOH 68 368 20 HOH HOH A . 
B 2 HOH 69 369 34 HOH HOH A . 
B 2 HOH 70 370 63 HOH HOH A . 
B 2 HOH 71 371 55 HOH HOH A . 
B 2 HOH 72 372 43 HOH HOH A . 
B 2 HOH 73 373 57 HOH HOH A . 
B 2 HOH 74 374 39 HOH HOH A . 
B 2 HOH 75 375 59 HOH HOH A . 
# 
loop_
_pdbx_unobs_or_zero_occ_atoms.id 
_pdbx_unobs_or_zero_occ_atoms.PDB_model_num 
_pdbx_unobs_or_zero_occ_atoms.polymer_flag 
_pdbx_unobs_or_zero_occ_atoms.occupancy_flag 
_pdbx_unobs_or_zero_occ_atoms.auth_asym_id 
_pdbx_unobs_or_zero_occ_atoms.auth_comp_id 
_pdbx_unobs_or_zero_occ_atoms.auth_seq_id 
_pdbx_unobs_or_zero_occ_atoms.PDB_ins_code 
_pdbx_unobs_or_zero_occ_atoms.auth_atom_id 
_pdbx_unobs_or_zero_occ_atoms.label_alt_id 
_pdbx_unobs_or_zero_occ_atoms.label_asym_id 
_pdbx_unobs_or_zero_occ_atoms.label_comp_id 
_pdbx_unobs_or_zero_occ_atoms.label_seq_id 
_pdbx_unobs_or_zero_occ_atoms.label_atom_id 
1  1 Y 1 A LYS 134 ? CD  ? A LYS 15 CD  
2  1 Y 1 A LYS 134 ? CE  ? A LYS 15 CE  
3  1 Y 1 A LYS 134 ? NZ  ? A LYS 15 NZ  
4  1 Y 1 A HIS 165 ? CG  ? A HIS 46 CG  
5  1 Y 1 A HIS 165 ? ND1 ? A HIS 46 ND1 
6  1 Y 1 A HIS 165 ? CD2 ? A HIS 46 CD2 
7  1 Y 1 A HIS 165 ? CE1 ? A HIS 46 CE1 
8  1 Y 1 A HIS 165 ? NE2 ? A HIS 46 NE2 
9  1 Y 1 A ASN 180 ? CG  ? A ASN 61 CG  
10 1 Y 1 A ASN 180 ? OD1 ? A ASN 61 OD1 
11 1 Y 1 A ASN 180 ? ND2 ? A ASN 61 ND2 
12 1 Y 1 A ARG 212 ? CG  ? A ARG 93 CG  
13 1 Y 1 A ARG 212 ? CD  ? A ARG 93 CD  
14 1 Y 1 A ARG 212 ? NE  ? A ARG 93 NE  
15 1 Y 1 A ARG 212 ? CZ  ? A ARG 93 CZ  
16 1 Y 1 A ARG 212 ? NH1 ? A ARG 93 NH1 
17 1 Y 1 A ARG 212 ? NH2 ? A ARG 93 NH2 
# 
loop_
_software.citation_id 
_software.classification 
_software.compiler_name 
_software.compiler_version 
_software.contact_author 
_software.contact_author_email 
_software.date 
_software.description 
_software.dependencies 
_software.hardware 
_software.language 
_software.location 
_software.mods 
_software.name 
_software.os 
_software.os_version 
_software.type 
_software.version 
_software.pdbx_ordinal 
? 'data reduction'  ? ? 'Wolfgang Kabsch' Wolfgang.Kabsch@mpimf-heidelberg.mpg.de ?              ? ? ? ?          
http://www.mpimf-heidelberg.mpg.de/~kabsch/xds/                             ? XDS         ? ? package .         1 
? 'data scaling'    ? ? 'Wolfgang Kabsch' ?                                       ?              ? ? ? ?          
http://www.mpimf-heidelberg.mpg.de/~kabsch/xds/html_doc/xscale_program.html ? XSCALE      ? ? package .         2 
? phasing           ? ? 'Alexei Vaguine'  alexei@ysbl.york.ac.uk                  ?              ? ? ? Fortran_77 
http://www.ccp4.ac.uk/dist/html/molrep.html                                 ? MOLREP      ? ? program .         3 
? refinement        ? ? 'Paul D. Adams'   PDAdams@lbl.gov                         ?              ? ? ? C++        
http://www.phenix-online.org/                                               ? PHENIX      ? ? package 1.14_3260 4 
? 'data extraction' ? ? PDB               deposit@deposit.rcsb.org                'Apr. 1, 2019' ? ? ? C++        
http://sw-tools.pdb.org/apps/PDB_EXTRACT/                                   ? PDB_EXTRACT ? ? package 3.25      5 
# 
_cell.angle_alpha                  90.000 
_cell.angle_alpha_esd              ? 
_cell.angle_beta                   90.000 
_cell.angle_beta_esd               ? 
_cell.angle_gamma                  120.000 
_cell.angle_gamma_esd              ? 
_cell.entry_id                     6KYX 
_cell.details                      ? 
_cell.formula_units_Z              ? 
_cell.length_a                     68.060 
_cell.length_a_esd                 ? 
_cell.length_b                     68.060 
_cell.length_b_esd                 ? 
_cell.length_c                     152.630 
_cell.length_c_esd                 ? 
_cell.volume                       ? 
_cell.volume_esd                   ? 
_cell.Z_PDB                        12 
_cell.reciprocal_angle_alpha       ? 
_cell.reciprocal_angle_beta        ? 
_cell.reciprocal_angle_gamma       ? 
_cell.reciprocal_angle_alpha_esd   ? 
_cell.reciprocal_angle_beta_esd    ? 
_cell.reciprocal_angle_gamma_esd   ? 
_cell.reciprocal_length_a          ? 
_cell.reciprocal_length_b          ? 
_cell.reciprocal_length_c          ? 
_cell.reciprocal_length_a_esd      ? 
_cell.reciprocal_length_b_esd      ? 
_cell.reciprocal_length_c_esd      ? 
_cell.pdbx_unique_axis             ? 
# 
_symmetry.entry_id                         6KYX 
_symmetry.cell_setting                     ? 
_symmetry.Int_Tables_number                181 
_symmetry.space_group_name_Hall            ? 
_symmetry.space_group_name_H-M             'P 64 2 2' 
_symmetry.pdbx_full_space_group_name_H-M   ? 
# 
_exptl.absorpt_coefficient_mu     ? 
_exptl.absorpt_correction_T_max   ? 
_exptl.absorpt_correction_T_min   ? 
_exptl.absorpt_correction_type    ? 
_exptl.absorpt_process_details    ? 
_exptl.entry_id                   6KYX 
_exptl.crystals_number            1 
_exptl.details                    ? 
_exptl.method                     'X-RAY DIFFRACTION' 
_exptl.method_details             ? 
# 
_exptl_crystal.colour                      ? 
_exptl_crystal.density_diffrn              ? 
_exptl_crystal.density_Matthews            4.37 
_exptl_crystal.density_method              ? 
_exptl_crystal.density_percent_sol         71.85 
_exptl_crystal.description                 ? 
_exptl_crystal.F_000                       ? 
_exptl_crystal.id                          1 
_exptl_crystal.preparation                 ? 
_exptl_crystal.size_max                    ? 
_exptl_crystal.size_mid                    ? 
_exptl_crystal.size_min                    ? 
_exptl_crystal.size_rad                    ? 
_exptl_crystal.colour_lustre               ? 
_exptl_crystal.colour_modifier             ? 
_exptl_crystal.colour_primary              ? 
_exptl_crystal.density_meas                ? 
_exptl_crystal.density_meas_esd            ? 
_exptl_crystal.density_meas_gt             ? 
_exptl_crystal.density_meas_lt             ? 
_exptl_crystal.density_meas_temp           ? 
_exptl_crystal.density_meas_temp_esd       ? 
_exptl_crystal.density_meas_temp_gt        ? 
_exptl_crystal.density_meas_temp_lt        ? 
_exptl_crystal.pdbx_crystal_image_url      ? 
_exptl_crystal.pdbx_crystal_image_format   ? 
_exptl_crystal.pdbx_mosaicity              ? 
_exptl_crystal.pdbx_mosaicity_esd          ? 
# 
_exptl_crystal_grow.apparatus       ? 
_exptl_crystal_grow.atmosphere      ? 
_exptl_crystal_grow.crystal_id      1 
_exptl_crystal_grow.details         ? 
_exptl_crystal_grow.method          'VAPOR DIFFUSION, SITTING DROP' 
_exptl_crystal_grow.method_ref      ? 
_exptl_crystal_grow.pH              ? 
_exptl_crystal_grow.pressure        ? 
_exptl_crystal_grow.pressure_esd    ? 
_exptl_crystal_grow.seeding         ? 
_exptl_crystal_grow.seeding_ref     ? 
_exptl_crystal_grow.temp            297 
_exptl_crystal_grow.temp_details    ? 
_exptl_crystal_grow.temp_esd        ? 
_exptl_crystal_grow.time            ? 
_exptl_crystal_grow.pdbx_details    '3.2 M Sodium chloride, 0.1 M Sodium acetate trihydrate pH 4.6' 
_exptl_crystal_grow.pdbx_pH_range   ? 
# 
_diffrn.ambient_environment              ? 
_diffrn.ambient_temp                     100 
_diffrn.ambient_temp_details             ? 
_diffrn.ambient_temp_esd                 ? 
_diffrn.crystal_id                       1 
_diffrn.crystal_support                  ? 
_diffrn.crystal_treatment                ? 
_diffrn.details                          ? 
_diffrn.id                               1 
_diffrn.ambient_pressure                 ? 
_diffrn.ambient_pressure_esd             ? 
_diffrn.ambient_pressure_gt              ? 
_diffrn.ambient_pressure_lt              ? 
_diffrn.ambient_temp_gt                  ? 
_diffrn.ambient_temp_lt                  ? 
_diffrn.pdbx_serial_crystal_experiment   N 
# 
_diffrn_detector.details                      ? 
_diffrn_detector.detector                     PIXEL 
_diffrn_detector.diffrn_id                    1 
_diffrn_detector.type                         'DECTRIS PILATUS3 S 6M' 
_diffrn_detector.area_resol_mean              ? 
_diffrn_detector.dtime                        ? 
_diffrn_detector.pdbx_frames_total            ? 
_diffrn_detector.pdbx_collection_time_total   ? 
_diffrn_detector.pdbx_collection_date         2019-04-26 
_diffrn_detector.pdbx_frequency               ? 
# 
_diffrn_radiation.collimation                      ? 
_diffrn_radiation.diffrn_id                        1 
_diffrn_radiation.filter_edge                      ? 
_diffrn_radiation.inhomogeneity                    ? 
_diffrn_radiation.monochromator                    ? 
_diffrn_radiation.polarisn_norm                    ? 
_diffrn_radiation.polarisn_ratio                   ? 
_diffrn_radiation.probe                            ? 
_diffrn_radiation.type                             ? 
_diffrn_radiation.xray_symbol                      ? 
_diffrn_radiation.wavelength_id                    1 
_diffrn_radiation.pdbx_monochromatic_or_laue_m_l   M 
_diffrn_radiation.pdbx_wavelength_list             ? 
_diffrn_radiation.pdbx_wavelength                  ? 
_diffrn_radiation.pdbx_diffrn_protocol             'SINGLE WAVELENGTH' 
_diffrn_radiation.pdbx_analyzer                    ? 
_diffrn_radiation.pdbx_scattering_type             x-ray 
# 
_diffrn_radiation_wavelength.id           1 
_diffrn_radiation_wavelength.wavelength   0.98 
_diffrn_radiation_wavelength.wt           1.0 
# 
_diffrn_source.current                     ? 
_diffrn_source.details                     ? 
_diffrn_source.diffrn_id                   1 
_diffrn_source.power                       ? 
_diffrn_source.size                        ? 
_diffrn_source.source                      SYNCHROTRON 
_diffrn_source.target                      ? 
_diffrn_source.type                        'SSRF BEAMLINE BL18U1' 
_diffrn_source.voltage                     ? 
_diffrn_source.take-off_angle              ? 
_diffrn_source.pdbx_wavelength_list        0.98 
_diffrn_source.pdbx_wavelength             ? 
_diffrn_source.pdbx_synchrotron_beamline   BL18U1 
_diffrn_source.pdbx_synchrotron_site       SSRF 
# 
_reflns.B_iso_Wilson_estimate            ? 
_reflns.entry_id                         6KYX 
_reflns.data_reduction_details           ? 
_reflns.data_reduction_method            ? 
_reflns.d_resolution_high                2.0 
_reflns.d_resolution_low                 29.471 
_reflns.details                          ? 
_reflns.limit_h_max                      ? 
_reflns.limit_h_min                      ? 
_reflns.limit_k_max                      ? 
_reflns.limit_k_min                      ? 
_reflns.limit_l_max                      ? 
_reflns.limit_l_min                      ? 
_reflns.number_all                       ? 
_reflns.number_obs                       14804 
_reflns.observed_criterion               ? 
_reflns.observed_criterion_F_max         ? 
_reflns.observed_criterion_F_min         ? 
_reflns.observed_criterion_I_max         ? 
_reflns.observed_criterion_I_min         ? 
_reflns.observed_criterion_sigma_F       ? 
_reflns.observed_criterion_sigma_I       ? 
_reflns.percent_possible_obs             99.7 
_reflns.R_free_details                   ? 
_reflns.Rmerge_F_all                     ? 
_reflns.Rmerge_F_obs                     ? 
_reflns.Friedel_coverage                 ? 
_reflns.number_gt                        ? 
_reflns.threshold_expression             ? 
_reflns.pdbx_redundancy                  24.9 
_reflns.pdbx_Rmerge_I_obs                0.093 
_reflns.pdbx_Rmerge_I_all                ? 
_reflns.pdbx_Rsym_value                  0.095 
_reflns.pdbx_netI_over_av_sigmaI         ? 
_reflns.pdbx_netI_over_sigmaI            21.05 
_reflns.pdbx_res_netI_over_av_sigmaI_2   ? 
_reflns.pdbx_res_netI_over_sigmaI_2      ? 
_reflns.pdbx_chi_squared                 ? 
_reflns.pdbx_scaling_rejects             ? 
_reflns.pdbx_d_res_high_opt              ? 
_reflns.pdbx_d_res_low_opt               ? 
_reflns.pdbx_d_res_opt_method            ? 
_reflns.phase_calculation_details        ? 
_reflns.pdbx_Rrim_I_all                  ? 
_reflns.pdbx_Rpim_I_all                  ? 
_reflns.pdbx_d_opt                       ? 
_reflns.pdbx_number_measured_all         ? 
_reflns.pdbx_diffrn_id                   1 
_reflns.pdbx_ordinal                     1 
_reflns.pdbx_CC_half                     0.999 
_reflns.pdbx_R_split                     ? 
_reflns.pdbx_CC_star                     ? 
# 
_reflns_shell.d_res_high                  2.0 
_reflns_shell.d_res_low                   2.08 
_reflns_shell.meanI_over_sigI_all         ? 
_reflns_shell.meanI_over_sigI_obs         ? 
_reflns_shell.number_measured_all         ? 
_reflns_shell.number_measured_obs         ? 
_reflns_shell.number_possible             ? 
_reflns_shell.number_unique_all           ? 
_reflns_shell.number_unique_obs           2282 
_reflns_shell.percent_possible_all        ? 
_reflns_shell.percent_possible_obs        ? 
_reflns_shell.Rmerge_F_all                ? 
_reflns_shell.Rmerge_F_obs                ? 
_reflns_shell.Rmerge_I_all                ? 
_reflns_shell.Rmerge_I_obs                1.18 
_reflns_shell.meanI_over_sigI_gt          ? 
_reflns_shell.meanI_over_uI_all           ? 
_reflns_shell.meanI_over_uI_gt            ? 
_reflns_shell.number_measured_gt          ? 
_reflns_shell.number_unique_gt            ? 
_reflns_shell.percent_possible_gt         ? 
_reflns_shell.Rmerge_F_gt                 ? 
_reflns_shell.Rmerge_I_gt                 ? 
_reflns_shell.pdbx_redundancy             ? 
_reflns_shell.pdbx_Rsym_value             ? 
_reflns_shell.pdbx_chi_squared            ? 
_reflns_shell.pdbx_netI_over_sigmaI_all   ? 
_reflns_shell.pdbx_netI_over_sigmaI_obs   ? 
_reflns_shell.pdbx_Rrim_I_all             ? 
_reflns_shell.pdbx_Rpim_I_all             ? 
_reflns_shell.pdbx_rejects                ? 
_reflns_shell.pdbx_ordinal                1 
_reflns_shell.pdbx_diffrn_id              1 
_reflns_shell.pdbx_CC_half                0.91 
_reflns_shell.pdbx_R_split                ? 
_reflns_shell.pdbx_CC_star                ? 
# 
_refine.aniso_B[1][1]                            ? 
_refine.aniso_B[1][2]                            ? 
_refine.aniso_B[1][3]                            ? 
_refine.aniso_B[2][2]                            ? 
_refine.aniso_B[2][3]                            ? 
_refine.aniso_B[3][3]                            ? 
_refine.B_iso_max                                84.380 
_refine.B_iso_mean                               31.3676 
_refine.B_iso_min                                8.250 
_refine.correlation_coeff_Fo_to_Fc               ? 
_refine.correlation_coeff_Fo_to_Fc_free          ? 
_refine.details                                  'The scaled data used for the refinement was truncated with anisotropical server.' 
_refine.diff_density_max                         ? 
_refine.diff_density_max_esd                     ? 
_refine.diff_density_min                         ? 
_refine.diff_density_min_esd                     ? 
_refine.diff_density_rms                         ? 
_refine.diff_density_rms_esd                     ? 
_refine.entry_id                                 6KYX 
_refine.pdbx_refine_id                           'X-RAY DIFFRACTION' 
_refine.ls_abs_structure_details                 ? 
_refine.ls_abs_structure_Flack                   ? 
_refine.ls_abs_structure_Flack_esd               ? 
_refine.ls_abs_structure_Rogers                  ? 
_refine.ls_abs_structure_Rogers_esd              ? 
_refine.ls_d_res_high                            2.0048 
_refine.ls_d_res_low                             29.4710 
_refine.ls_extinction_coef                       ? 
_refine.ls_extinction_coef_esd                   ? 
_refine.ls_extinction_expression                 ? 
_refine.ls_extinction_method                     ? 
_refine.ls_goodness_of_fit_all                   ? 
_refine.ls_goodness_of_fit_all_esd               ? 
_refine.ls_goodness_of_fit_obs                   ? 
_refine.ls_goodness_of_fit_obs_esd               ? 
_refine.ls_hydrogen_treatment                    ? 
_refine.ls_matrix_type                           ? 
_refine.ls_number_constraints                    ? 
_refine.ls_number_parameters                     ? 
_refine.ls_number_reflns_all                     ? 
_refine.ls_number_reflns_obs                     8388 
_refine.ls_number_reflns_R_free                  840 
_refine.ls_number_reflns_R_work                  ? 
_refine.ls_number_restraints                     ? 
_refine.ls_percent_reflns_obs                    56.8600 
_refine.ls_percent_reflns_R_free                 10.0100 
_refine.ls_R_factor_all                          ? 
_refine.ls_R_factor_obs                          0.2046 
_refine.ls_R_factor_R_free                       0.2496 
_refine.ls_R_factor_R_free_error                 ? 
_refine.ls_R_factor_R_free_error_details         ? 
_refine.ls_R_factor_R_work                       0.1995 
_refine.ls_R_Fsqd_factor_obs                     ? 
_refine.ls_R_I_factor_obs                        ? 
_refine.ls_redundancy_reflns_all                 ? 
_refine.ls_redundancy_reflns_obs                 ? 
_refine.ls_restrained_S_all                      ? 
_refine.ls_restrained_S_obs                      ? 
_refine.ls_shift_over_esd_max                    ? 
_refine.ls_shift_over_esd_mean                   ? 
_refine.ls_structure_factor_coef                 ? 
_refine.ls_weighting_details                     ? 
_refine.ls_weighting_scheme                      ? 
_refine.ls_wR_factor_all                         ? 
_refine.ls_wR_factor_obs                         ? 
_refine.ls_wR_factor_R_free                      ? 
_refine.ls_wR_factor_R_work                      ? 
_refine.occupancy_max                            ? 
_refine.occupancy_min                            ? 
_refine.solvent_model_details                    ? 
_refine.solvent_model_param_bsol                 ? 
_refine.solvent_model_param_ksol                 ? 
_refine.ls_R_factor_gt                           ? 
_refine.ls_goodness_of_fit_gt                    ? 
_refine.ls_goodness_of_fit_ref                   ? 
_refine.ls_shift_over_su_max                     ? 
_refine.ls_shift_over_su_max_lt                  ? 
_refine.ls_shift_over_su_mean                    ? 
_refine.ls_shift_over_su_mean_lt                 ? 
_refine.pdbx_ls_sigma_I                          ? 
_refine.pdbx_ls_sigma_F                          1.380 
_refine.pdbx_ls_sigma_Fsqd                       ? 
_refine.pdbx_data_cutoff_high_absF               ? 
_refine.pdbx_data_cutoff_high_rms_absF           ? 
_refine.pdbx_data_cutoff_low_absF                ? 
_refine.pdbx_isotropic_thermal_model             ? 
_refine.pdbx_ls_cross_valid_method               THROUGHOUT 
_refine.pdbx_method_to_determine_struct          'MOLECULAR REPLACEMENT' 
_refine.pdbx_starting_model                      ? 
_refine.pdbx_stereochemistry_target_values       ? 
_refine.pdbx_R_Free_selection_details            ? 
_refine.pdbx_stereochem_target_val_spec_case     ? 
_refine.pdbx_overall_ESU_R                       ? 
_refine.pdbx_overall_ESU_R_Free                  ? 
_refine.pdbx_solvent_vdw_probe_radii             1.1100 
_refine.pdbx_solvent_ion_probe_radii             ? 
_refine.pdbx_solvent_shrinkage_radii             0.9000 
_refine.pdbx_real_space_R                        ? 
_refine.pdbx_density_correlation                 ? 
_refine.pdbx_pd_number_of_powder_patterns        ? 
_refine.pdbx_pd_number_of_points                 ? 
_refine.pdbx_pd_meas_number_of_points            ? 
_refine.pdbx_pd_proc_ls_prof_R_factor            ? 
_refine.pdbx_pd_proc_ls_prof_wR_factor           ? 
_refine.pdbx_pd_Marquardt_correlation_coeff      ? 
_refine.pdbx_pd_Fsqrd_R_factor                   ? 
_refine.pdbx_pd_ls_matrix_band_width             ? 
_refine.pdbx_overall_phase_error                 25.9000 
_refine.pdbx_overall_SU_R_free_Cruickshank_DPI   ? 
_refine.pdbx_overall_SU_R_free_Blow_DPI          ? 
_refine.pdbx_overall_SU_R_Blow_DPI               ? 
_refine.pdbx_TLS_residual_ADP_flag               ? 
_refine.pdbx_diffrn_id                           1 
_refine.overall_SU_B                             ? 
_refine.overall_SU_ML                            0.1900 
_refine.overall_SU_R_Cruickshank_DPI             ? 
_refine.overall_SU_R_free                        ? 
_refine.overall_FOM_free_R_set                   ? 
_refine.overall_FOM_work_R_set                   ? 
_refine.pdbx_average_fsc_overall                 ? 
_refine.pdbx_average_fsc_work                    ? 
_refine.pdbx_average_fsc_free                    ? 
# 
_refine_hist.pdbx_refine_id                   'X-RAY DIFFRACTION' 
_refine_hist.cycle_id                         final 
_refine_hist.details                          ? 
_refine_hist.d_res_high                       2.0048 
_refine_hist.d_res_low                        29.4710 
_refine_hist.number_atoms_solvent             75 
_refine_hist.number_atoms_total               879 
_refine_hist.number_reflns_all                ? 
_refine_hist.number_reflns_obs                ? 
_refine_hist.number_reflns_R_free             ? 
_refine_hist.number_reflns_R_work             ? 
_refine_hist.R_factor_all                     ? 
_refine_hist.R_factor_obs                     ? 
_refine_hist.R_factor_R_free                  ? 
_refine_hist.R_factor_R_work                  ? 
_refine_hist.pdbx_number_residues_total       100 
_refine_hist.pdbx_B_iso_mean_ligand           ? 
_refine_hist.pdbx_B_iso_mean_solvent          34.57 
_refine_hist.pdbx_number_atoms_protein        804 
_refine_hist.pdbx_number_atoms_nucleic_acid   0 
_refine_hist.pdbx_number_atoms_ligand         0 
_refine_hist.pdbx_number_atoms_lipid          ? 
_refine_hist.pdbx_number_atoms_carb           ? 
_refine_hist.pdbx_pseudo_atom_details         ? 
# 
loop_
_refine_ls_shell.pdbx_refine_id 
_refine_ls_shell.d_res_high 
_refine_ls_shell.d_res_low 
_refine_ls_shell.number_reflns_all 
_refine_ls_shell.number_reflns_obs 
_refine_ls_shell.number_reflns_R_free 
_refine_ls_shell.number_reflns_R_work 
_refine_ls_shell.percent_reflns_obs 
_refine_ls_shell.percent_reflns_R_free 
_refine_ls_shell.R_factor_all 
_refine_ls_shell.R_factor_obs 
_refine_ls_shell.R_factor_R_free 
_refine_ls_shell.R_factor_R_free_error 
_refine_ls_shell.R_factor_R_work 
_refine_ls_shell.redundancy_reflns_all 
_refine_ls_shell.redundancy_reflns_obs 
_refine_ls_shell.wR_factor_all 
_refine_ls_shell.wR_factor_obs 
_refine_ls_shell.wR_factor_R_free 
_refine_ls_shell.wR_factor_R_work 
_refine_ls_shell.pdbx_total_number_of_bins_used 
_refine_ls_shell.pdbx_phase_error 
_refine_ls_shell.pdbx_fsc_work 
_refine_ls_shell.pdbx_fsc_free 
'X-RAY DIFFRACTION' 2.0048 2.1304  . . 11  103  5.0000   . . . 0.3999 0.0000 0.2558 . . . . . . . . . . 
'X-RAY DIFFRACTION' 2.1304 2.2948  . . 37  330  15.0000  . . . 0.3280 0.0000 0.2671 . . . . . . . . . . 
'X-RAY DIFFRACTION' 2.2948 2.5256  . . 81  730  34.0000  . . . 0.2890 0.0000 0.2603 . . . . . . . . . . 
'X-RAY DIFFRACTION' 2.5256 2.8908  . . 196 1768 81.0000  . . . 0.2906 0.0000 0.2516 . . . . . . . . . . 
'X-RAY DIFFRACTION' 2.8908 3.6411  . . 248 2224 100.0000 . . . 0.2576 0.0000 0.2058 . . . . . . . . . . 
'X-RAY DIFFRACTION' 3.6411 29.4710 . . 267 2393 100.0000 . . . 0.2188 0.0000 0.1639 . . . . . . . . . . 
# 
_struct.entry_id                     6KYX 
_struct.title                        
'Crystal Structure of Staphylococcus aureus response regulator ArlR DNA binding domain with His tag cleaved' 
_struct.pdbx_model_details           ? 
_struct.pdbx_formula_weight          ? 
_struct.pdbx_formula_weight_method   ? 
_struct.pdbx_model_type_details      ? 
_struct.pdbx_CASP_flag               N 
# 
_struct_keywords.entry_id        6KYX 
_struct_keywords.text            'bacterial signaling, DNA BINDING PROTEIN' 
_struct_keywords.pdbx_keywords   'DNA BINDING PROTEIN' 
# 
loop_
_struct_asym.id 
_struct_asym.pdbx_blank_PDB_chainid_flag 
_struct_asym.pdbx_modified 
_struct_asym.entity_id 
_struct_asym.details 
A N N 1 ? 
B N N 2 ? 
# 
_struct_ref.id                         1 
_struct_ref.db_name                    UNP 
_struct_ref.db_code                    A0A482QZB9_STAAU 
_struct_ref.pdbx_db_accession          A0A482QZB9 
_struct_ref.pdbx_db_isoform            ? 
_struct_ref.entity_id                  1 
_struct_ref.pdbx_seq_one_letter_code   
;KDIIDVNGITIDKNAFKVTVNGAEIELTKTEYDLLYLLAENKNHVMQREQILNHVWGYNSEVETNVVDVYIRYLRNKLKP
YDRDKMIETVRGVGYVIR
;
_struct_ref.pdbx_align_begin           122 
# 
_struct_ref_seq.align_id                      1 
_struct_ref_seq.ref_id                        1 
_struct_ref_seq.pdbx_PDB_id_code              6KYX 
_struct_ref_seq.pdbx_strand_id                A 
_struct_ref_seq.seq_align_beg                 3 
_struct_ref_seq.pdbx_seq_align_beg_ins_code   ? 
_struct_ref_seq.seq_align_end                 100 
_struct_ref_seq.pdbx_seq_align_end_ins_code   ? 
_struct_ref_seq.pdbx_db_accession             A0A482QZB9 
_struct_ref_seq.db_align_beg                  122 
_struct_ref_seq.pdbx_db_align_beg_ins_code    ? 
_struct_ref_seq.db_align_end                  219 
_struct_ref_seq.pdbx_db_align_end_ins_code    ? 
_struct_ref_seq.pdbx_auth_seq_align_beg       122 
_struct_ref_seq.pdbx_auth_seq_align_end       219 
# 
loop_
_struct_ref_seq_dif.align_id 
_struct_ref_seq_dif.pdbx_pdb_id_code 
_struct_ref_seq_dif.mon_id 
_struct_ref_seq_dif.pdbx_pdb_strand_id 
_struct_ref_seq_dif.seq_num 
_struct_ref_seq_dif.pdbx_pdb_ins_code 
_struct_ref_seq_dif.pdbx_seq_db_name 
_struct_ref_seq_dif.pdbx_seq_db_accession_code 
_struct_ref_seq_dif.db_mon_id 
_struct_ref_seq_dif.pdbx_seq_db_seq_num 
_struct_ref_seq_dif.details 
_struct_ref_seq_dif.pdbx_auth_seq_num 
_struct_ref_seq_dif.pdbx_ordinal 
1 6KYX GLY A 1 ? UNP A0A482QZB9 ? ? 'expression tag' 120 1 
1 6KYX SER A 2 ? UNP A0A482QZB9 ? ? 'expression tag' 121 2 
# 
_pdbx_struct_assembly.id                   1 
_pdbx_struct_assembly.details              author_and_software_defined_assembly 
_pdbx_struct_assembly.method_details       PISA 
_pdbx_struct_assembly.oligomeric_details   dimeric 
_pdbx_struct_assembly.oligomeric_count     2 
# 
loop_
_pdbx_struct_assembly_prop.biol_id 
_pdbx_struct_assembly_prop.type 
_pdbx_struct_assembly_prop.value 
_pdbx_struct_assembly_prop.details 
1 'ABSA (A^2)' 2360  ? 
1 MORE         -20   ? 
1 'SSA (A^2)'  10820 ? 
# 
_pdbx_struct_assembly_gen.assembly_id       1 
_pdbx_struct_assembly_gen.oper_expression   1,2 
_pdbx_struct_assembly_gen.asym_id_list      A,B 
# 
_pdbx_struct_assembly_auth_evidence.id                     1 
_pdbx_struct_assembly_auth_evidence.assembly_id            1 
_pdbx_struct_assembly_auth_evidence.experimental_support   cross-linking 
_pdbx_struct_assembly_auth_evidence.details                ? 
# 
loop_
_pdbx_struct_oper_list.id 
_pdbx_struct_oper_list.type 
_pdbx_struct_oper_list.name 
_pdbx_struct_oper_list.symmetry_operation 
_pdbx_struct_oper_list.matrix[1][1] 
_pdbx_struct_oper_list.matrix[1][2] 
_pdbx_struct_oper_list.matrix[1][3] 
_pdbx_struct_oper_list.vector[1] 
_pdbx_struct_oper_list.matrix[2][1] 
_pdbx_struct_oper_list.matrix[2][2] 
_pdbx_struct_oper_list.matrix[2][3] 
_pdbx_struct_oper_list.vector[2] 
_pdbx_struct_oper_list.matrix[3][1] 
_pdbx_struct_oper_list.matrix[3][2] 
_pdbx_struct_oper_list.matrix[3][3] 
_pdbx_struct_oper_list.vector[3] 
1 'identity operation'         1_555 x,y,z     1.0000000000 0.0000000000 0.0000000000 0.0000000000 0.0000000000 1.0000000000  0.0000000000 0.0000000000   0.0000000000 0.0000000000 1.0000000000  0.0000000000   
2 'crystal symmetry operation' 4_455 -x-1,-y,z 0.8903733057 0.3867765545 0.2400818057 4.8792545354 0.3867765545 -0.9208642533 0.0491215218 -11.1809879726 0.2400818057 0.0491215218 -0.9695090524 -20.4058300308 
# 
loop_
_struct_conf.conf_type_id 
_struct_conf.id 
_struct_conf.pdbx_PDB_helix_id 
_struct_conf.beg_label_comp_id 
_struct_conf.beg_label_asym_id 
_struct_conf.beg_label_seq_id 
_struct_conf.pdbx_beg_PDB_ins_code 
_struct_conf.end_label_comp_id 
_struct_conf.end_label_asym_id 
_struct_conf.end_label_seq_id 
_struct_conf.pdbx_end_PDB_ins_code 
_struct_conf.beg_auth_comp_id 
_struct_conf.beg_auth_asym_id 
_struct_conf.beg_auth_seq_id 
_struct_conf.end_auth_comp_id 
_struct_conf.end_auth_asym_id 
_struct_conf.end_auth_seq_id 
_struct_conf.pdbx_PDB_helix_class 
_struct_conf.details 
_struct_conf.pdbx_PDB_helix_length 
HELX_P HELX_P1 AA1 THR A 30 ? ASN A 43 ? THR A 149 ASN A 162 1 ? 14 
HELX_P HELX_P2 AA2 ARG A 50 ? GLY A 59 ? ARG A 169 GLY A 178 1 ? 10 
HELX_P HELX_P3 AA3 ASN A 67 ? LYS A 81 ? ASN A 186 LYS A 200 1 ? 15 
HELX_P HELX_P4 AA4 PRO A 82 ? ASP A 84 ? PRO A 201 ASP A 203 5 ? 3  
HELX_P HELX_P5 AA5 ARG A 85 ? LYS A 87 ? ARG A 204 LYS A 206 5 ? 3  
# 
_struct_conf_type.id          HELX_P 
_struct_conf_type.criteria    ? 
_struct_conf_type.reference   ? 
# 
loop_
_struct_sheet.id 
_struct_sheet.type 
_struct_sheet.number_strands 
_struct_sheet.details 
AA1 ? 2 ? 
AA2 ? 2 ? 
AA3 ? 3 ? 
# 
loop_
_struct_sheet_order.sheet_id 
_struct_sheet_order.range_id_1 
_struct_sheet_order.range_id_2 
_struct_sheet_order.offset 
_struct_sheet_order.sense 
AA1 1 2 ? anti-parallel 
AA2 1 2 ? anti-parallel 
AA3 1 2 ? anti-parallel 
AA3 2 3 ? anti-parallel 
# 
loop_
_struct_sheet_range.sheet_id 
_struct_sheet_range.id 
_struct_sheet_range.beg_label_comp_id 
_struct_sheet_range.beg_label_asym_id 
_struct_sheet_range.beg_label_seq_id 
_struct_sheet_range.pdbx_beg_PDB_ins_code 
_struct_sheet_range.end_label_comp_id 
_struct_sheet_range.end_label_asym_id 
_struct_sheet_range.end_label_seq_id 
_struct_sheet_range.pdbx_end_PDB_ins_code 
_struct_sheet_range.beg_auth_comp_id 
_struct_sheet_range.beg_auth_asym_id 
_struct_sheet_range.beg_auth_seq_id 
_struct_sheet_range.end_auth_comp_id 
_struct_sheet_range.end_auth_asym_id 
_struct_sheet_range.end_auth_seq_id 
AA1 1 ILE A 5  ? VAL A 8  ? ILE A 124 VAL A 127 
AA1 2 ILE A 11 ? ASP A 14 ? ILE A 130 ASP A 133 
AA2 1 LYS A 19 ? VAL A 22 ? LYS A 138 VAL A 141 
AA2 2 ALA A 25 ? GLU A 28 ? ALA A 144 GLU A 147 
AA3 1 MET A 48 ? GLN A 49 ? MET A 167 GLN A 168 
AA3 2 GLY A 96 ? ILE A 99 ? GLY A 215 ILE A 218 
AA3 3 ILE A 89 ? VAL A 92 ? ILE A 208 VAL A 211 
# 
loop_
_pdbx_struct_sheet_hbond.sheet_id 
_pdbx_struct_sheet_hbond.range_id_1 
_pdbx_struct_sheet_hbond.range_id_2 
_pdbx_struct_sheet_hbond.range_1_label_atom_id 
_pdbx_struct_sheet_hbond.range_1_label_comp_id 
_pdbx_struct_sheet_hbond.range_1_label_asym_id 
_pdbx_struct_sheet_hbond.range_1_label_seq_id 
_pdbx_struct_sheet_hbond.range_1_PDB_ins_code 
_pdbx_struct_sheet_hbond.range_1_auth_atom_id 
_pdbx_struct_sheet_hbond.range_1_auth_comp_id 
_pdbx_struct_sheet_hbond.range_1_auth_asym_id 
_pdbx_struct_sheet_hbond.range_1_auth_seq_id 
_pdbx_struct_sheet_hbond.range_2_label_atom_id 
_pdbx_struct_sheet_hbond.range_2_label_comp_id 
_pdbx_struct_sheet_hbond.range_2_label_asym_id 
_pdbx_struct_sheet_hbond.range_2_label_seq_id 
_pdbx_struct_sheet_hbond.range_2_PDB_ins_code 
_pdbx_struct_sheet_hbond.range_2_auth_atom_id 
_pdbx_struct_sheet_hbond.range_2_auth_comp_id 
_pdbx_struct_sheet_hbond.range_2_auth_asym_id 
_pdbx_struct_sheet_hbond.range_2_auth_seq_id 
AA1 1 2 N ILE A 6  ? N ILE A 125 O ILE A 13 ? O ILE A 132 
AA2 1 2 N VAL A 22 ? N VAL A 141 O ALA A 25 ? O ALA A 144 
AA3 1 2 N MET A 48 ? N MET A 167 O TYR A 97 ? O TYR A 216 
AA3 2 3 O GLY A 96 ? O GLY A 215 N VAL A 92 ? N VAL A 211 
# 
_pdbx_validate_torsion.id              1 
_pdbx_validate_torsion.PDB_model_num   1 
_pdbx_validate_torsion.auth_comp_id    VAL 
_pdbx_validate_torsion.auth_asym_id    A 
_pdbx_validate_torsion.auth_seq_id     214 
_pdbx_validate_torsion.PDB_ins_code    ? 
_pdbx_validate_torsion.label_alt_id    ? 
_pdbx_validate_torsion.phi             -114.67 
_pdbx_validate_torsion.psi             -70.39 
# 
loop_
_pdbx_struct_special_symmetry.id 
_pdbx_struct_special_symmetry.PDB_model_num 
_pdbx_struct_special_symmetry.auth_asym_id 
_pdbx_struct_special_symmetry.auth_comp_id 
_pdbx_struct_special_symmetry.auth_seq_id 
_pdbx_struct_special_symmetry.PDB_ins_code 
_pdbx_struct_special_symmetry.label_asym_id 
_pdbx_struct_special_symmetry.label_comp_id 
_pdbx_struct_special_symmetry.label_seq_id 
1 1 A HOH 303 ? B HOH . 
2 1 A HOH 344 ? B HOH . 
# 
_pdbx_refine_tls.id               1 
_pdbx_refine_tls.pdbx_refine_id   'X-RAY DIFFRACTION' 
_pdbx_refine_tls.details          ? 
_pdbx_refine_tls.method           refined 
_pdbx_refine_tls.origin_x         0.3555 
_pdbx_refine_tls.origin_y         0.1799 
_pdbx_refine_tls.origin_z         0.1846 
_pdbx_refine_tls.T[1][1]          0.0740 
_pdbx_refine_tls.T[1][1]_esd      ? 
_pdbx_refine_tls.T[1][2]          -0.0366 
_pdbx_refine_tls.T[1][2]_esd      ? 
_pdbx_refine_tls.T[1][3]          0.0119 
_pdbx_refine_tls.T[1][3]_esd      ? 
_pdbx_refine_tls.T[2][2]          0.2614 
_pdbx_refine_tls.T[2][2]_esd      ? 
_pdbx_refine_tls.T[2][3]          -0.0067 
_pdbx_refine_tls.T[2][3]_esd      ? 
_pdbx_refine_tls.T[3][3]          0.0875 
_pdbx_refine_tls.T[3][3]_esd      ? 
_pdbx_refine_tls.L[1][1]          1.6532 
_pdbx_refine_tls.L[1][1]_esd      ? 
_pdbx_refine_tls.L[1][2]          0.1299 
_pdbx_refine_tls.L[1][2]_esd      ? 
_pdbx_refine_tls.L[1][3]          -0.8332 
_pdbx_refine_tls.L[1][3]_esd      ? 
_pdbx_refine_tls.L[2][2]          1.1375 
_pdbx_refine_tls.L[2][2]_esd      ? 
_pdbx_refine_tls.L[2][3]          0.0844 
_pdbx_refine_tls.L[2][3]_esd      ? 
_pdbx_refine_tls.L[3][3]          0.5438 
_pdbx_refine_tls.L[3][3]_esd      ? 
_pdbx_refine_tls.S[1][1]          0.0247 
_pdbx_refine_tls.S[1][1]_esd      ? 
_pdbx_refine_tls.S[1][2]          -0.3525 
_pdbx_refine_tls.S[1][2]_esd      ? 
_pdbx_refine_tls.S[1][3]          0.0177 
_pdbx_refine_tls.S[1][3]_esd      ? 
_pdbx_refine_tls.S[2][1]          0.1207 
_pdbx_refine_tls.S[2][1]_esd      ? 
_pdbx_refine_tls.S[2][2]          -0.1539 
_pdbx_refine_tls.S[2][2]_esd      ? 
_pdbx_refine_tls.S[2][3]          0.0838 
_pdbx_refine_tls.S[2][3]_esd      ? 
_pdbx_refine_tls.S[3][1]          0.0585 
_pdbx_refine_tls.S[3][1]_esd      ? 
_pdbx_refine_tls.S[3][2]          -0.1661 
_pdbx_refine_tls.S[3][2]_esd      ? 
_pdbx_refine_tls.S[3][3]          0.0766 
_pdbx_refine_tls.S[3][3]_esd      ? 
# 
loop_
_pdbx_refine_tls_group.id 
_pdbx_refine_tls_group.pdbx_refine_id 
_pdbx_refine_tls_group.refine_tls_id 
_pdbx_refine_tls_group.beg_label_asym_id 
_pdbx_refine_tls_group.beg_label_seq_id 
_pdbx_refine_tls_group.beg_auth_asym_id 
_pdbx_refine_tls_group.beg_auth_seq_id 
_pdbx_refine_tls_group.end_label_asym_id 
_pdbx_refine_tls_group.end_label_seq_id 
_pdbx_refine_tls_group.end_auth_asym_id 
_pdbx_refine_tls_group.end_auth_seq_id 
_pdbx_refine_tls_group.selection 
_pdbx_refine_tls_group.selection_details 
1 'X-RAY DIFFRACTION' 1 ? ? A 120 ? ? A 219 ? all 
2 'X-RAY DIFFRACTION' 1 ? ? S 1   ? ? S 68  ? all 
3 'X-RAY DIFFRACTION' 1 ? ? S 69  ? ? S 75  ? all 
# 
_phasing.method   MR 
# 
loop_
_chem_comp_atom.comp_id 
_chem_comp_atom.atom_id 
_chem_comp_atom.type_symbol 
_chem_comp_atom.pdbx_aromatic_flag 
_chem_comp_atom.pdbx_stereo_config 
_chem_comp_atom.pdbx_ordinal 
ALA N    N N N 1   
ALA CA   C N S 2   
ALA C    C N N 3   
ALA O    O N N 4   
ALA CB   C N N 5   
ALA OXT  O N N 6   
ALA H    H N N 7   
ALA H2   H N N 8   
ALA HA   H N N 9   
ALA HB1  H N N 10  
ALA HB2  H N N 11  
ALA HB3  H N N 12  
ALA HXT  H N N 13  
ARG N    N N N 14  
ARG CA   C N S 15  
ARG C    C N N 16  
ARG O    O N N 17  
ARG CB   C N N 18  
ARG CG   C N N 19  
ARG CD   C N N 20  
ARG NE   N N N 21  
ARG CZ   C N N 22  
ARG NH1  N N N 23  
ARG NH2  N N N 24  
ARG OXT  O N N 25  
ARG H    H N N 26  
ARG H2   H N N 27  
ARG HA   H N N 28  
ARG HB2  H N N 29  
ARG HB3  H N N 30  
ARG HG2  H N N 31  
ARG HG3  H N N 32  
ARG HD2  H N N 33  
ARG HD3  H N N 34  
ARG HE   H N N 35  
ARG HH11 H N N 36  
ARG HH12 H N N 37  
ARG HH21 H N N 38  
ARG HH22 H N N 39  
ARG HXT  H N N 40  
ASN N    N N N 41  
ASN CA   C N S 42  
ASN C    C N N 43  
ASN O    O N N 44  
ASN CB   C N N 45  
ASN CG   C N N 46  
ASN OD1  O N N 47  
ASN ND2  N N N 48  
ASN OXT  O N N 49  
ASN H    H N N 50  
ASN H2   H N N 51  
ASN HA   H N N 52  
ASN HB2  H N N 53  
ASN HB3  H N N 54  
ASN HD21 H N N 55  
ASN HD22 H N N 56  
ASN HXT  H N N 57  
ASP N    N N N 58  
ASP CA   C N S 59  
ASP C    C N N 60  
ASP O    O N N 61  
ASP CB   C N N 62  
ASP CG   C N N 63  
ASP OD1  O N N 64  
ASP OD2  O N N 65  
ASP OXT  O N N 66  
ASP H    H N N 67  
ASP H2   H N N 68  
ASP HA   H N N 69  
ASP HB2  H N N 70  
ASP HB3  H N N 71  
ASP HD2  H N N 72  
ASP HXT  H N N 73  
GLN N    N N N 74  
GLN CA   C N S 75  
GLN C    C N N 76  
GLN O    O N N 77  
GLN CB   C N N 78  
GLN CG   C N N 79  
GLN CD   C N N 80  
GLN OE1  O N N 81  
GLN NE2  N N N 82  
GLN OXT  O N N 83  
GLN H    H N N 84  
GLN H2   H N N 85  
GLN HA   H N N 86  
GLN HB2  H N N 87  
GLN HB3  H N N 88  
GLN HG2  H N N 89  
GLN HG3  H N N 90  
GLN HE21 H N N 91  
GLN HE22 H N N 92  
GLN HXT  H N N 93  
GLU N    N N N 94  
GLU CA   C N S 95  
GLU C    C N N 96  
GLU O    O N N 97  
GLU CB   C N N 98  
GLU CG   C N N 99  
GLU CD   C N N 100 
GLU OE1  O N N 101 
GLU OE2  O N N 102 
GLU OXT  O N N 103 
GLU H    H N N 104 
GLU H2   H N N 105 
GLU HA   H N N 106 
GLU HB2  H N N 107 
GLU HB3  H N N 108 
GLU HG2  H N N 109 
GLU HG3  H N N 110 
GLU HE2  H N N 111 
GLU HXT  H N N 112 
GLY N    N N N 113 
GLY CA   C N N 114 
GLY C    C N N 115 
GLY O    O N N 116 
GLY OXT  O N N 117 
GLY H    H N N 118 
GLY H2   H N N 119 
GLY HA2  H N N 120 
GLY HA3  H N N 121 
GLY HXT  H N N 122 
HIS N    N N N 123 
HIS CA   C N S 124 
HIS C    C N N 125 
HIS O    O N N 126 
HIS CB   C N N 127 
HIS CG   C Y N 128 
HIS ND1  N Y N 129 
HIS CD2  C Y N 130 
HIS CE1  C Y N 131 
HIS NE2  N Y N 132 
HIS OXT  O N N 133 
HIS H    H N N 134 
HIS H2   H N N 135 
HIS HA   H N N 136 
HIS HB2  H N N 137 
HIS HB3  H N N 138 
HIS HD1  H N N 139 
HIS HD2  H N N 140 
HIS HE1  H N N 141 
HIS HE2  H N N 142 
HIS HXT  H N N 143 
HOH O    O N N 144 
HOH H1   H N N 145 
HOH H2   H N N 146 
ILE N    N N N 147 
ILE CA   C N S 148 
ILE C    C N N 149 
ILE O    O N N 150 
ILE CB   C N S 151 
ILE CG1  C N N 152 
ILE CG2  C N N 153 
ILE CD1  C N N 154 
ILE OXT  O N N 155 
ILE H    H N N 156 
ILE H2   H N N 157 
ILE HA   H N N 158 
ILE HB   H N N 159 
ILE HG12 H N N 160 
ILE HG13 H N N 161 
ILE HG21 H N N 162 
ILE HG22 H N N 163 
ILE HG23 H N N 164 
ILE HD11 H N N 165 
ILE HD12 H N N 166 
ILE HD13 H N N 167 
ILE HXT  H N N 168 
LEU N    N N N 169 
LEU CA   C N S 170 
LEU C    C N N 171 
LEU O    O N N 172 
LEU CB   C N N 173 
LEU CG   C N N 174 
LEU CD1  C N N 175 
LEU CD2  C N N 176 
LEU OXT  O N N 177 
LEU H    H N N 178 
LEU H2   H N N 179 
LEU HA   H N N 180 
LEU HB2  H N N 181 
LEU HB3  H N N 182 
LEU HG   H N N 183 
LEU HD11 H N N 184 
LEU HD12 H N N 185 
LEU HD13 H N N 186 
LEU HD21 H N N 187 
LEU HD22 H N N 188 
LEU HD23 H N N 189 
LEU HXT  H N N 190 
LYS N    N N N 191 
LYS CA   C N S 192 
LYS C    C N N 193 
LYS O    O N N 194 
LYS CB   C N N 195 
LYS CG   C N N 196 
LYS CD   C N N 197 
LYS CE   C N N 198 
LYS NZ   N N N 199 
LYS OXT  O N N 200 
LYS H    H N N 201 
LYS H2   H N N 202 
LYS HA   H N N 203 
LYS HB2  H N N 204 
LYS HB3  H N N 205 
LYS HG2  H N N 206 
LYS HG3  H N N 207 
LYS HD2  H N N 208 
LYS HD3  H N N 209 
LYS HE2  H N N 210 
LYS HE3  H N N 211 
LYS HZ1  H N N 212 
LYS HZ2  H N N 213 
LYS HZ3  H N N 214 
LYS HXT  H N N 215 
MET N    N N N 216 
MET CA   C N S 217 
MET C    C N N 218 
MET O    O N N 219 
MET CB   C N N 220 
MET CG   C N N 221 
MET SD   S N N 222 
MET CE   C N N 223 
MET OXT  O N N 224 
MET H    H N N 225 
MET H2   H N N 226 
MET HA   H N N 227 
MET HB2  H N N 228 
MET HB3  H N N 229 
MET HG2  H N N 230 
MET HG3  H N N 231 
MET HE1  H N N 232 
MET HE2  H N N 233 
MET HE3  H N N 234 
MET HXT  H N N 235 
PHE N    N N N 236 
PHE CA   C N S 237 
PHE C    C N N 238 
PHE O    O N N 239 
PHE CB   C N N 240 
PHE CG   C Y N 241 
PHE CD1  C Y N 242 
PHE CD2  C Y N 243 
PHE CE1  C Y N 244 
PHE CE2  C Y N 245 
PHE CZ   C Y N 246 
PHE OXT  O N N 247 
PHE H    H N N 248 
PHE H2   H N N 249 
PHE HA   H N N 250 
PHE HB2  H N N 251 
PHE HB3  H N N 252 
PHE HD1  H N N 253 
PHE HD2  H N N 254 
PHE HE1  H N N 255 
PHE HE2  H N N 256 
PHE HZ   H N N 257 
PHE HXT  H N N 258 
PRO N    N N N 259 
PRO CA   C N S 260 
PRO C    C N N 261 
PRO O    O N N 262 
PRO CB   C N N 263 
PRO CG   C N N 264 
PRO CD   C N N 265 
PRO OXT  O N N 266 
PRO H    H N N 267 
PRO HA   H N N 268 
PRO HB2  H N N 269 
PRO HB3  H N N 270 
PRO HG2  H N N 271 
PRO HG3  H N N 272 
PRO HD2  H N N 273 
PRO HD3  H N N 274 
PRO HXT  H N N 275 
SER N    N N N 276 
SER CA   C N S 277 
SER C    C N N 278 
SER O    O N N 279 
SER CB   C N N 280 
SER OG   O N N 281 
SER OXT  O N N 282 
SER H    H N N 283 
SER H2   H N N 284 
SER HA   H N N 285 
SER HB2  H N N 286 
SER HB3  H N N 287 
SER HG   H N N 288 
SER HXT  H N N 289 
THR N    N N N 290 
THR CA   C N S 291 
THR C    C N N 292 
THR O    O N N 293 
THR CB   C N R 294 
THR OG1  O N N 295 
THR CG2  C N N 296 
THR OXT  O N N 297 
THR H    H N N 298 
THR H2   H N N 299 
THR HA   H N N 300 
THR HB   H N N 301 
THR HG1  H N N 302 
THR HG21 H N N 303 
THR HG22 H N N 304 
THR HG23 H N N 305 
THR HXT  H N N 306 
TRP N    N N N 307 
TRP CA   C N S 308 
TRP C    C N N 309 
TRP O    O N N 310 
TRP CB   C N N 311 
TRP CG   C Y N 312 
TRP CD1  C Y N 313 
TRP CD2  C Y N 314 
TRP NE1  N Y N 315 
TRP CE2  C Y N 316 
TRP CE3  C Y N 317 
TRP CZ2  C Y N 318 
TRP CZ3  C Y N 319 
TRP CH2  C Y N 320 
TRP OXT  O N N 321 
TRP H    H N N 322 
TRP H2   H N N 323 
TRP HA   H N N 324 
TRP HB2  H N N 325 
TRP HB3  H N N 326 
TRP HD1  H N N 327 
TRP HE1  H N N 328 
TRP HE3  H N N 329 
TRP HZ2  H N N 330 
TRP HZ3  H N N 331 
TRP HH2  H N N 332 
TRP HXT  H N N 333 
TYR N    N N N 334 
TYR CA   C N S 335 
TYR C    C N N 336 
TYR O    O N N 337 
TYR CB   C N N 338 
TYR CG   C Y N 339 
TYR CD1  C Y N 340 
TYR CD2  C Y N 341 
TYR CE1  C Y N 342 
TYR CE2  C Y N 343 
TYR CZ   C Y N 344 
TYR OH   O N N 345 
TYR OXT  O N N 346 
TYR H    H N N 347 
TYR H2   H N N 348 
TYR HA   H N N 349 
TYR HB2  H N N 350 
TYR HB3  H N N 351 
TYR HD1  H N N 352 
TYR HD2  H N N 353 
TYR HE1  H N N 354 
TYR HE2  H N N 355 
TYR HH   H N N 356 
TYR HXT  H N N 357 
VAL N    N N N 358 
VAL CA   C N S 359 
VAL C    C N N 360 
VAL O    O N N 361 
VAL CB   C N N 362 
VAL CG1  C N N 363 
VAL CG2  C N N 364 
VAL OXT  O N N 365 
VAL H    H N N 366 
VAL H2   H N N 367 
VAL HA   H N N 368 
VAL HB   H N N 369 
VAL HG11 H N N 370 
VAL HG12 H N N 371 
VAL HG13 H N N 372 
VAL HG21 H N N 373 
VAL HG22 H N N 374 
VAL HG23 H N N 375 
VAL HXT  H N N 376 
# 
loop_
_chem_comp_bond.comp_id 
_chem_comp_bond.atom_id_1 
_chem_comp_bond.atom_id_2 
_chem_comp_bond.value_order 
_chem_comp_bond.pdbx_aromatic_flag 
_chem_comp_bond.pdbx_stereo_config 
_chem_comp_bond.pdbx_ordinal 
ALA N   CA   sing N N 1   
ALA N   H    sing N N 2   
ALA N   H2   sing N N 3   
ALA CA  C    sing N N 4   
ALA CA  CB   sing N N 5   
ALA CA  HA   sing N N 6   
ALA C   O    doub N N 7   
ALA C   OXT  sing N N 8   
ALA CB  HB1  sing N N 9   
ALA CB  HB2  sing N N 10  
ALA CB  HB3  sing N N 11  
ALA OXT HXT  sing N N 12  
ARG N   CA   sing N N 13  
ARG N   H    sing N N 14  
ARG N   H2   sing N N 15  
ARG CA  C    sing N N 16  
ARG CA  CB   sing N N 17  
ARG CA  HA   sing N N 18  
ARG C   O    doub N N 19  
ARG C   OXT  sing N N 20  
ARG CB  CG   sing N N 21  
ARG CB  HB2  sing N N 22  
ARG CB  HB3  sing N N 23  
ARG CG  CD   sing N N 24  
ARG CG  HG2  sing N N 25  
ARG CG  HG3  sing N N 26  
ARG CD  NE   sing N N 27  
ARG CD  HD2  sing N N 28  
ARG CD  HD3  sing N N 29  
ARG NE  CZ   sing N N 30  
ARG NE  HE   sing N N 31  
ARG CZ  NH1  sing N N 32  
ARG CZ  NH2  doub N N 33  
ARG NH1 HH11 sing N N 34  
ARG NH1 HH12 sing N N 35  
ARG NH2 HH21 sing N N 36  
ARG NH2 HH22 sing N N 37  
ARG OXT HXT  sing N N 38  
ASN N   CA   sing N N 39  
ASN N   H    sing N N 40  
ASN N   H2   sing N N 41  
ASN CA  C    sing N N 42  
ASN CA  CB   sing N N 43  
ASN CA  HA   sing N N 44  
ASN C   O    doub N N 45  
ASN C   OXT  sing N N 46  
ASN CB  CG   sing N N 47  
ASN CB  HB2  sing N N 48  
ASN CB  HB3  sing N N 49  
ASN CG  OD1  doub N N 50  
ASN CG  ND2  sing N N 51  
ASN ND2 HD21 sing N N 52  
ASN ND2 HD22 sing N N 53  
ASN OXT HXT  sing N N 54  
ASP N   CA   sing N N 55  
ASP N   H    sing N N 56  
ASP N   H2   sing N N 57  
ASP CA  C    sing N N 58  
ASP CA  CB   sing N N 59  
ASP CA  HA   sing N N 60  
ASP C   O    doub N N 61  
ASP C   OXT  sing N N 62  
ASP CB  CG   sing N N 63  
ASP CB  HB2  sing N N 64  
ASP CB  HB3  sing N N 65  
ASP CG  OD1  doub N N 66  
ASP CG  OD2  sing N N 67  
ASP OD2 HD2  sing N N 68  
ASP OXT HXT  sing N N 69  
GLN N   CA   sing N N 70  
GLN N   H    sing N N 71  
GLN N   H2   sing N N 72  
GLN CA  C    sing N N 73  
GLN CA  CB   sing N N 74  
GLN CA  HA   sing N N 75  
GLN C   O    doub N N 76  
GLN C   OXT  sing N N 77  
GLN CB  CG   sing N N 78  
GLN CB  HB2  sing N N 79  
GLN CB  HB3  sing N N 80  
GLN CG  CD   sing N N 81  
GLN CG  HG2  sing N N 82  
GLN CG  HG3  sing N N 83  
GLN CD  OE1  doub N N 84  
GLN CD  NE2  sing N N 85  
GLN NE2 HE21 sing N N 86  
GLN NE2 HE22 sing N N 87  
GLN OXT HXT  sing N N 88  
GLU N   CA   sing N N 89  
GLU N   H    sing N N 90  
GLU N   H2   sing N N 91  
GLU CA  C    sing N N 92  
GLU CA  CB   sing N N 93  
GLU CA  HA   sing N N 94  
GLU C   O    doub N N 95  
GLU C   OXT  sing N N 96  
GLU CB  CG   sing N N 97  
GLU CB  HB2  sing N N 98  
GLU CB  HB3  sing N N 99  
GLU CG  CD   sing N N 100 
GLU CG  HG2  sing N N 101 
GLU CG  HG3  sing N N 102 
GLU CD  OE1  doub N N 103 
GLU CD  OE2  sing N N 104 
GLU OE2 HE2  sing N N 105 
GLU OXT HXT  sing N N 106 
GLY N   CA   sing N N 107 
GLY N   H    sing N N 108 
GLY N   H2   sing N N 109 
GLY CA  C    sing N N 110 
GLY CA  HA2  sing N N 111 
GLY CA  HA3  sing N N 112 
GLY C   O    doub N N 113 
GLY C   OXT  sing N N 114 
GLY OXT HXT  sing N N 115 
HIS N   CA   sing N N 116 
HIS N   H    sing N N 117 
HIS N   H2   sing N N 118 
HIS CA  C    sing N N 119 
HIS CA  CB   sing N N 120 
HIS CA  HA   sing N N 121 
HIS C   O    doub N N 122 
HIS C   OXT  sing N N 123 
HIS CB  CG   sing N N 124 
HIS CB  HB2  sing N N 125 
HIS CB  HB3  sing N N 126 
HIS CG  ND1  sing Y N 127 
HIS CG  CD2  doub Y N 128 
HIS ND1 CE1  doub Y N 129 
HIS ND1 HD1  sing N N 130 
HIS CD2 NE2  sing Y N 131 
HIS CD2 HD2  sing N N 132 
HIS CE1 NE2  sing Y N 133 
HIS CE1 HE1  sing N N 134 
HIS NE2 HE2  sing N N 135 
HIS OXT HXT  sing N N 136 
HOH O   H1   sing N N 137 
HOH O   H2   sing N N 138 
ILE N   CA   sing N N 139 
ILE N   H    sing N N 140 
ILE N   H2   sing N N 141 
ILE CA  C    sing N N 142 
ILE CA  CB   sing N N 143 
ILE CA  HA   sing N N 144 
ILE C   O    doub N N 145 
ILE C   OXT  sing N N 146 
ILE CB  CG1  sing N N 147 
ILE CB  CG2  sing N N 148 
ILE CB  HB   sing N N 149 
ILE CG1 CD1  sing N N 150 
ILE CG1 HG12 sing N N 151 
ILE CG1 HG13 sing N N 152 
ILE CG2 HG21 sing N N 153 
ILE CG2 HG22 sing N N 154 
ILE CG2 HG23 sing N N 155 
ILE CD1 HD11 sing N N 156 
ILE CD1 HD12 sing N N 157 
ILE CD1 HD13 sing N N 158 
ILE OXT HXT  sing N N 159 
LEU N   CA   sing N N 160 
LEU N   H    sing N N 161 
LEU N   H2   sing N N 162 
LEU CA  C    sing N N 163 
LEU CA  CB   sing N N 164 
LEU CA  HA   sing N N 165 
LEU C   O    doub N N 166 
LEU C   OXT  sing N N 167 
LEU CB  CG   sing N N 168 
LEU CB  HB2  sing N N 169 
LEU CB  HB3  sing N N 170 
LEU CG  CD1  sing N N 171 
LEU CG  CD2  sing N N 172 
LEU CG  HG   sing N N 173 
LEU CD1 HD11 sing N N 174 
LEU CD1 HD12 sing N N 175 
LEU CD1 HD13 sing N N 176 
LEU CD2 HD21 sing N N 177 
LEU CD2 HD22 sing N N 178 
LEU CD2 HD23 sing N N 179 
LEU OXT HXT  sing N N 180 
LYS N   CA   sing N N 181 
LYS N   H    sing N N 182 
LYS N   H2   sing N N 183 
LYS CA  C    sing N N 184 
LYS CA  CB   sing N N 185 
LYS CA  HA   sing N N 186 
LYS C   O    doub N N 187 
LYS C   OXT  sing N N 188 
LYS CB  CG   sing N N 189 
LYS CB  HB2  sing N N 190 
LYS CB  HB3  sing N N 191 
LYS CG  CD   sing N N 192 
LYS CG  HG2  sing N N 193 
LYS CG  HG3  sing N N 194 
LYS CD  CE   sing N N 195 
LYS CD  HD2  sing N N 196 
LYS CD  HD3  sing N N 197 
LYS CE  NZ   sing N N 198 
LYS CE  HE2  sing N N 199 
LYS CE  HE3  sing N N 200 
LYS NZ  HZ1  sing N N 201 
LYS NZ  HZ2  sing N N 202 
LYS NZ  HZ3  sing N N 203 
LYS OXT HXT  sing N N 204 
MET N   CA   sing N N 205 
MET N   H    sing N N 206 
MET N   H2   sing N N 207 
MET CA  C    sing N N 208 
MET CA  CB   sing N N 209 
MET CA  HA   sing N N 210 
MET C   O    doub N N 211 
MET C   OXT  sing N N 212 
MET CB  CG   sing N N 213 
MET CB  HB2  sing N N 214 
MET CB  HB3  sing N N 215 
MET CG  SD   sing N N 216 
MET CG  HG2  sing N N 217 
MET CG  HG3  sing N N 218 
MET SD  CE   sing N N 219 
MET CE  HE1  sing N N 220 
MET CE  HE2  sing N N 221 
MET CE  HE3  sing N N 222 
MET OXT HXT  sing N N 223 
PHE N   CA   sing N N 224 
PHE N   H    sing N N 225 
PHE N   H2   sing N N 226 
PHE CA  C    sing N N 227 
PHE CA  CB   sing N N 228 
PHE CA  HA   sing N N 229 
PHE C   O    doub N N 230 
PHE C   OXT  sing N N 231 
PHE CB  CG   sing N N 232 
PHE CB  HB2  sing N N 233 
PHE CB  HB3  sing N N 234 
PHE CG  CD1  doub Y N 235 
PHE CG  CD2  sing Y N 236 
PHE CD1 CE1  sing Y N 237 
PHE CD1 HD1  sing N N 238 
PHE CD2 CE2  doub Y N 239 
PHE CD2 HD2  sing N N 240 
PHE CE1 CZ   doub Y N 241 
PHE CE1 HE1  sing N N 242 
PHE CE2 CZ   sing Y N 243 
PHE CE2 HE2  sing N N 244 
PHE CZ  HZ   sing N N 245 
PHE OXT HXT  sing N N 246 
PRO N   CA   sing N N 247 
PRO N   CD   sing N N 248 
PRO N   H    sing N N 249 
PRO CA  C    sing N N 250 
PRO CA  CB   sing N N 251 
PRO CA  HA   sing N N 252 
PRO C   O    doub N N 253 
PRO C   OXT  sing N N 254 
PRO CB  CG   sing N N 255 
PRO CB  HB2  sing N N 256 
PRO CB  HB3  sing N N 257 
PRO CG  CD   sing N N 258 
PRO CG  HG2  sing N N 259 
PRO CG  HG3  sing N N 260 
PRO CD  HD2  sing N N 261 
PRO CD  HD3  sing N N 262 
PRO OXT HXT  sing N N 263 
SER N   CA   sing N N 264 
SER N   H    sing N N 265 
SER N   H2   sing N N 266 
SER CA  C    sing N N 267 
SER CA  CB   sing N N 268 
SER CA  HA   sing N N 269 
SER C   O    doub N N 270 
SER C   OXT  sing N N 271 
SER CB  OG   sing N N 272 
SER CB  HB2  sing N N 273 
SER CB  HB3  sing N N 274 
SER OG  HG   sing N N 275 
SER OXT HXT  sing N N 276 
THR N   CA   sing N N 277 
THR N   H    sing N N 278 
THR N   H2   sing N N 279 
THR CA  C    sing N N 280 
THR CA  CB   sing N N 281 
THR CA  HA   sing N N 282 
THR C   O    doub N N 283 
THR C   OXT  sing N N 284 
THR CB  OG1  sing N N 285 
THR CB  CG2  sing N N 286 
THR CB  HB   sing N N 287 
THR OG1 HG1  sing N N 288 
THR CG2 HG21 sing N N 289 
THR CG2 HG22 sing N N 290 
THR CG2 HG23 sing N N 291 
THR OXT HXT  sing N N 292 
TRP N   CA   sing N N 293 
TRP N   H    sing N N 294 
TRP N   H2   sing N N 295 
TRP CA  C    sing N N 296 
TRP CA  CB   sing N N 297 
TRP CA  HA   sing N N 298 
TRP C   O    doub N N 299 
TRP C   OXT  sing N N 300 
TRP CB  CG   sing N N 301 
TRP CB  HB2  sing N N 302 
TRP CB  HB3  sing N N 303 
TRP CG  CD1  doub Y N 304 
TRP CG  CD2  sing Y N 305 
TRP CD1 NE1  sing Y N 306 
TRP CD1 HD1  sing N N 307 
TRP CD2 CE2  doub Y N 308 
TRP CD2 CE3  sing Y N 309 
TRP NE1 CE2  sing Y N 310 
TRP NE1 HE1  sing N N 311 
TRP CE2 CZ2  sing Y N 312 
TRP CE3 CZ3  doub Y N 313 
TRP CE3 HE3  sing N N 314 
TRP CZ2 CH2  doub Y N 315 
TRP CZ2 HZ2  sing N N 316 
TRP CZ3 CH2  sing Y N 317 
TRP CZ3 HZ3  sing N N 318 
TRP CH2 HH2  sing N N 319 
TRP OXT HXT  sing N N 320 
TYR N   CA   sing N N 321 
TYR N   H    sing N N 322 
TYR N   H2   sing N N 323 
TYR CA  C    sing N N 324 
TYR CA  CB   sing N N 325 
TYR CA  HA   sing N N 326 
TYR C   O    doub N N 327 
TYR C   OXT  sing N N 328 
TYR CB  CG   sing N N 329 
TYR CB  HB2  sing N N 330 
TYR CB  HB3  sing N N 331 
TYR CG  CD1  doub Y N 332 
TYR CG  CD2  sing Y N 333 
TYR CD1 CE1  sing Y N 334 
TYR CD1 HD1  sing N N 335 
TYR CD2 CE2  doub Y N 336 
TYR CD2 HD2  sing N N 337 
TYR CE1 CZ   doub Y N 338 
TYR CE1 HE1  sing N N 339 
TYR CE2 CZ   sing Y N 340 
TYR CE2 HE2  sing N N 341 
TYR CZ  OH   sing N N 342 
TYR OH  HH   sing N N 343 
TYR OXT HXT  sing N N 344 
VAL N   CA   sing N N 345 
VAL N   H    sing N N 346 
VAL N   H2   sing N N 347 
VAL CA  C    sing N N 348 
VAL CA  CB   sing N N 349 
VAL CA  HA   sing N N 350 
VAL C   O    doub N N 351 
VAL C   OXT  sing N N 352 
VAL CB  CG1  sing N N 353 
VAL CB  CG2  sing N N 354 
VAL CB  HB   sing N N 355 
VAL CG1 HG11 sing N N 356 
VAL CG1 HG12 sing N N 357 
VAL CG1 HG13 sing N N 358 
VAL CG2 HG21 sing N N 359 
VAL CG2 HG22 sing N N 360 
VAL CG2 HG23 sing N N 361 
VAL OXT HXT  sing N N 362 
# 
_pdbx_audit_support.funding_organization   'National Natural Science Foundation of China' 
_pdbx_audit_support.country                China 
_pdbx_audit_support.grant_number           'NO.31870132, NO.81741088 and NO.31500051' 
_pdbx_audit_support.ordinal                1 
# 
_atom_sites.entry_id                    6KYX 
_atom_sites.Cartn_transf_matrix[1][1]   ? 
_atom_sites.Cartn_transf_matrix[1][2]   ? 
_atom_sites.Cartn_transf_matrix[1][3]   ? 
_atom_sites.Cartn_transf_matrix[2][1]   ? 
_atom_sites.Cartn_transf_matrix[2][2]   ? 
_atom_sites.Cartn_transf_matrix[2][3]   ? 
_atom_sites.Cartn_transf_matrix[3][1]   ? 
_atom_sites.Cartn_transf_matrix[3][2]   ? 
_atom_sites.Cartn_transf_matrix[3][3]   ? 
_atom_sites.Cartn_transf_vector[1]      ? 
_atom_sites.Cartn_transf_vector[2]      ? 
_atom_sites.Cartn_transf_vector[3]      ? 
_atom_sites.fract_transf_matrix[1][1]   0.00230660 
_atom_sites.fract_transf_matrix[1][2]   -0.01542241 
_atom_sites.fract_transf_matrix[1][3]   0.00668390 
_atom_sites.fract_transf_matrix[2][1]   0.00395384 
_atom_sites.fract_transf_matrix[2][2]   -0.01309209 
_atom_sites.fract_transf_matrix[2][3]   -0.01004039 
_atom_sites.fract_transf_matrix[3][1]   0.00636990 
_atom_sites.fract_transf_matrix[3][2]   0.00130330 
_atom_sites.fract_transf_matrix[3][3]   0.00080899 
_atom_sites.fract_transf_vector[1]      -0.523654 
_atom_sites.fract_transf_vector[2]      -0.185278 
_atom_sites.fract_transf_vector[3]      -0.071066 
_atom_sites.solution_primary            ? 
_atom_sites.solution_secondary          ? 
_atom_sites.solution_hydrogens          ? 
_atom_sites.special_details             ? 
# 
loop_
_atom_type.symbol 
C 
N 
O 
S 
# 
loop_
_atom_site.group_PDB 
_atom_site.id 
_atom_site.type_symbol 
_atom_site.label_atom_id 
_atom_site.label_alt_id 
_atom_site.label_comp_id 
_atom_site.label_asym_id 
_atom_site.label_entity_id 
_atom_site.label_seq_id 
_atom_site.pdbx_PDB_ins_code 
_atom_site.Cartn_x 
_atom_site.Cartn_y 
_atom_site.Cartn_z 
_atom_site.occupancy 
_atom_site.B_iso_or_equiv 
_atom_site.pdbx_formal_charge 
_atom_site.auth_seq_id 
_atom_site.auth_comp_id 
_atom_site.auth_asym_id 
_atom_site.auth_atom_id 
_atom_site.pdbx_PDB_model_num 
ATOM   1   N N   . GLY A 1 1   ? 3.570   7.746   -24.112 1.00 56.40 ? 120 GLY A N   1 
ATOM   2   C CA  . GLY A 1 1   ? 2.196   7.655   -23.643 1.00 59.77 ? 120 GLY A CA  1 
ATOM   3   C C   . GLY A 1 1   ? 1.604   6.271   -23.839 1.00 69.62 ? 120 GLY A C   1 
ATOM   4   O O   . GLY A 1 1   ? 0.901   6.019   -24.823 1.00 74.66 ? 120 GLY A O   1 
ATOM   5   N N   . SER A 1 2   ? 1.883   5.377   -22.888 1.00 70.95 ? 121 SER A N   1 
ATOM   6   C CA  . SER A 1 2   ? 1.521   3.968   -23.010 1.00 59.90 ? 121 SER A CA  1 
ATOM   7   C C   . SER A 1 2   ? 0.066   3.755   -22.583 1.00 55.63 ? 121 SER A C   1 
ATOM   8   O O   . SER A 1 2   ? -0.389  4.323   -21.585 1.00 51.54 ? 121 SER A O   1 
ATOM   9   C CB  . SER A 1 2   ? 2.480   3.116   -22.163 1.00 49.74 ? 121 SER A CB  1 
ATOM   10  O OG  . SER A 1 2   ? 3.803   3.057   -22.725 1.00 34.14 ? 121 SER A OG  1 
ATOM   11  N N   . LYS A 1 3   ? -0.672  2.942   -23.354 1.00 55.04 ? 122 LYS A N   1 
ATOM   12  C CA  . LYS A 1 3   ? -2.123  2.844   -23.172 1.00 52.88 ? 122 LYS A CA  1 
ATOM   13  C C   . LYS A 1 3   ? -2.489  2.092   -21.892 1.00 58.07 ? 122 LYS A C   1 
ATOM   14  O O   . LYS A 1 3   ? -2.013  0.976   -21.654 1.00 66.62 ? 122 LYS A O   1 
ATOM   15  C CB  . LYS A 1 3   ? -2.777  2.160   -24.371 1.00 43.59 ? 122 LYS A CB  1 
ATOM   16  C CG  . LYS A 1 3   ? -4.292  2.055   -24.213 1.00 51.24 ? 122 LYS A CG  1 
ATOM   17  C CD  . LYS A 1 3   ? -4.916  1.101   -25.218 1.00 55.59 ? 122 LYS A CD  1 
ATOM   18  C CE  . LYS A 1 3   ? -6.442  1.078   -25.091 1.00 52.59 ? 122 LYS A CE  1 
ATOM   19  N NZ  . LYS A 1 3   ? -7.023  -0.126  -25.759 1.00 48.60 ? 122 LYS A NZ  1 
ATOM   20  N N   . ASP A 1 4   ? -3.392  2.684   -21.104 1.00 55.95 ? 123 ASP A N   1 
ATOM   21  C CA  . ASP A 1 4   ? -3.635  2.239   -19.734 1.00 53.89 ? 123 ASP A CA  1 
ATOM   22  C C   . ASP A 1 4   ? -3.979  0.755   -19.660 1.00 48.99 ? 123 ASP A C   1 
ATOM   23  O O   . ASP A 1 4   ? -3.355  -0.010  -18.916 1.00 51.06 ? 123 ASP A O   1 
ATOM   24  C CB  . ASP A 1 4   ? -4.754  3.073   -19.113 1.00 57.97 ? 123 ASP A CB  1 
ATOM   25  C CG  . ASP A 1 4   ? -4.267  4.404   -18.612 1.00 67.10 ? 123 ASP A CG  1 
ATOM   26  O OD1 . ASP A 1 4   ? -5.119  5.267   -18.300 1.00 70.21 ? 123 ASP A OD1 1 
ATOM   27  O OD2 . ASP A 1 4   ? -3.030  4.580   -18.512 1.00 67.51 ? 123 ASP A OD2 1 
ATOM   28  N N   . ILE A 1 5   ? -4.996  0.338   -20.395 1.00 37.68 ? 124 ILE A N   1 
ATOM   29  C CA  . ILE A 1 5   ? -5.455  -1.044  -20.376 1.00 36.70 ? 124 ILE A CA  1 
ATOM   30  C C   . ILE A 1 5   ? -5.504  -1.552  -21.808 1.00 41.52 ? 124 ILE A C   1 
ATOM   31  O O   . ILE A 1 5   ? -5.932  -0.835  -22.718 1.00 49.85 ? 124 ILE A O   1 
ATOM   32  C CB  . ILE A 1 5   ? -6.827  -1.179  -19.680 1.00 34.88 ? 124 ILE A CB  1 
ATOM   33  C CG1 . ILE A 1 5   ? -6.724  -0.723  -18.215 1.00 28.79 ? 124 ILE A CG1 1 
ATOM   34  C CG2 . ILE A 1 5   ? -7.344  -2.614  -19.770 1.00 34.32 ? 124 ILE A CG2 1 
ATOM   35  C CD1 . ILE A 1 5   ? -7.966  -1.061  -17.381 1.00 34.23 ? 124 ILE A CD1 1 
ATOM   36  N N   . ILE A 1 6   ? -5.037  -2.778  -22.016 1.00 40.08 ? 125 ILE A N   1 
ATOM   37  C CA  . ILE A 1 6   ? -4.924  -3.366  -23.347 1.00 33.31 ? 125 ILE A CA  1 
ATOM   38  C C   . ILE A 1 6   ? -5.647  -4.700  -23.344 1.00 34.23 ? 125 ILE A C   1 
ATOM   39  O O   . ILE A 1 6   ? -5.488  -5.494  -22.408 1.00 39.21 ? 125 ILE A O   1 
ATOM   40  C CB  . ILE A 1 6   ? -3.453  -3.545  -23.759 1.00 28.23 ? 125 ILE A CB  1 
ATOM   41  C CG1 . ILE A 1 6   ? -2.820  -2.183  -24.010 1.00 30.90 ? 125 ILE A CG1 1 
ATOM   42  C CG2 . ILE A 1 6   ? -3.338  -4.410  -24.979 1.00 24.85 ? 125 ILE A CG2 1 
ATOM   43  C CD1 . ILE A 1 6   ? -1.402  -2.270  -24.427 1.00 36.20 ? 125 ILE A CD1 1 
ATOM   44  N N   . ASP A 1 7   ? -6.453  -4.940  -24.374 1.00 38.24 ? 126 ASP A N   1 
ATOM   45  C CA  . ASP A 1 7   ? -7.077  -6.239  -24.592 1.00 44.56 ? 126 ASP A CA  1 
ATOM   46  C C   . ASP A 1 7   ? -6.579  -6.796  -25.911 1.00 41.73 ? 126 ASP A C   1 
ATOM   47  O O   . ASP A 1 7   ? -6.602  -6.099  -26.934 1.00 48.10 ? 126 ASP A O   1 
ATOM   48  C CB  . ASP A 1 7   ? -8.605  -6.157  -24.603 1.00 54.20 ? 126 ASP A CB  1 
ATOM   49  C CG  . ASP A 1 7   ? -9.172  -5.739  -23.267 1.00 75.34 ? 126 ASP A CG  1 
ATOM   50  O OD1 . ASP A 1 7   ? -9.267  -4.519  -23.005 1.00 84.38 ? 126 ASP A OD1 1 
ATOM   51  O OD2 . ASP A 1 7   ? -9.515  -6.642  -22.473 1.00 82.78 ? 126 ASP A OD2 1 
ATOM   52  N N   . VAL A 1 8   ? -6.146  -8.049  -25.890 1.00 28.37 ? 127 VAL A N   1 
ATOM   53  C CA  . VAL A 1 8   ? -5.587  -8.676  -27.084 1.00 25.43 ? 127 VAL A CA  1 
ATOM   54  C C   . VAL A 1 8   ? -5.759  -10.191 -26.964 1.00 31.17 ? 127 VAL A C   1 
ATOM   55  O O   . VAL A 1 8   ? -5.373  -10.792 -25.955 1.00 32.52 ? 127 VAL A O   1 
ATOM   56  C CB  . VAL A 1 8   ? -4.117  -8.225  -27.282 1.00 31.28 ? 127 VAL A CB  1 
ATOM   57  C CG1 . VAL A 1 8   ? -3.198  -8.765  -26.182 1.00 24.31 ? 127 VAL A CG1 1 
ATOM   58  C CG2 . VAL A 1 8   ? -3.602  -8.652  -28.636 1.00 34.81 ? 127 VAL A CG2 1 
ATOM   59  N N   . ASN A 1 9   ? -6.409  -10.802 -27.965 1.00 35.86 ? 128 ASN A N   1 
ATOM   60  C CA  . ASN A 1 9   ? -6.567  -12.263 -28.019 1.00 46.38 ? 128 ASN A CA  1 
ATOM   61  C C   . ASN A 1 9   ? -7.369  -12.805 -26.827 1.00 43.15 ? 128 ASN A C   1 
ATOM   62  O O   . ASN A 1 9   ? -7.202  -13.970 -26.420 1.00 29.42 ? 128 ASN A O   1 
ATOM   63  C CB  . ASN A 1 9   ? -5.197  -12.953 -28.099 1.00 45.67 ? 128 ASN A CB  1 
ATOM   64  C CG  . ASN A 1 9   ? -5.214  -14.213 -28.942 1.00 46.62 ? 128 ASN A CG  1 
ATOM   65  O OD1 . ASN A 1 9   ? -5.428  -14.155 -30.147 1.00 62.31 ? 128 ASN A OD1 1 
ATOM   66  N ND2 . ASN A 1 9   ? -4.950  -15.352 -28.320 1.00 40.57 ? 128 ASN A ND2 1 
ATOM   67  N N   . GLY A 1 10  ? -8.233  -11.970 -26.248 1.00 37.30 ? 129 GLY A N   1 
ATOM   68  C CA  . GLY A 1 10  ? -8.984  -12.342 -25.063 1.00 40.44 ? 129 GLY A CA  1 
ATOM   69  C C   . GLY A 1 10  ? -8.284  -12.107 -23.739 1.00 42.43 ? 129 GLY A C   1 
ATOM   70  O O   . GLY A 1 10  ? -8.883  -12.370 -22.683 1.00 41.76 ? 129 GLY A O   1 
ATOM   71  N N   . ILE A 1 11  ? -7.043  -11.624 -23.757 1.00 37.26 ? 130 ILE A N   1 
ATOM   72  C CA  . ILE A 1 11  ? -6.277  -11.331 -22.553 1.00 37.53 ? 130 ILE A CA  1 
ATOM   73  C C   . ILE A 1 11  ? -6.376  -9.843  -22.259 1.00 36.76 ? 130 ILE A C   1 
ATOM   74  O O   . ILE A 1 11  ? -6.253  -9.012  -23.170 1.00 33.45 ? 130 ILE A O   1 
ATOM   75  C CB  . ILE A 1 11  ? -4.811  -11.757 -22.718 1.00 38.57 ? 130 ILE A CB  1 
ATOM   76  C CG1 . ILE A 1 11  ? -4.733  -13.247 -23.055 1.00 31.86 ? 130 ILE A CG1 1 
ATOM   77  C CG2 . ILE A 1 11  ? -3.998  -11.411 -21.470 1.00 39.55 ? 130 ILE A CG2 1 
ATOM   78  C CD1 . ILE A 1 11  ? -3.400  -13.658 -23.640 1.00 34.60 ? 130 ILE A CD1 1 
ATOM   79  N N   . THR A 1 12  ? -6.604  -9.507  -20.990 1.00 37.83 ? 131 THR A N   1 
ATOM   80  C CA  . THR A 1 12  ? -6.613  -8.126  -20.521 1.00 36.92 ? 131 THR A CA  1 
ATOM   81  C C   . THR A 1 12  ? -5.373  -7.865  -19.681 1.00 32.52 ? 131 THR A C   1 
ATOM   82  O O   . THR A 1 12  ? -5.120  -8.582  -18.704 1.00 30.85 ? 131 THR A O   1 
ATOM   83  C CB  . THR A 1 12  ? -7.852  -7.825  -19.688 1.00 35.54 ? 131 THR A CB  1 
ATOM   84  O OG1 . THR A 1 12  ? -9.006  -8.374  -20.334 1.00 39.47 ? 131 THR A OG1 1 
ATOM   85  C CG2 . THR A 1 12  ? -7.992  -6.320  -19.505 1.00 22.59 ? 131 THR A CG2 1 
ATOM   86  N N   . ILE A 1 13  ? -4.614  -6.835  -20.047 1.00 26.02 ? 132 ILE A N   1 
ATOM   87  C CA  . ILE A 1 13  ? -3.374  -6.523  -19.347 1.00 22.43 ? 132 ILE A CA  1 
ATOM   88  C C   . ILE A 1 13  ? -3.312  -5.014  -19.101 1.00 19.97 ? 132 ILE A C   1 
ATOM   89  O O   . ILE A 1 13  ? -3.470  -4.220  -20.033 1.00 22.06 ? 132 ILE A O   1 
ATOM   90  C CB  . ILE A 1 13  ? -2.145  -7.044  -20.123 1.00 24.75 ? 132 ILE A CB  1 
ATOM   91  C CG1 . ILE A 1 13  ? -0.840  -6.732  -19.396 1.00 33.21 ? 132 ILE A CG1 1 
ATOM   92  C CG2 . ILE A 1 13  ? -2.120  -6.554  -21.560 1.00 18.59 ? 132 ILE A CG2 1 
ATOM   93  C CD1 . ILE A 1 13  ? 0.241   -7.772  -19.669 1.00 37.90 ? 132 ILE A CD1 1 
ATOM   94  N N   . ASP A 1 14  ? -3.137  -4.624  -17.834 1.00 21.04 ? 133 ASP A N   1 
ATOM   95  C CA  . ASP A 1 14  ? -2.999  -3.228  -17.424 1.00 15.30 ? 133 ASP A CA  1 
ATOM   96  C C   . ASP A 1 14  ? -1.527  -2.820  -17.436 1.00 20.77 ? 133 ASP A C   1 
ATOM   97  O O   . ASP A 1 14  ? -0.650  -3.600  -17.042 1.00 13.58 ? 133 ASP A O   1 
ATOM   98  C CB  . ASP A 1 14  ? -3.554  -3.013  -16.002 1.00 15.88 ? 133 ASP A CB  1 
ATOM   99  C CG  . ASP A 1 14  ? -5.056  -3.327  -15.874 1.00 31.00 ? 133 ASP A CG  1 
ATOM   100 O OD1 . ASP A 1 14  ? -5.615  -4.046  -16.731 1.00 39.42 ? 133 ASP A OD1 1 
ATOM   101 O OD2 . ASP A 1 14  ? -5.682  -2.858  -14.896 1.00 31.82 ? 133 ASP A OD2 1 
ATOM   102 N N   . LYS A 1 15  ? -1.258  -1.582  -17.867 1.00 20.78 ? 134 LYS A N   1 
ATOM   103 C CA  . LYS A 1 15  ? 0.113   -1.078  -17.803 1.00 18.81 ? 134 LYS A CA  1 
ATOM   104 C C   . LYS A 1 15  ? 0.621   -1.115  -16.371 1.00 13.28 ? 134 LYS A C   1 
ATOM   105 O O   . LYS A 1 15  ? 1.721   -1.614  -16.100 1.00 17.33 ? 134 LYS A O   1 
ATOM   106 C CB  . LYS A 1 15  ? 0.192   0.343   -18.364 1.00 20.95 ? 134 LYS A CB  1 
ATOM   107 C CG  . LYS A 1 15  ? 1.614   0.847   -18.574 1.00 24.97 ? 134 LYS A CG  1 
ATOM   108 N N   . ASN A 1 16  ? -0.191  -0.626  -15.430 1.00 11.65 ? 135 ASN A N   1 
ATOM   109 C CA  . ASN A 1 16  ? 0.149   -0.638  -14.013 1.00 17.93 ? 135 ASN A CA  1 
ATOM   110 C C   . ASN A 1 16  ? -0.471  -1.878  -13.355 1.00 17.79 ? 135 ASN A C   1 
ATOM   111 O O   . ASN A 1 16  ? -1.691  -1.952  -13.162 1.00 15.08 ? 135 ASN A O   1 
ATOM   112 C CB  . ASN A 1 16  ? -0.338  0.639   -13.339 1.00 14.12 ? 135 ASN A CB  1 
ATOM   113 C CG  . ASN A 1 16  ? -0.043  0.649   -11.861 1.00 19.02 ? 135 ASN A CG  1 
ATOM   114 O OD1 . ASN A 1 16  ? 0.764   -0.151  -11.362 1.00 17.99 ? 135 ASN A OD1 1 
ATOM   115 N ND2 . ASN A 1 16  ? -0.704  1.541   -11.143 1.00 15.92 ? 135 ASN A ND2 1 
ATOM   116 N N   . ALA A 1 17  ? 0.381   -2.842  -13.001 1.00 12.63 ? 136 ALA A N   1 
ATOM   117 C CA  . ALA A 1 17  ? -0.065  -4.063  -12.347 1.00 13.90 ? 136 ALA A CA  1 
ATOM   118 C C   . ALA A 1 17  ? -0.575  -3.816  -10.935 1.00 19.89 ? 136 ALA A C   1 
ATOM   119 O O   . ALA A 1 17  ? -1.353  -4.629  -10.417 1.00 15.82 ? 136 ALA A O   1 
ATOM   120 C CB  . ALA A 1 17  ? 1.084   -5.067  -12.318 1.00 9.51  ? 136 ALA A CB  1 
ATOM   121 N N   . PHE A 1 18  ? -0.180  -2.702  -10.316 1.00 15.21 ? 137 PHE A N   1 
ATOM   122 C CA  . PHE A 1 18  ? -0.366  -2.502  -8.877  1.00 17.56 ? 137 PHE A CA  1 
ATOM   123 C C   . PHE A 1 18  ? -1.655  -1.726  -8.597  1.00 14.82 ? 137 PHE A C   1 
ATOM   124 O O   . PHE A 1 18  ? -1.646  -0.576  -8.153  1.00 23.29 ? 137 PHE A O   1 
ATOM   125 C CB  . PHE A 1 18  ? 0.853   -1.793  -8.290  1.00 11.09 ? 137 PHE A CB  1 
ATOM   126 C CG  . PHE A 1 18  ? 2.130   -2.585  -8.414  1.00 10.51 ? 137 PHE A CG  1 
ATOM   127 C CD1 . PHE A 1 18  ? 3.076   -2.260  -9.371  1.00 8.33  ? 137 PHE A CD1 1 
ATOM   128 C CD2 . PHE A 1 18  ? 2.368   -3.671  -7.582  1.00 11.14 ? 137 PHE A CD2 1 
ATOM   129 C CE1 . PHE A 1 18  ? 4.247   -2.991  -9.488  1.00 11.70 ? 137 PHE A CE1 1 
ATOM   130 C CE2 . PHE A 1 18  ? 3.541   -4.414  -7.699  1.00 12.85 ? 137 PHE A CE2 1 
ATOM   131 C CZ  . PHE A 1 18  ? 4.483   -4.074  -8.651  1.00 13.05 ? 137 PHE A CZ  1 
ATOM   132 N N   . LYS A 1 19  ? -2.786  -2.394  -8.843  1.00 12.21 ? 138 LYS A N   1 
ATOM   133 C CA  . LYS A 1 19  ? -4.106  -1.879  -8.507  1.00 11.04 ? 138 LYS A CA  1 
ATOM   134 C C   . LYS A 1 19  ? -4.822  -2.829  -7.550  1.00 19.77 ? 138 LYS A C   1 
ATOM   135 O O   . LYS A 1 19  ? -4.572  -4.038  -7.550  1.00 19.77 ? 138 LYS A O   1 
ATOM   136 C CB  . LYS A 1 19  ? -4.974  -1.698  -9.759  1.00 17.30 ? 138 LYS A CB  1 
ATOM   137 C CG  . LYS A 1 19  ? -4.346  -0.842  -10.857 1.00 13.77 ? 138 LYS A CG  1 
ATOM   138 C CD  . LYS A 1 19  ? -5.261  -0.829  -12.080 1.00 17.32 ? 138 LYS A CD  1 
ATOM   139 C CE  . LYS A 1 19  ? -4.550  -0.163  -13.234 1.00 19.54 ? 138 LYS A CE  1 
ATOM   140 N NZ  . LYS A 1 19  ? -5.405  -0.167  -14.430 1.00 31.30 ? 138 LYS A NZ  1 
ATOM   141 N N   . VAL A 1 20  ? -5.738  -2.281  -6.742  1.00 14.72 ? 139 VAL A N   1 
ATOM   142 C CA  . VAL A 1 20  ? -6.582  -3.080  -5.859  1.00 18.09 ? 139 VAL A CA  1 
ATOM   143 C C   . VAL A 1 20  ? -8.037  -2.721  -6.145  1.00 25.63 ? 139 VAL A C   1 
ATOM   144 O O   . VAL A 1 20  ? -8.350  -1.592  -6.535  1.00 34.37 ? 139 VAL A O   1 
ATOM   145 C CB  . VAL A 1 20  ? -6.246  -2.886  -4.355  1.00 16.82 ? 139 VAL A CB  1 
ATOM   146 C CG1 . VAL A 1 20  ? -4.815  -3.365  -4.059  1.00 11.83 ? 139 VAL A CG1 1 
ATOM   147 C CG2 . VAL A 1 20  ? -6.434  -1.440  -3.912  1.00 19.39 ? 139 VAL A CG2 1 
ATOM   148 N N   . THR A 1 21  ? -8.930  -3.698  -5.979  1.00 24.36 ? 140 THR A N   1 
ATOM   149 C CA  . THR A 1 21  ? -10.333 -3.540  -6.358  1.00 21.67 ? 140 THR A CA  1 
ATOM   150 C C   . THR A 1 21  ? -11.162 -3.138  -5.142  1.00 22.40 ? 140 THR A C   1 
ATOM   151 O O   . THR A 1 21  ? -11.112 -3.811  -4.105  1.00 28.38 ? 140 THR A O   1 
ATOM   152 C CB  . THR A 1 21  ? -10.877 -4.837  -6.960  1.00 26.34 ? 140 THR A CB  1 
ATOM   153 O OG1 . THR A 1 21  ? -10.084 -5.206  -8.088  1.00 35.35 ? 140 THR A OG1 1 
ATOM   154 C CG2 . THR A 1 21  ? -12.297 -4.640  -7.433  1.00 29.01 ? 140 THR A CG2 1 
ATOM   155 N N   . VAL A 1 22  ? -11.933 -2.054  -5.273  1.00 21.20 ? 141 VAL A N   1 
ATOM   156 C CA  . VAL A 1 22  ? -12.702 -1.475  -4.167  1.00 24.59 ? 141 VAL A CA  1 
ATOM   157 C C   . VAL A 1 22  ? -14.032 -0.974  -4.706  1.00 25.84 ? 141 VAL A C   1 
ATOM   158 O O   . VAL A 1 22  ? -14.053 -0.079  -5.561  1.00 21.53 ? 141 VAL A O   1 
ATOM   159 C CB  . VAL A 1 22  ? -11.978 -0.296  -3.487  1.00 20.52 ? 141 VAL A CB  1 
ATOM   160 C CG1 . VAL A 1 22  ? -12.802 0.196   -2.319  1.00 28.96 ? 141 VAL A CG1 1 
ATOM   161 C CG2 . VAL A 1 22  ? -10.586 -0.676  -3.033  1.00 36.62 ? 141 VAL A CG2 1 
ATOM   162 N N   . ASN A 1 23  ? -15.139 -1.497  -4.170  1.00 28.79 ? 142 ASN A N   1 
ATOM   163 C CA  . ASN A 1 23  ? -16.481 -1.057  -4.572  1.00 33.30 ? 142 ASN A CA  1 
ATOM   164 C C   . ASN A 1 23  ? -16.665 -1.107  -6.090  1.00 24.83 ? 142 ASN A C   1 
ATOM   165 O O   . ASN A 1 23  ? -17.246 -0.208  -6.696  1.00 28.02 ? 142 ASN A O   1 
ATOM   166 C CB  . ASN A 1 23  ? -16.792 0.352   -4.041  1.00 27.49 ? 142 ASN A CB  1 
ATOM   167 C CG  . ASN A 1 23  ? -18.293 0.640   -4.005  1.00 29.88 ? 142 ASN A CG  1 
ATOM   168 O OD1 . ASN A 1 23  ? -19.070 -0.164  -3.496  1.00 23.27 ? 142 ASN A OD1 1 
ATOM   169 N ND2 . ASN A 1 23  ? -18.704 1.781   -4.558  1.00 23.53 ? 142 ASN A ND2 1 
ATOM   170 N N   . GLY A 1 24  ? -16.164 -2.164  -6.718  1.00 28.14 ? 143 GLY A N   1 
ATOM   171 C CA  . GLY A 1 24  ? -16.281 -2.235  -8.162  1.00 25.91 ? 143 GLY A CA  1 
ATOM   172 C C   . GLY A 1 24  ? -15.389 -1.276  -8.926  1.00 30.83 ? 143 GLY A C   1 
ATOM   173 O O   . GLY A 1 24  ? -15.506 -1.181  -10.151 1.00 34.09 ? 143 GLY A O   1 
ATOM   174 N N   . ALA A 1 25  ? -14.505 -0.563  -8.243  1.00 26.02 ? 144 ALA A N   1 
ATOM   175 C CA  . ALA A 1 25  ? -13.537 0.328   -8.861  1.00 18.53 ? 144 ALA A CA  1 
ATOM   176 C C   . ALA A 1 25  ? -12.125 -0.142  -8.520  1.00 18.37 ? 144 ALA A C   1 
ATOM   177 O O   . ALA A 1 25  ? -11.924 -1.149  -7.832  1.00 27.89 ? 144 ALA A O   1 
ATOM   178 C CB  . ALA A 1 25  ? -13.750 1.771   -8.401  1.00 23.20 ? 144 ALA A CB  1 
ATOM   179 N N   . GLU A 1 26  ? -11.136 0.607   -8.998  1.00 17.45 ? 145 GLU A N   1 
ATOM   180 C CA  . GLU A 1 26  ? -9.734  0.264   -8.792  1.00 15.68 ? 145 GLU A CA  1 
ATOM   181 C C   . GLU A 1 26  ? -8.970  1.470   -8.288  1.00 22.89 ? 145 GLU A C   1 
ATOM   182 O O   . GLU A 1 26  ? -9.067  2.562   -8.864  1.00 20.25 ? 145 GLU A O   1 
ATOM   183 C CB  . GLU A 1 26  ? -9.086  -0.240  -10.074 1.00 16.87 ? 145 GLU A CB  1 
ATOM   184 C CG  . GLU A 1 26  ? -9.804  -1.422  -10.696 1.00 21.75 ? 145 GLU A CG  1 
ATOM   185 C CD  . GLU A 1 26  ? -8.856  -2.304  -11.442 1.00 40.50 ? 145 GLU A CD  1 
ATOM   186 O OE1 . GLU A 1 26  ? -8.224  -3.168  -10.792 1.00 50.90 ? 145 GLU A OE1 1 
ATOM   187 O OE2 . GLU A 1 26  ? -8.718  -2.113  -12.670 1.00 52.14 ? 145 GLU A OE2 1 
ATOM   188 N N   . ILE A 1 27  ? -8.237  1.262   -7.197  1.00 20.74 ? 146 ILE A N   1 
ATOM   189 C CA  . ILE A 1 27  ? -7.245  2.203   -6.703  1.00 16.76 ? 146 ILE A CA  1 
ATOM   190 C C   . ILE A 1 27  ? -5.914  1.843   -7.340  1.00 23.75 ? 146 ILE A C   1 
ATOM   191 O O   . ILE A 1 27  ? -5.541  0.665   -7.387  1.00 14.91 ? 146 ILE A O   1 
ATOM   192 C CB  . ILE A 1 27  ? -7.143  2.134   -5.177  1.00 17.89 ? 146 ILE A CB  1 
ATOM   193 C CG1 . ILE A 1 27  ? -8.490  2.466   -4.541  1.00 24.13 ? 146 ILE A CG1 1 
ATOM   194 C CG2 . ILE A 1 27  ? -6.030  3.034   -4.701  1.00 14.92 ? 146 ILE A CG2 1 
ATOM   195 C CD1 . ILE A 1 27  ? -8.519  2.296   -3.034  1.00 24.95 ? 146 ILE A CD1 1 
ATOM   196 N N   . GLU A 1 28  ? -5.208  2.839   -7.853  1.00 25.90 ? 147 GLU A N   1 
ATOM   197 C CA  . GLU A 1 28  ? -3.962  2.601   -8.562  1.00 27.36 ? 147 GLU A CA  1 
ATOM   198 C C   . GLU A 1 28  ? -2.806  3.021   -7.685  1.00 18.42 ? 147 GLU A C   1 
ATOM   199 O O   . GLU A 1 28  ? -2.762  4.165   -7.229  1.00 22.77 ? 147 GLU A O   1 
ATOM   200 C CB  . GLU A 1 28  ? -3.930  3.360   -9.877  1.00 27.70 ? 147 GLU A CB  1 
ATOM   201 C CG  . GLU A 1 28  ? -4.749  2.671   -10.912 1.00 37.15 ? 147 GLU A CG  1 
ATOM   202 C CD  . GLU A 1 28  ? -5.519  3.639   -11.727 1.00 42.38 ? 147 GLU A CD  1 
ATOM   203 O OE1 . GLU A 1 28  ? -4.931  4.169   -12.691 1.00 42.60 ? 147 GLU A OE1 1 
ATOM   204 O OE2 . GLU A 1 28  ? -6.698  3.880   -11.391 1.00 51.59 ? 147 GLU A OE2 1 
ATOM   205 N N   . LEU A 1 29  ? -1.877  2.104   -7.462  1.00 14.34 ? 148 LEU A N   1 
ATOM   206 C CA  . LEU A 1 29  ? -0.806  2.278   -6.495  1.00 9.64  ? 148 LEU A CA  1 
ATOM   207 C C   . LEU A 1 29  ? 0.538   2.150   -7.195  1.00 11.15 ? 148 LEU A C   1 
ATOM   208 O O   . LEU A 1 29  ? 0.617   1.824   -8.385  1.00 17.34 ? 148 LEU A O   1 
ATOM   209 C CB  . LEU A 1 29  ? -0.928  1.243   -5.361  1.00 13.36 ? 148 LEU A CB  1 
ATOM   210 C CG  . LEU A 1 29  ? -2.234  1.279   -4.559  1.00 19.53 ? 148 LEU A CG  1 
ATOM   211 C CD1 . LEU A 1 29  ? -2.284  0.171   -3.521  1.00 15.89 ? 148 LEU A CD1 1 
ATOM   212 C CD2 . LEU A 1 29  ? -2.391  2.634   -3.891  1.00 15.90 ? 148 LEU A CD2 1 
ATOM   213 N N   . THR A 1 30  ? 1.606   2.415   -6.446  1.00 14.40 ? 149 THR A N   1 
ATOM   214 C CA  . THR A 1 30  ? 2.953   2.038   -6.851  1.00 14.95 ? 149 THR A CA  1 
ATOM   215 C C   . THR A 1 30  ? 3.312   0.707   -6.186  1.00 15.62 ? 149 THR A C   1 
ATOM   216 O O   . THR A 1 30  ? 2.627   0.235   -5.268  1.00 17.29 ? 149 THR A O   1 
ATOM   217 C CB  . THR A 1 30  ? 3.971   3.123   -6.459  1.00 18.31 ? 149 THR A CB  1 
ATOM   218 O OG1 . THR A 1 30  ? 4.020   3.220   -5.027  1.00 14.88 ? 149 THR A OG1 1 
ATOM   219 C CG2 . THR A 1 30  ? 3.602   4.502   -7.047  1.00 8.42  ? 149 THR A CG2 1 
ATOM   220 N N   . LYS A 1 31  ? 4.399   0.097   -6.653  1.00 11.73 ? 150 LYS A N   1 
ATOM   221 C CA  . LYS A 1 31  ? 4.841   -1.152  -6.035  1.00 16.29 ? 150 LYS A CA  1 
ATOM   222 C C   . LYS A 1 31  ? 5.018   -0.991  -4.529  1.00 16.36 ? 150 LYS A C   1 
ATOM   223 O O   . LYS A 1 31  ? 4.601   -1.854  -3.748  1.00 15.40 ? 150 LYS A O   1 
ATOM   224 C CB  . LYS A 1 31  ? 6.153   -1.631  -6.668  1.00 9.94  ? 150 LYS A CB  1 
ATOM   225 C CG  . LYS A 1 31  ? 6.724   -2.854  -5.971  1.00 13.05 ? 150 LYS A CG  1 
ATOM   226 C CD  . LYS A 1 31  ? 8.243   -2.861  -5.971  1.00 24.27 ? 150 LYS A CD  1 
ATOM   227 C CE  . LYS A 1 31  ? 8.794   -4.038  -5.144  1.00 31.02 ? 150 LYS A CE  1 
ATOM   228 N NZ  . LYS A 1 31  ? 8.064   -5.325  -5.417  1.00 37.79 ? 150 LYS A NZ  1 
ATOM   229 N N   . THR A 1 32  ? 5.641   0.108   -4.100  1.00 11.72 ? 151 THR A N   1 
ATOM   230 C CA  . THR A 1 32  ? 5.935   0.256   -2.679  1.00 14.97 ? 151 THR A CA  1 
ATOM   231 C C   . THR A 1 32  ? 4.651   0.432   -1.881  1.00 13.16 ? 151 THR A C   1 
ATOM   232 O O   . THR A 1 32  ? 4.468   -0.225  -0.854  1.00 15.90 ? 151 THR A O   1 
ATOM   233 C CB  . THR A 1 32  ? 6.916   1.421   -2.452  1.00 16.14 ? 151 THR A CB  1 
ATOM   234 O OG1 . THR A 1 32  ? 8.122   1.185   -3.197  1.00 10.50 ? 151 THR A OG1 1 
ATOM   235 C CG2 . THR A 1 32  ? 7.292   1.542   -0.987  1.00 10.47 ? 151 THR A CG2 1 
ATOM   236 N N   . GLU A 1 33  ? 3.724   1.270   -2.363  1.00 17.27 ? 152 GLU A N   1 
ATOM   237 C CA  . GLU A 1 33  ? 2.448   1.440   -1.665  1.00 15.06 ? 152 GLU A CA  1 
ATOM   238 C C   . GLU A 1 33  ? 1.653   0.139   -1.630  1.00 14.85 ? 152 GLU A C   1 
ATOM   239 O O   . GLU A 1 33  ? 1.022   -0.190  -0.619  1.00 14.97 ? 152 GLU A O   1 
ATOM   240 C CB  . GLU A 1 33  ? 1.601   2.530   -2.333  1.00 14.17 ? 152 GLU A CB  1 
ATOM   241 C CG  . GLU A 1 33  ? 2.217   3.921   -2.368  1.00 19.54 ? 152 GLU A CG  1 
ATOM   242 C CD  . GLU A 1 33  ? 1.467   4.867   -3.310  1.00 19.70 ? 152 GLU A CD  1 
ATOM   243 O OE1 . GLU A 1 33  ? 1.671   6.106   -3.219  1.00 13.21 ? 152 GLU A OE1 1 
ATOM   244 O OE2 . GLU A 1 33  ? 0.675   4.368   -4.143  1.00 22.11 ? 152 GLU A OE2 1 
ATOM   245 N N   . TYR A 1 34  ? 1.632   -0.589  -2.746  1.00 13.92 ? 153 TYR A N   1 
ATOM   246 C CA  . TYR A 1 34  ? 0.922   -1.860  -2.790  1.00 18.13 ? 153 TYR A CA  1 
ATOM   247 C C   . TYR A 1 34  ? 1.503   -2.853  -1.782  1.00 17.49 ? 153 TYR A C   1 
ATOM   248 O O   . TYR A 1 34  ? 0.759   -3.509  -1.046  1.00 20.89 ? 153 TYR A O   1 
ATOM   249 C CB  . TYR A 1 34  ? 0.986   -2.394  -4.217  1.00 11.58 ? 153 TYR A CB  1 
ATOM   250 C CG  . TYR A 1 34  ? 0.162   -3.618  -4.555  1.00 10.89 ? 153 TYR A CG  1 
ATOM   251 C CD1 . TYR A 1 34  ? -1.057  -3.498  -5.217  1.00 10.23 ? 153 TYR A CD1 1 
ATOM   252 C CD2 . TYR A 1 34  ? 0.649   -4.900  -4.310  1.00 18.59 ? 153 TYR A CD2 1 
ATOM   253 C CE1 . TYR A 1 34  ? -1.786  -4.617  -5.586  1.00 12.40 ? 153 TYR A CE1 1 
ATOM   254 C CE2 . TYR A 1 34  ? -0.080  -6.025  -4.673  1.00 10.54 ? 153 TYR A CE2 1 
ATOM   255 C CZ  . TYR A 1 34  ? -1.283  -5.879  -5.312  1.00 10.76 ? 153 TYR A CZ  1 
ATOM   256 O OH  . TYR A 1 34  ? -2.012  -7.004  -5.669  1.00 11.84 ? 153 TYR A OH  1 
ATOM   257 N N   . ASP A 1 35  ? 2.835   -2.959  -1.719  1.00 10.15 ? 154 ASP A N   1 
ATOM   258 C CA  . ASP A 1 35  ? 3.469   -3.890  -0.786  1.00 17.59 ? 154 ASP A CA  1 
ATOM   259 C C   . ASP A 1 35  ? 3.170   -3.510  0.657   1.00 18.24 ? 154 ASP A C   1 
ATOM   260 O O   . ASP A 1 35  ? 3.016   -4.376  1.527   1.00 24.66 ? 154 ASP A O   1 
ATOM   261 C CB  . ASP A 1 35  ? 4.984   -3.902  -1.007  1.00 15.21 ? 154 ASP A CB  1 
ATOM   262 C CG  . ASP A 1 35  ? 5.399   -4.636  -2.285  1.00 19.28 ? 154 ASP A CG  1 
ATOM   263 O OD1 . ASP A 1 35  ? 4.536   -5.260  -2.971  1.00 17.53 ? 154 ASP A OD1 1 
ATOM   264 O OD2 . ASP A 1 35  ? 6.616   -4.597  -2.581  1.00 23.23 ? 154 ASP A OD2 1 
ATOM   265 N N   . LEU A 1 36  ? 3.139   -2.212  0.938   1.00 16.09 ? 155 LEU A N   1 
ATOM   266 C CA  . LEU A 1 36  ? 2.818   -1.750  2.277   1.00 11.88 ? 155 LEU A CA  1 
ATOM   267 C C   . LEU A 1 36  ? 1.389   -2.124  2.636   1.00 21.48 ? 155 LEU A C   1 
ATOM   268 O O   . LEU A 1 36  ? 1.133   -2.699  3.703   1.00 24.35 ? 155 LEU A O   1 
ATOM   269 C CB  . LEU A 1 36  ? 3.042   -0.237  2.347   1.00 16.06 ? 155 LEU A CB  1 
ATOM   270 C CG  . LEU A 1 36  ? 2.668   0.478   3.632   1.00 12.53 ? 155 LEU A CG  1 
ATOM   271 C CD1 . LEU A 1 36  ? 3.427   -0.138  4.777   1.00 13.23 ? 155 LEU A CD1 1 
ATOM   272 C CD2 . LEU A 1 36  ? 3.014   1.946   3.482   1.00 17.20 ? 155 LEU A CD2 1 
ATOM   273 N N   . LEU A 1 37  ? 0.445   -1.833  1.731   1.00 21.82 ? 156 LEU A N   1 
ATOM   274 C CA  . LEU A 1 37  ? -0.949  -2.218  1.950   1.00 20.52 ? 156 LEU A CA  1 
ATOM   275 C C   . LEU A 1 37  ? -1.078  -3.718  2.164   1.00 22.97 ? 156 LEU A C   1 
ATOM   276 O O   . LEU A 1 37  ? -1.786  -4.174  3.074   1.00 17.21 ? 156 LEU A O   1 
ATOM   277 C CB  . LEU A 1 37  ? -1.820  -1.792  0.769   1.00 12.08 ? 156 LEU A CB  1 
ATOM   278 C CG  . LEU A 1 37  ? -3.318  -2.077  0.942   1.00 17.71 ? 156 LEU A CG  1 
ATOM   279 C CD1 . LEU A 1 37  ? -3.817  -1.532  2.278   1.00 16.33 ? 156 LEU A CD1 1 
ATOM   280 C CD2 . LEU A 1 37  ? -4.119  -1.475  -0.198  1.00 12.38 ? 156 LEU A CD2 1 
ATOM   281 N N   . TYR A 1 38  ? -0.414  -4.511  1.321   1.00 18.79 ? 157 TYR A N   1 
ATOM   282 C CA  . TYR A 1 38  ? -0.501  -5.954  1.495   1.00 17.50 ? 157 TYR A CA  1 
ATOM   283 C C   . TYR A 1 38  ? 0.054   -6.375  2.851   1.00 26.36 ? 157 TYR A C   1 
ATOM   284 O O   . TYR A 1 38  ? -0.557  -7.183  3.558   1.00 24.30 ? 157 TYR A O   1 
ATOM   285 C CB  . TYR A 1 38  ? 0.231   -6.674  0.374   1.00 12.33 ? 157 TYR A CB  1 
ATOM   286 C CG  . TYR A 1 38  ? 0.098   -8.168  0.497   1.00 16.55 ? 157 TYR A CG  1 
ATOM   287 C CD1 . TYR A 1 38  ? 1.066   -8.912  1.165   1.00 15.68 ? 157 TYR A CD1 1 
ATOM   288 C CD2 . TYR A 1 38  ? -1.008  -8.835  -0.038  1.00 19.90 ? 157 TYR A CD2 1 
ATOM   289 C CE1 . TYR A 1 38  ? 0.950   -10.271 1.287   1.00 17.66 ? 157 TYR A CE1 1 
ATOM   290 C CE2 . TYR A 1 38  ? -1.133  -10.197 0.081   1.00 21.66 ? 157 TYR A CE2 1 
ATOM   291 C CZ  . TYR A 1 38  ? -0.148  -10.907 0.753   1.00 23.14 ? 157 TYR A CZ  1 
ATOM   292 O OH  . TYR A 1 38  ? -0.247  -12.265 0.894   1.00 32.28 ? 157 TYR A OH  1 
ATOM   293 N N   . LEU A 1 39  ? 1.211   -5.829  3.235   1.00 27.19 ? 158 LEU A N   1 
ATOM   294 C CA  . LEU A 1 39  ? 1.815   -6.204  4.510   1.00 24.02 ? 158 LEU A CA  1 
ATOM   295 C C   . LEU A 1 39  ? 0.879   -5.897  5.672   1.00 19.43 ? 158 LEU A C   1 
ATOM   296 O O   . LEU A 1 39  ? 0.648   -6.751  6.535   1.00 23.01 ? 158 LEU A O   1 
ATOM   297 C CB  . LEU A 1 39  ? 3.162   -5.496  4.696   1.00 20.28 ? 158 LEU A CB  1 
ATOM   298 C CG  . LEU A 1 39  ? 3.815   -5.713  6.072   1.00 20.64 ? 158 LEU A CG  1 
ATOM   299 C CD1 . LEU A 1 39  ? 4.371   -7.126  6.198   1.00 20.16 ? 158 LEU A CD1 1 
ATOM   300 C CD2 . LEU A 1 39  ? 4.915   -4.705  6.329   1.00 16.12 ? 158 LEU A CD2 1 
ATOM   301 N N   . LEU A 1 40  ? 0.319   -4.684  5.714   1.00 18.57 ? 159 LEU A N   1 
ATOM   302 C CA  . LEU A 1 40  ? -0.608  -4.367  6.801   1.00 24.46 ? 159 LEU A CA  1 
ATOM   303 C C   . LEU A 1 40  ? -1.852  -5.253  6.754   1.00 30.56 ? 159 LEU A C   1 
ATOM   304 O O   . LEU A 1 40  ? -2.324  -5.715  7.799   1.00 29.57 ? 159 LEU A O   1 
ATOM   305 C CB  . LEU A 1 40  ? -0.999  -2.890  6.768   1.00 17.31 ? 159 LEU A CB  1 
ATOM   306 C CG  . LEU A 1 40  ? 0.134   -1.870  6.908   1.00 15.65 ? 159 LEU A CG  1 
ATOM   307 C CD1 . LEU A 1 40  ? -0.430  -0.468  6.821   1.00 22.41 ? 159 LEU A CD1 1 
ATOM   308 C CD2 . LEU A 1 40  ? 0.871   -2.042  8.211   1.00 18.13 ? 159 LEU A CD2 1 
ATOM   309 N N   . ALA A 1 41  ? -2.389  -5.512  5.556   1.00 31.64 ? 160 ALA A N   1 
ATOM   310 C CA  . ALA A 1 41  ? -3.609  -6.308  5.444   1.00 31.71 ? 160 ALA A CA  1 
ATOM   311 C C   . ALA A 1 41  ? -3.371  -7.737  5.891   1.00 34.13 ? 160 ALA A C   1 
ATOM   312 O O   . ALA A 1 41  ? -4.211  -8.337  6.576   1.00 28.31 ? 160 ALA A O   1 
ATOM   313 C CB  . ALA A 1 41  ? -4.127  -6.299  4.006   1.00 23.34 ? 160 ALA A CB  1 
ATOM   314 N N   . GLU A 1 42  ? -2.226  -8.294  5.504   1.00 30.77 ? 161 GLU A N   1 
ATOM   315 C CA  . GLU A 1 42  ? -1.858  -9.657  5.866   1.00 31.68 ? 161 GLU A CA  1 
ATOM   316 C C   . GLU A 1 42  ? -1.686  -9.810  7.373   1.00 40.86 ? 161 GLU A C   1 
ATOM   317 O O   . GLU A 1 42  ? -1.857  -10.910 7.913   1.00 51.73 ? 161 GLU A O   1 
ATOM   318 C CB  . GLU A 1 42  ? -0.579  -10.008 5.103   1.00 31.29 ? 161 GLU A CB  1 
ATOM   319 C CG  . GLU A 1 42  ? 0.166   -11.234 5.515   1.00 39.24 ? 161 GLU A CG  1 
ATOM   320 C CD  . GLU A 1 42  ? 1.527   -11.293 4.834   1.00 49.59 ? 161 GLU A CD  1 
ATOM   321 O OE1 . GLU A 1 42  ? 2.314   -10.317 4.953   1.00 50.61 ? 161 GLU A OE1 1 
ATOM   322 O OE2 . GLU A 1 42  ? 1.798   -12.306 4.151   1.00 54.39 ? 161 GLU A OE2 1 
ATOM   323 N N   . ASN A 1 43  ? -1.377  -8.712  8.065   1.00 38.21 ? 162 ASN A N   1 
ATOM   324 C CA  . ASN A 1 43  ? -1.207  -8.685  9.512   1.00 34.21 ? 162 ASN A CA  1 
ATOM   325 C C   . ASN A 1 43  ? -2.363  -7.969  10.207  1.00 35.52 ? 162 ASN A C   1 
ATOM   326 O O   . ASN A 1 43  ? -2.157  -7.282  11.210  1.00 38.65 ? 162 ASN A O   1 
ATOM   327 C CB  . ASN A 1 43  ? 0.118   -8.014  9.878   1.00 30.72 ? 162 ASN A CB  1 
ATOM   328 C CG  . ASN A 1 43  ? 1.321   -8.882  9.569   1.00 39.65 ? 162 ASN A CG  1 
ATOM   329 O OD1 . ASN A 1 43  ? 1.804   -9.623  10.428  1.00 47.44 ? 162 ASN A OD1 1 
ATOM   330 N ND2 . ASN A 1 43  ? 1.821   -8.786  8.339   1.00 36.12 ? 162 ASN A ND2 1 
ATOM   331 N N   . LYS A 1 44  ? -3.577  -8.103  9.671   1.00 37.92 ? 163 LYS A N   1 
ATOM   332 C CA  . LYS A 1 44  ? -4.724  -7.407  10.242  1.00 39.29 ? 163 LYS A CA  1 
ATOM   333 C C   . LYS A 1 44  ? -4.877  -7.782  11.713  1.00 40.53 ? 163 LYS A C   1 
ATOM   334 O O   . LYS A 1 44  ? -4.672  -8.937  12.100  1.00 46.36 ? 163 LYS A O   1 
ATOM   335 C CB  . LYS A 1 44  ? -5.990  -7.754  9.458   1.00 39.81 ? 163 LYS A CB  1 
ATOM   336 C CG  . LYS A 1 44  ? -7.276  -7.144  10.002  1.00 48.28 ? 163 LYS A CG  1 
ATOM   337 C CD  . LYS A 1 44  ? -8.509  -7.751  9.329   1.00 53.64 ? 163 LYS A CD  1 
ATOM   338 C CE  . LYS A 1 44  ? -9.781  -7.506  10.147  1.00 60.94 ? 163 LYS A CE  1 
ATOM   339 N NZ  . LYS A 1 44  ? -10.550 -8.755  10.445  1.00 62.95 ? 163 LYS A NZ  1 
ATOM   340 N N   . ASN A 1 45  ? -5.194  -6.783  12.539  1.00 34.81 ? 164 ASN A N   1 
ATOM   341 C CA  . ASN A 1 45  ? -5.339  -6.884  13.993  1.00 42.19 ? 164 ASN A CA  1 
ATOM   342 C C   . ASN A 1 45  ? -4.020  -7.100  14.729  1.00 40.98 ? 164 ASN A C   1 
ATOM   343 O O   . ASN A 1 45  ? -4.043  -7.276  15.950  1.00 47.48 ? 164 ASN A O   1 
ATOM   344 C CB  . ASN A 1 45  ? -6.317  -7.995  14.417  1.00 47.48 ? 164 ASN A CB  1 
ATOM   345 C CG  . ASN A 1 45  ? -7.718  -7.797  13.844  1.00 53.89 ? 164 ASN A CG  1 
ATOM   346 O OD1 . ASN A 1 45  ? -8.284  -6.699  13.915  1.00 61.93 ? 164 ASN A OD1 1 
ATOM   347 N ND2 . ASN A 1 45  ? -8.283  -8.861  13.267  1.00 47.44 ? 164 ASN A ND2 1 
ATOM   348 N N   . HIS A 1 46  ? -2.874  -7.080  14.042  1.00 37.37 ? 165 HIS A N   1 
ATOM   349 C CA  . HIS A 1 46  ? -1.558  -7.275  14.657  1.00 37.87 ? 165 HIS A CA  1 
ATOM   350 C C   . HIS A 1 46  ? -0.702  -6.044  14.358  1.00 37.22 ? 165 HIS A C   1 
ATOM   351 O O   . HIS A 1 46  ? -0.188  -5.896  13.248  1.00 44.93 ? 165 HIS A O   1 
ATOM   352 C CB  . HIS A 1 46  ? -0.895  -8.560  14.150  1.00 31.55 ? 165 HIS A CB  1 
ATOM   353 N N   . VAL A 1 47  ? -0.555  -5.164  15.353  1.00 41.05 ? 166 VAL A N   1 
ATOM   354 C CA  . VAL A 1 47  ? 0.187   -3.917  15.177  1.00 36.31 ? 166 VAL A CA  1 
ATOM   355 C C   . VAL A 1 47  ? 1.596   -4.214  14.690  1.00 40.74 ? 166 VAL A C   1 
ATOM   356 O O   . VAL A 1 47  ? 2.272   -5.112  15.209  1.00 50.25 ? 166 VAL A O   1 
ATOM   357 C CB  . VAL A 1 47  ? 0.205   -3.127  16.497  1.00 31.16 ? 166 VAL A CB  1 
ATOM   358 C CG1 . VAL A 1 47  ? 1.242   -2.019  16.475  1.00 25.51 ? 166 VAL A CG1 1 
ATOM   359 C CG2 . VAL A 1 47  ? -1.163  -2.546  16.779  1.00 38.25 ? 166 VAL A CG2 1 
ATOM   360 N N   . MET A 1 48  ? 2.041   -3.464  13.680  1.00 34.72 ? 167 MET A N   1 
ATOM   361 C CA  . MET A 1 48  ? 3.381   -3.579  13.113  1.00 30.87 ? 167 MET A CA  1 
ATOM   362 C C   . MET A 1 48  ? 4.221   -2.375  13.512  1.00 25.86 ? 167 MET A C   1 
ATOM   363 O O   . MET A 1 48  ? 3.738   -1.238  13.479  1.00 35.08 ? 167 MET A O   1 
ATOM   364 C CB  . MET A 1 48  ? 3.326   -3.661  11.585  1.00 37.01 ? 167 MET A CB  1 
ATOM   365 C CG  . MET A 1 48  ? 2.353   -4.676  11.040  1.00 41.78 ? 167 MET A CG  1 
ATOM   366 S SD  . MET A 1 48  ? 3.146   -6.287  10.945  1.00 48.77 ? 167 MET A SD  1 
ATOM   367 C CE  . MET A 1 48  ? 4.716   -5.828  10.202  1.00 45.53 ? 167 MET A CE  1 
ATOM   368 N N   . GLN A 1 49  ? 5.477   -2.621  13.877  1.00 36.10 ? 168 GLN A N   1 
ATOM   369 C CA  . GLN A 1 49  ? 6.392   -1.551  14.241  1.00 44.65 ? 168 GLN A CA  1 
ATOM   370 C C   . GLN A 1 49  ? 7.020   -0.954  12.987  1.00 37.89 ? 168 GLN A C   1 
ATOM   371 O O   . GLN A 1 49  ? 7.204   -1.642  11.979  1.00 33.00 ? 168 GLN A O   1 
ATOM   372 C CB  . GLN A 1 49  ? 7.480   -2.065  15.188  1.00 52.83 ? 168 GLN A CB  1 
ATOM   373 C CG  . GLN A 1 49  ? 7.098   -2.048  16.670  1.00 57.69 ? 168 GLN A CG  1 
ATOM   374 C CD  . GLN A 1 49  ? 7.672   -3.221  17.457  1.00 69.25 ? 168 GLN A CD  1 
ATOM   375 O OE1 . GLN A 1 49  ? 8.371   -3.034  18.460  1.00 74.07 ? 168 GLN A OE1 1 
ATOM   376 N NE2 . GLN A 1 49  ? 7.371   -4.436  17.010  1.00 71.36 ? 168 GLN A NE2 1 
ATOM   377 N N   . ARG A 1 50  ? 7.342   0.345   13.061  1.00 37.73 ? 169 ARG A N   1 
ATOM   378 C CA  . ARG A 1 50  ? 7.900   1.051   11.910  1.00 31.45 ? 169 ARG A CA  1 
ATOM   379 C C   . ARG A 1 50  ? 9.118   0.330   11.343  1.00 33.14 ? 169 ARG A C   1 
ATOM   380 O O   . ARG A 1 50  ? 9.273   0.228   10.117  1.00 40.29 ? 169 ARG A O   1 
ATOM   381 C CB  . ARG A 1 50  ? 8.255   2.493   12.293  1.00 30.21 ? 169 ARG A CB  1 
ATOM   382 C CG  . ARG A 1 50  ? 7.024   3.413   12.408  1.00 42.21 ? 169 ARG A CG  1 
ATOM   383 C CD  . ARG A 1 50  ? 7.389   4.889   12.512  1.00 44.27 ? 169 ARG A CD  1 
ATOM   384 N NE  . ARG A 1 50  ? 8.763   5.054   12.968  1.00 59.86 ? 169 ARG A NE  1 
ATOM   385 C CZ  . ARG A 1 50  ? 9.512   6.131   12.746  1.00 65.70 ? 169 ARG A CZ  1 
ATOM   386 N NH1 . ARG A 1 50  ? 9.022   7.158   12.064  1.00 68.19 ? 169 ARG A NH1 1 
ATOM   387 N NH2 . ARG A 1 50  ? 10.756  6.182   13.210  1.00 61.49 ? 169 ARG A NH2 1 
ATOM   388 N N   . GLU A 1 51  ? 9.968   -0.220  12.214  1.00 27.69 ? 170 GLU A N   1 
ATOM   389 C CA  . GLU A 1 51  ? 11.181  -0.864  11.734  1.00 30.04 ? 170 GLU A CA  1 
ATOM   390 C C   . GLU A 1 51  ? 10.897  -2.222  11.105  1.00 27.71 ? 170 GLU A C   1 
ATOM   391 O O   . GLU A 1 51  ? 11.576  -2.599  10.147  1.00 35.27 ? 170 GLU A O   1 
ATOM   392 C CB  . GLU A 1 51  ? 12.209  -0.984  12.861  1.00 44.83 ? 170 GLU A CB  1 
ATOM   393 C CG  . GLU A 1 51  ? 12.713  0.369   13.397  1.00 61.85 ? 170 GLU A CG  1 
ATOM   394 C CD  . GLU A 1 51  ? 11.746  1.081   14.382  1.00 78.55 ? 170 GLU A CD  1 
ATOM   395 O OE1 . GLU A 1 51  ? 10.689  0.501   14.746  1.00 80.00 ? 170 GLU A OE1 1 
ATOM   396 O OE2 . GLU A 1 51  ? 12.039  2.245   14.772  1.00 73.63 ? 170 GLU A OE2 1 
ATOM   397 N N   . GLN A 1 52  ? 9.905   -2.975  11.594  1.00 27.87 ? 171 GLN A N   1 
ATOM   398 C CA  . GLN A 1 52  ? 9.608   -4.245  10.928  1.00 38.73 ? 171 GLN A CA  1 
ATOM   399 C C   . GLN A 1 52  ? 8.903   -3.991  9.601   1.00 37.15 ? 171 GLN A C   1 
ATOM   400 O O   . GLN A 1 52  ? 9.110   -4.731  8.627   1.00 30.83 ? 171 GLN A O   1 
ATOM   401 C CB  . GLN A 1 52  ? 8.786   -5.187  11.824  1.00 46.02 ? 171 GLN A CB  1 
ATOM   402 C CG  . GLN A 1 52  ? 7.659   -4.536  12.582  1.00 65.20 ? 171 GLN A CG  1 
ATOM   403 C CD  . GLN A 1 52  ? 6.866   -5.503  13.486  1.00 74.86 ? 171 GLN A CD  1 
ATOM   404 O OE1 . GLN A 1 52  ? 6.477   -5.139  14.593  1.00 77.28 ? 171 GLN A OE1 1 
ATOM   405 N NE2 . GLN A 1 52  ? 6.639   -6.735  13.016  1.00 68.35 ? 171 GLN A NE2 1 
ATOM   406 N N   . ILE A 1 53  ? 8.100   -2.921  9.532   1.00 30.75 ? 172 ILE A N   1 
ATOM   407 C CA  . ILE A 1 53  ? 7.535   -2.485  8.257   1.00 18.77 ? 172 ILE A CA  1 
ATOM   408 C C   . ILE A 1 53  ? 8.646   -2.099  7.288   1.00 25.75 ? 172 ILE A C   1 
ATOM   409 O O   . ILE A 1 53  ? 8.630   -2.483  6.109   1.00 25.44 ? 172 ILE A O   1 
ATOM   410 C CB  . ILE A 1 53  ? 6.548   -1.323  8.480   1.00 21.06 ? 172 ILE A CB  1 
ATOM   411 C CG1 . ILE A 1 53  ? 5.304   -1.811  9.228   1.00 23.25 ? 172 ILE A CG1 1 
ATOM   412 C CG2 . ILE A 1 53  ? 6.108   -0.707  7.162   1.00 14.98 ? 172 ILE A CG2 1 
ATOM   413 C CD1 . ILE A 1 53  ? 4.339   -0.678  9.559   1.00 25.13 ? 172 ILE A CD1 1 
ATOM   414 N N   . LEU A 1 54  ? 9.622   -1.320  7.764   1.00 32.35 ? 173 LEU A N   1 
ATOM   415 C CA  . LEU A 1 54  ? 10.760  -0.975  6.924   1.00 27.97 ? 173 LEU A CA  1 
ATOM   416 C C   . LEU A 1 54  ? 11.436  -2.230  6.395   1.00 25.51 ? 173 LEU A C   1 
ATOM   417 O O   . LEU A 1 54  ? 11.732  -2.331  5.194   1.00 19.38 ? 173 LEU A O   1 
ATOM   418 C CB  . LEU A 1 54  ? 11.761  -0.121  7.699   1.00 21.50 ? 173 LEU A CB  1 
ATOM   419 C CG  . LEU A 1 54  ? 12.716  0.560   6.721   1.00 19.60 ? 173 LEU A CG  1 
ATOM   420 C CD1 . LEU A 1 54  ? 12.088  1.847   6.205   1.00 18.54 ? 173 LEU A CD1 1 
ATOM   421 C CD2 . LEU A 1 54  ? 14.061  0.833   7.334   1.00 27.61 ? 173 LEU A CD2 1 
ATOM   422 N N   . ASN A 1 55  ? 11.675  -3.206  7.282   1.00 15.99 ? 174 ASN A N   1 
ATOM   423 C CA  . ASN A 1 55  ? 12.400  -4.409  6.878   1.00 23.55 ? 174 ASN A CA  1 
ATOM   424 C C   . ASN A 1 55  ? 11.636  -5.186  5.815   1.00 21.96 ? 174 ASN A C   1 
ATOM   425 O O   . ASN A 1 55  ? 12.231  -5.682  4.852   1.00 19.24 ? 174 ASN A O   1 
ATOM   426 C CB  . ASN A 1 55  ? 12.672  -5.300  8.091   1.00 33.77 ? 174 ASN A CB  1 
ATOM   427 C CG  . ASN A 1 55  ? 13.722  -4.723  9.019   1.00 37.25 ? 174 ASN A CG  1 
ATOM   428 O OD1 . ASN A 1 55  ? 14.541  -3.881  8.629   1.00 45.59 ? 174 ASN A OD1 1 
ATOM   429 N ND2 . ASN A 1 55  ? 13.701  -5.175  10.259  1.00 38.39 ? 174 ASN A ND2 1 
ATOM   430 N N   . HIS A 1 56  ? 10.315  -5.292  5.965   1.00 18.40 ? 175 HIS A N   1 
ATOM   431 C CA  . HIS A 1 56  ? 9.544   -6.082  5.022   1.00 18.21 ? 175 HIS A CA  1 
ATOM   432 C C   . HIS A 1 56  ? 9.378   -5.377  3.689   1.00 24.50 ? 175 HIS A C   1 
ATOM   433 O O   . HIS A 1 56  ? 9.492   -6.017  2.639   1.00 25.88 ? 175 HIS A O   1 
ATOM   434 C CB  . HIS A 1 56  ? 8.188   -6.414  5.613   1.00 29.38 ? 175 HIS A CB  1 
ATOM   435 C CG  . HIS A 1 56  ? 8.215   -7.603  6.516   1.00 46.03 ? 175 HIS A CG  1 
ATOM   436 N ND1 . HIS A 1 56  ? 8.467   -7.500  7.865   1.00 49.31 ? 175 HIS A ND1 1 
ATOM   437 C CD2 . HIS A 1 56  ? 8.040   -8.920  6.258   1.00 46.39 ? 175 HIS A CD2 1 
ATOM   438 C CE1 . HIS A 1 56  ? 8.441   -8.707  8.405   1.00 52.15 ? 175 HIS A CE1 1 
ATOM   439 N NE2 . HIS A 1 56  ? 8.180   -9.583  7.453   1.00 52.45 ? 175 HIS A NE2 1 
ATOM   440 N N   . VAL A 1 57  ? 9.108   -4.070  3.707   1.00 17.20 ? 176 VAL A N   1 
ATOM   441 C CA  . VAL A 1 57  ? 8.758   -3.382  2.474   1.00 18.56 ? 176 VAL A CA  1 
ATOM   442 C C   . VAL A 1 57  ? 9.982   -2.792  1.776   1.00 19.59 ? 176 VAL A C   1 
ATOM   443 O O   . VAL A 1 57  ? 10.054  -2.803  0.543   1.00 21.66 ? 176 VAL A O   1 
ATOM   444 C CB  . VAL A 1 57  ? 7.699   -2.306  2.759   1.00 20.54 ? 176 VAL A CB  1 
ATOM   445 C CG1 . VAL A 1 57  ? 7.396   -1.475  1.493   1.00 16.19 ? 176 VAL A CG1 1 
ATOM   446 C CG2 . VAL A 1 57  ? 6.423   -2.957  3.297   1.00 18.66 ? 176 VAL A CG2 1 
ATOM   447 N N   . TRP A 1 58  ? 10.957  -2.297  2.539   1.00 15.13 ? 177 TRP A N   1 
ATOM   448 C CA  . TRP A 1 58  ? 12.170  -1.719  1.986   1.00 12.22 ? 177 TRP A CA  1 
ATOM   449 C C   . TRP A 1 58  ? 13.400  -2.604  2.111   1.00 14.21 ? 177 TRP A C   1 
ATOM   450 O O   . TRP A 1 58  ? 14.387  -2.334  1.431   1.00 26.57 ? 177 TRP A O   1 
ATOM   451 C CB  . TRP A 1 58  ? 12.467  -0.367  2.654   1.00 11.98 ? 177 TRP A CB  1 
ATOM   452 C CG  . TRP A 1 58  ? 11.557  0.715   2.141   1.00 18.41 ? 177 TRP A CG  1 
ATOM   453 C CD1 . TRP A 1 58  ? 11.807  1.565   1.109   1.00 12.29 ? 177 TRP A CD1 1 
ATOM   454 C CD2 . TRP A 1 58  ? 10.241  1.043   2.626   1.00 15.67 ? 177 TRP A CD2 1 
ATOM   455 N NE1 . TRP A 1 58  ? 10.725  2.408   0.917   1.00 17.63 ? 177 TRP A NE1 1 
ATOM   456 C CE2 . TRP A 1 58  ? 9.758   2.106   1.838   1.00 13.31 ? 177 TRP A CE2 1 
ATOM   457 C CE3 . TRP A 1 58  ? 9.441   0.557   3.668   1.00 17.58 ? 177 TRP A CE3 1 
ATOM   458 C CZ2 . TRP A 1 58  ? 8.509   2.683   2.048   1.00 14.30 ? 177 TRP A CZ2 1 
ATOM   459 C CZ3 . TRP A 1 58  ? 8.192   1.128   3.875   1.00 20.11 ? 177 TRP A CZ3 1 
ATOM   460 C CH2 . TRP A 1 58  ? 7.738   2.179   3.069   1.00 21.12 ? 177 TRP A CH2 1 
ATOM   461 N N   . GLY A 1 59  ? 13.387  -3.628  2.951   1.00 22.10 ? 178 GLY A N   1 
ATOM   462 C CA  . GLY A 1 59  ? 14.564  -4.473  3.032   1.00 21.04 ? 178 GLY A CA  1 
ATOM   463 C C   . GLY A 1 59  ? 15.279  -4.308  4.359   1.00 21.49 ? 178 GLY A C   1 
ATOM   464 O O   . GLY A 1 59  ? 15.278  -3.227  4.968   1.00 31.72 ? 178 GLY A O   1 
ATOM   465 N N   . TYR A 1 60  ? 15.921  -5.395  4.811   1.00 26.29 ? 179 TYR A N   1 
ATOM   466 C CA  . TYR A 1 60  ? 16.470  -5.427  6.170   1.00 33.48 ? 179 TYR A CA  1 
ATOM   467 C C   . TYR A 1 60  ? 17.718  -4.570  6.308   1.00 28.38 ? 179 TYR A C   1 
ATOM   468 O O   . TYR A 1 60  ? 18.014  -4.066  7.397   1.00 39.21 ? 179 TYR A O   1 
ATOM   469 C CB  . TYR A 1 60  ? 16.794  -6.864  6.586   1.00 39.37 ? 179 TYR A CB  1 
ATOM   470 C CG  . TYR A 1 60  ? 15.596  -7.580  7.125   1.00 50.09 ? 179 TYR A CG  1 
ATOM   471 C CD1 . TYR A 1 60  ? 15.381  -7.682  8.489   1.00 58.20 ? 179 TYR A CD1 1 
ATOM   472 C CD2 . TYR A 1 60  ? 14.657  -8.133  6.265   1.00 55.14 ? 179 TYR A CD2 1 
ATOM   473 C CE1 . TYR A 1 60  ? 14.264  -8.321  8.988   1.00 68.97 ? 179 TYR A CE1 1 
ATOM   474 C CE2 . TYR A 1 60  ? 13.534  -8.777  6.752   1.00 60.53 ? 179 TYR A CE2 1 
ATOM   475 C CZ  . TYR A 1 60  ? 13.340  -8.868  8.118   1.00 69.43 ? 179 TYR A CZ  1 
ATOM   476 O OH  . TYR A 1 60  ? 12.222  -9.504  8.624   1.00 74.45 ? 179 TYR A OH  1 
ATOM   477 N N   . ASN A 1 61  ? 18.467  -4.406  5.235   1.00 28.89 ? 180 ASN A N   1 
ATOM   478 C CA  . ASN A 1 61  ? 19.691  -3.629  5.292   1.00 48.26 ? 180 ASN A CA  1 
ATOM   479 C C   . ASN A 1 61  ? 19.471  -2.165  4.924   1.00 50.04 ? 180 ASN A C   1 
ATOM   480 O O   . ASN A 1 61  ? 20.444  -1.407  4.872   1.00 52.17 ? 180 ASN A O   1 
ATOM   481 C CB  . ASN A 1 61  ? 20.743  -4.256  4.360   1.00 43.35 ? 180 ASN A CB  1 
ATOM   482 N N   . SER A 1 62  ? 18.222  -1.748  4.710   1.00 39.91 ? 181 SER A N   1 
ATOM   483 C CA  . SER A 1 62  ? 17.967  -0.579  3.876   1.00 29.25 ? 181 SER A CA  1 
ATOM   484 C C   . SER A 1 62  ? 18.636  0.670   4.432   1.00 25.30 ? 181 SER A C   1 
ATOM   485 O O   . SER A 1 62  ? 18.612  0.935   5.635   1.00 25.38 ? 181 SER A O   1 
ATOM   486 C CB  . SER A 1 62  ? 16.475  -0.340  3.727   1.00 23.49 ? 181 SER A CB  1 
ATOM   487 O OG  . SER A 1 62  ? 16.280  0.700   2.791   1.00 21.52 ? 181 SER A OG  1 
ATOM   488 N N   . GLU A 1 63  ? 19.266  1.430   3.544   1.00 22.16 ? 182 GLU A N   1 
ATOM   489 C CA  . GLU A 1 63  ? 19.841  2.701   3.959   1.00 19.93 ? 182 GLU A CA  1 
ATOM   490 C C   . GLU A 1 63  ? 18.817  3.828   4.015   1.00 20.21 ? 182 GLU A C   1 
ATOM   491 O O   . GLU A 1 63  ? 19.207  4.978   4.237   1.00 23.09 ? 182 GLU A O   1 
ATOM   492 C CB  . GLU A 1 63  ? 20.970  3.101   3.016   1.00 14.22 ? 182 GLU A CB  1 
ATOM   493 C CG  . GLU A 1 63  ? 22.128  2.139   3.004   1.00 16.86 ? 182 GLU A CG  1 
ATOM   494 C CD  . GLU A 1 63  ? 22.866  2.145   4.315   1.00 24.72 ? 182 GLU A CD  1 
ATOM   495 O OE1 . GLU A 1 63  ? 22.707  3.132   5.073   1.00 23.23 ? 182 GLU A OE1 1 
ATOM   496 O OE2 . GLU A 1 63  ? 23.590  1.161   4.592   1.00 31.38 ? 182 GLU A OE2 1 
ATOM   497 N N   . VAL A 1 64  ? 17.535  3.541   3.815   1.00 17.68 ? 183 VAL A N   1 
ATOM   498 C CA  . VAL A 1 64  ? 16.528  4.591   3.820   1.00 18.08 ? 183 VAL A CA  1 
ATOM   499 C C   . VAL A 1 64  ? 16.208  4.978   5.255   1.00 19.41 ? 183 VAL A C   1 
ATOM   500 O O   . VAL A 1 64  ? 16.276  4.163   6.185   1.00 25.41 ? 183 VAL A O   1 
ATOM   501 C CB  . VAL A 1 64  ? 15.263  4.158   3.052   1.00 20.80 ? 183 VAL A CB  1 
ATOM   502 C CG1 . VAL A 1 64  ? 14.427  3.193   3.866   1.00 13.11 ? 183 VAL A CG1 1 
ATOM   503 C CG2 . VAL A 1 64  ? 14.437  5.379   2.656   1.00 16.06 ? 183 VAL A CG2 1 
ATOM   504 N N   . GLU A 1 65  ? 15.894  6.256   5.436   1.00 15.17 ? 184 GLU A N   1 
ATOM   505 C CA  . GLU A 1 65  ? 15.472  6.760   6.731   1.00 20.16 ? 184 GLU A CA  1 
ATOM   506 C C   . GLU A 1 65  ? 14.157  6.108   7.132   1.00 24.46 ? 184 GLU A C   1 
ATOM   507 O O   . GLU A 1 65  ? 13.285  5.859   6.297   1.00 21.25 ? 184 GLU A O   1 
ATOM   508 C CB  . GLU A 1 65  ? 15.330  8.283   6.666   1.00 16.30 ? 184 GLU A CB  1 
ATOM   509 C CG  . GLU A 1 65  ? 16.655  8.972   6.441   1.00 16.59 ? 184 GLU A CG  1 
ATOM   510 C CD  . GLU A 1 65  ? 16.589  10.480  6.581   1.00 22.98 ? 184 GLU A CD  1 
ATOM   511 O OE1 . GLU A 1 65  ? 17.547  11.139  6.130   1.00 26.60 ? 184 GLU A OE1 1 
ATOM   512 O OE2 . GLU A 1 65  ? 15.598  11.008  7.136   1.00 26.81 ? 184 GLU A OE2 1 
ATOM   513 N N   . THR A 1 66  ? 14.019  5.815   8.421   1.00 26.71 ? 185 THR A N   1 
ATOM   514 C CA  . THR A 1 66  ? 12.844  5.080   8.862   1.00 19.93 ? 185 THR A CA  1 
ATOM   515 C C   . THR A 1 66  ? 11.555  5.868   8.676   1.00 23.31 ? 185 THR A C   1 
ATOM   516 O O   . THR A 1 66  ? 10.478  5.264   8.578   1.00 22.33 ? 185 THR A O   1 
ATOM   517 C CB  . THR A 1 66  ? 13.031  4.678   10.321  1.00 23.00 ? 185 THR A CB  1 
ATOM   518 O OG1 . THR A 1 66  ? 14.226  3.898   10.419  1.00 30.93 ? 185 THR A OG1 1 
ATOM   519 C CG2 . THR A 1 66  ? 11.848  3.837   10.809  1.00 24.23 ? 185 THR A CG2 1 
ATOM   520 N N   . ASN A 1 67  ? 11.624  7.196   8.595   1.00 26.87 ? 186 ASN A N   1 
ATOM   521 C CA  . ASN A 1 67  ? 10.375  7.933   8.450   1.00 27.22 ? 186 ASN A CA  1 
ATOM   522 C C   . ASN A 1 67  ? 9.737   7.752   7.079   1.00 22.68 ? 186 ASN A C   1 
ATOM   523 O O   . ASN A 1 67  ? 8.605   8.207   6.882   1.00 24.83 ? 186 ASN A O   1 
ATOM   524 C CB  . ASN A 1 67  ? 10.603  9.414   8.719   1.00 30.69 ? 186 ASN A CB  1 
ATOM   525 C CG  . ASN A 1 67  ? 11.668  9.989   7.843   1.00 33.70 ? 186 ASN A CG  1 
ATOM   526 O OD1 . ASN A 1 67  ? 12.842  10.017  8.225   1.00 40.12 ? 186 ASN A OD1 1 
ATOM   527 N ND2 . ASN A 1 67  ? 11.281  10.444  6.645   1.00 25.05 ? 186 ASN A ND2 1 
ATOM   528 N N   . VAL A 1 68  ? 10.419  7.111   6.127   1.00 18.02 ? 187 VAL A N   1 
ATOM   529 C CA  . VAL A 1 68  ? 9.762   6.830   4.860   1.00 17.10 ? 187 VAL A CA  1 
ATOM   530 C C   . VAL A 1 68  ? 8.524   5.970   5.077   1.00 19.27 ? 187 VAL A C   1 
ATOM   531 O O   . VAL A 1 68  ? 7.605   5.990   4.249   1.00 28.88 ? 187 VAL A O   1 
ATOM   532 C CB  . VAL A 1 68  ? 10.745  6.176   3.860   1.00 19.91 ? 187 VAL A CB  1 
ATOM   533 C CG1 . VAL A 1 68  ? 11.005  4.723   4.224   1.00 15.82 ? 187 VAL A CG1 1 
ATOM   534 C CG2 . VAL A 1 68  ? 10.198  6.276   2.438   1.00 11.85 ? 187 VAL A CG2 1 
ATOM   535 N N   . VAL A 1 69  ? 8.462   5.223   6.182   1.00 26.02 ? 188 VAL A N   1 
ATOM   536 C CA  . VAL A 1 69  ? 7.248   4.474   6.482   1.00 24.82 ? 188 VAL A CA  1 
ATOM   537 C C   . VAL A 1 69  ? 6.089   5.433   6.695   1.00 27.72 ? 188 VAL A C   1 
ATOM   538 O O   . VAL A 1 69  ? 4.995   5.245   6.149   1.00 23.18 ? 188 VAL A O   1 
ATOM   539 C CB  . VAL A 1 69  ? 7.446   3.561   7.700   1.00 23.98 ? 188 VAL A CB  1 
ATOM   540 C CG1 . VAL A 1 69  ? 6.078   3.041   8.162   1.00 19.88 ? 188 VAL A CG1 1 
ATOM   541 C CG2 . VAL A 1 69  ? 8.406   2.408   7.353   1.00 15.14 ? 188 VAL A CG2 1 
ATOM   542 N N   . ASP A 1 70  ? 6.322   6.488   7.480   1.00 24.28 ? 189 ASP A N   1 
ATOM   543 C CA  . ASP A 1 70  ? 5.271   7.477   7.699   1.00 25.53 ? 189 ASP A CA  1 
ATOM   544 C C   . ASP A 1 70  ? 4.895   8.168   6.394   1.00 24.58 ? 189 ASP A C   1 
ATOM   545 O O   . ASP A 1 70  ? 3.707   8.356   6.103   1.00 31.38 ? 189 ASP A O   1 
ATOM   546 C CB  . ASP A 1 70  ? 5.710   8.504   8.746   1.00 28.04 ? 189 ASP A CB  1 
ATOM   547 C CG  . ASP A 1 70  ? 6.316   7.858   9.989   1.00 37.58 ? 189 ASP A CG  1 
ATOM   548 O OD1 . ASP A 1 70  ? 7.367   8.346   10.444  1.00 40.86 ? 189 ASP A OD1 1 
ATOM   549 O OD2 . ASP A 1 70  ? 5.753   6.869   10.518  1.00 38.95 ? 189 ASP A OD2 1 
ATOM   550 N N   . VAL A 1 71  ? 5.896   8.545   5.594   1.00 18.90 ? 190 VAL A N   1 
ATOM   551 C CA  . VAL A 1 71  ? 5.633   9.171   4.301   1.00 16.53 ? 190 VAL A CA  1 
ATOM   552 C C   . VAL A 1 71  ? 4.648   8.329   3.507   1.00 26.59 ? 190 VAL A C   1 
ATOM   553 O O   . VAL A 1 71  ? 3.660   8.835   2.954   1.00 22.21 ? 190 VAL A O   1 
ATOM   554 C CB  . VAL A 1 71  ? 6.947   9.357   3.522   1.00 13.17 ? 190 VAL A CB  1 
ATOM   555 C CG1 . VAL A 1 71  ? 6.676   9.891   2.113   1.00 12.45 ? 190 VAL A CG1 1 
ATOM   556 C CG2 . VAL A 1 71  ? 7.926   10.230  4.296   1.00 13.94 ? 190 VAL A CG2 1 
ATOM   557 N N   . TYR A 1 72  ? 4.887   7.013   3.471   1.00 23.41 ? 191 TYR A N   1 
ATOM   558 C CA  . TYR A 1 72  ? 4.095   6.157   2.599   1.00 16.91 ? 191 TYR A CA  1 
ATOM   559 C C   . TYR A 1 72  ? 2.760   5.778   3.215   1.00 17.67 ? 191 TYR A C   1 
ATOM   560 O O   . TYR A 1 72  ? 1.774   5.658   2.482   1.00 14.07 ? 191 TYR A O   1 
ATOM   561 C CB  . TYR A 1 72  ? 4.899   4.920   2.212   1.00 14.73 ? 191 TYR A CB  1 
ATOM   562 C CG  . TYR A 1 72  ? 5.679   5.208   0.957   1.00 13.12 ? 191 TYR A CG  1 
ATOM   563 C CD1 . TYR A 1 72  ? 5.147   4.933   -0.306  1.00 14.84 ? 191 TYR A CD1 1 
ATOM   564 C CD2 . TYR A 1 72  ? 6.914   5.813   1.030   1.00 10.93 ? 191 TYR A CD2 1 
ATOM   565 C CE1 . TYR A 1 72  ? 5.850   5.229   -1.449  1.00 14.57 ? 191 TYR A CE1 1 
ATOM   566 C CE2 . TYR A 1 72  ? 7.615   6.124   -0.110  1.00 14.97 ? 191 TYR A CE2 1 
ATOM   567 C CZ  . TYR A 1 72  ? 7.092   5.841   -1.337  1.00 13.65 ? 191 TYR A CZ  1 
ATOM   568 O OH  . TYR A 1 72  ? 7.841   6.148   -2.453  1.00 14.25 ? 191 TYR A OH  1 
ATOM   569 N N   . ILE A 1 73  ? 2.699   5.607   4.546   1.00 18.89 ? 192 ILE A N   1 
ATOM   570 C CA  . ILE A 1 73  ? 1.406   5.481   5.211   1.00 16.99 ? 192 ILE A CA  1 
ATOM   571 C C   . ILE A 1 73  ? 0.505   6.630   4.797   1.00 24.12 ? 192 ILE A C   1 
ATOM   572 O O   . ILE A 1 73  ? -0.684  6.440   4.504   1.00 25.52 ? 192 ILE A O   1 
ATOM   573 C CB  . ILE A 1 73  ? 1.573   5.425   6.744   1.00 20.74 ? 192 ILE A CB  1 
ATOM   574 C CG1 . ILE A 1 73  ? 2.202   4.093   7.179   1.00 22.21 ? 192 ILE A CG1 1 
ATOM   575 C CG2 . ILE A 1 73  ? 0.219   5.623   7.426   1.00 18.43 ? 192 ILE A CG2 1 
ATOM   576 C CD1 . ILE A 1 73  ? 1.263   2.865   7.092   1.00 15.09 ? 192 ILE A CD1 1 
ATOM   577 N N   . ARG A 1 74  ? 1.067   7.839   4.717   1.00 26.54 ? 193 ARG A N   1 
ATOM   578 C CA  . ARG A 1 74  ? 0.262   8.982   4.300   1.00 28.52 ? 193 ARG A CA  1 
ATOM   579 C C   . ARG A 1 74  ? -0.091  8.908   2.814   1.00 22.30 ? 193 ARG A C   1 
ATOM   580 O O   . ARG A 1 74  ? -1.208  9.271   2.422   1.00 21.44 ? 193 ARG A O   1 
ATOM   581 C CB  . ARG A 1 74  ? 0.984   10.290  4.621   1.00 32.36 ? 193 ARG A CB  1 
ATOM   582 C CG  . ARG A 1 74  ? 0.116   11.493  4.347   1.00 56.55 ? 193 ARG A CG  1 
ATOM   583 C CD  . ARG A 1 74  ? 0.792   12.490  3.433   1.00 69.33 ? 193 ARG A CD  1 
ATOM   584 N NE  . ARG A 1 74  ? 1.966   13.094  4.050   1.00 79.33 ? 193 ARG A NE  1 
ATOM   585 C CZ  . ARG A 1 74  ? 3.216   12.883  3.654   1.00 80.65 ? 193 ARG A CZ  1 
ATOM   586 N NH1 . ARG A 1 74  ? 4.217   13.495  4.271   1.00 80.85 ? 193 ARG A NH1 1 
ATOM   587 N NH2 . ARG A 1 74  ? 3.458   12.070  2.641   1.00 83.18 ? 193 ARG A NH2 1 
ATOM   588 N N   . TYR A 1 75  ? 0.847   8.470   1.962   1.00 24.33 ? 194 TYR A N   1 
ATOM   589 C CA  . TYR A 1 75  ? 0.504   8.274   0.552   1.00 21.05 ? 194 TYR A CA  1 
ATOM   590 C C   . TYR A 1 75  ? -0.631  7.277   0.423   1.00 21.56 ? 194 TYR A C   1 
ATOM   591 O O   . TYR A 1 75  ? -1.521  7.439   -0.417  1.00 16.64 ? 194 TYR A O   1 
ATOM   592 C CB  . TYR A 1 75  ? 1.707   7.773   -0.256  1.00 18.26 ? 194 TYR A CB  1 
ATOM   593 C CG  . TYR A 1 75  ? 2.825   8.768   -0.453  1.00 24.79 ? 194 TYR A CG  1 
ATOM   594 C CD1 . TYR A 1 75  ? 2.699   10.084  -0.025  1.00 19.75 ? 194 TYR A CD1 1 
ATOM   595 C CD2 . TYR A 1 75  ? 4.016   8.385   -1.071  1.00 24.31 ? 194 TYR A CD2 1 
ATOM   596 C CE1 . TYR A 1 75  ? 3.734   10.992  -0.205  1.00 31.65 ? 194 TYR A CE1 1 
ATOM   597 C CE2 . TYR A 1 75  ? 5.062   9.285   -1.256  1.00 27.79 ? 194 TYR A CE2 1 
ATOM   598 C CZ  . TYR A 1 75  ? 4.913   10.587  -0.818  1.00 35.31 ? 194 TYR A CZ  1 
ATOM   599 O OH  . TYR A 1 75  ? 5.932   11.490  -0.990  1.00 32.65 ? 194 TYR A OH  1 
ATOM   600 N N   . LEU A 1 76  ? -0.603  6.226   1.242   1.00 19.65 ? 195 LEU A N   1 
ATOM   601 C CA  . LEU A 1 76  ? -1.614  5.182   1.160   1.00 20.51 ? 195 LEU A CA  1 
ATOM   602 C C   . LEU A 1 76  ? -2.969  5.707   1.631   1.00 24.03 ? 195 LEU A C   1 
ATOM   603 O O   . LEU A 1 76  ? -3.987  5.533   0.950   1.00 24.51 ? 195 LEU A O   1 
ATOM   604 C CB  . LEU A 1 76  ? -1.153  3.986   1.990   1.00 23.58 ? 195 LEU A CB  1 
ATOM   605 C CG  . LEU A 1 76  ? -1.694  2.587   1.738   1.00 33.04 ? 195 LEU A CG  1 
ATOM   606 C CD1 . LEU A 1 76  ? -1.846  2.317   0.256   1.00 34.55 ? 195 LEU A CD1 1 
ATOM   607 C CD2 . LEU A 1 76  ? -0.750  1.578   2.385   1.00 24.26 ? 195 LEU A CD2 1 
ATOM   608 N N   . ARG A 1 77  ? -2.988  6.389   2.779   1.00 26.88 ? 196 ARG A N   1 
ATOM   609 C CA  . ARG A 1 77  ? -4.220  6.990   3.281   1.00 15.92 ? 196 ARG A CA  1 
ATOM   610 C C   . ARG A 1 77  ? -4.830  7.943   2.259   1.00 21.89 ? 196 ARG A C   1 
ATOM   611 O O   . ARG A 1 77  ? -6.043  7.930   2.026   1.00 27.52 ? 196 ARG A O   1 
ATOM   612 C CB  . ARG A 1 77  ? -3.938  7.726   4.587   1.00 15.21 ? 196 ARG A CB  1 
ATOM   613 C CG  . ARG A 1 77  ? -3.901  6.839   5.807   1.00 19.00 ? 196 ARG A CG  1 
ATOM   614 C CD  . ARG A 1 77  ? -3.461  7.631   7.038   1.00 24.61 ? 196 ARG A CD  1 
ATOM   615 N NE  . ARG A 1 77  ? -3.426  6.788   8.227   1.00 25.45 ? 196 ARG A NE  1 
ATOM   616 C CZ  . ARG A 1 77  ? -2.619  6.996   9.258   1.00 30.65 ? 196 ARG A CZ  1 
ATOM   617 N NH1 . ARG A 1 77  ? -2.639  6.172   10.301  1.00 33.54 ? 196 ARG A NH1 1 
ATOM   618 N NH2 . ARG A 1 77  ? -1.787  8.026   9.236   1.00 34.22 ? 196 ARG A NH2 1 
ATOM   619 N N   . ASN A 1 78  ? -4.002  8.790   1.647   1.00 18.49 ? 197 ASN A N   1 
ATOM   620 C CA  . ASN A 1 78  ? -4.505  9.681   0.607   1.00 20.97 ? 197 ASN A CA  1 
ATOM   621 C C   . ASN A 1 78  ? -5.098  8.905   -0.559  1.00 23.69 ? 197 ASN A C   1 
ATOM   622 O O   . ASN A 1 78  ? -6.044  9.379   -1.194  1.00 24.72 ? 197 ASN A O   1 
ATOM   623 C CB  . ASN A 1 78  ? -3.392  10.600  0.104   1.00 22.15 ? 197 ASN A CB  1 
ATOM   624 C CG  . ASN A 1 78  ? -2.977  11.623  1.134   1.00 32.44 ? 197 ASN A CG  1 
ATOM   625 O OD1 . ASN A 1 78  ? -3.674  11.840  2.122   1.00 37.92 ? 197 ASN A OD1 1 
ATOM   626 N ND2 . ASN A 1 78  ? -1.837  12.256  0.911   1.00 37.16 ? 197 ASN A ND2 1 
ATOM   627 N N   . LYS A 1 79  ? -4.543  7.726   -0.875  1.00 27.24 ? 198 LYS A N   1 
ATOM   628 C CA  . LYS A 1 79  ? -5.110  6.919   -1.954  1.00 19.03 ? 198 LYS A CA  1 
ATOM   629 C C   . LYS A 1 79  ? -6.448  6.315   -1.547  1.00 24.72 ? 198 LYS A C   1 
ATOM   630 O O   . LYS A 1 79  ? -7.331  6.130   -2.396  1.00 25.05 ? 198 LYS A O   1 
ATOM   631 C CB  . LYS A 1 79  ? -4.137  5.809   -2.366  1.00 18.15 ? 198 LYS A CB  1 
ATOM   632 C CG  . LYS A 1 79  ? -3.033  6.239   -3.354  1.00 20.20 ? 198 LYS A CG  1 
ATOM   633 C CD  . LYS A 1 79  ? -3.583  6.425   -4.773  1.00 11.45 ? 198 LYS A CD  1 
ATOM   634 C CE  . LYS A 1 79  ? -2.491  6.927   -5.695  1.00 15.86 ? 198 LYS A CE  1 
ATOM   635 N NZ  . LYS A 1 79  ? -2.804  6.694   -7.128  1.00 25.46 ? 198 LYS A NZ  1 
ATOM   636 N N   . LEU A 1 80  ? -6.624  6.013   -0.260  1.00 19.44 ? 199 LEU A N   1 
ATOM   637 C CA  . LEU A 1 80  ? -7.842  5.374   0.201   1.00 24.09 ? 199 LEU A CA  1 
ATOM   638 C C   . LEU A 1 80  ? -8.948  6.365   0.540   1.00 25.85 ? 199 LEU A C   1 
ATOM   639 O O   . LEU A 1 80  ? -10.117 5.960   0.603   1.00 31.25 ? 199 LEU A O   1 
ATOM   640 C CB  . LEU A 1 80  ? -7.537  4.495   1.420   1.00 27.28 ? 199 LEU A CB  1 
ATOM   641 C CG  . LEU A 1 80  ? -6.619  3.282   1.200   1.00 15.95 ? 199 LEU A CG  1 
ATOM   642 C CD1 . LEU A 1 80  ? -6.099  2.772   2.538   1.00 22.16 ? 199 LEU A CD1 1 
ATOM   643 C CD2 . LEU A 1 80  ? -7.380  2.196   0.504   1.00 16.97 ? 199 LEU A CD2 1 
ATOM   644 N N   . LYS A 1 81  ? -8.617  7.644   0.760   1.00 24.40 ? 200 LYS A N   1 
ATOM   645 C CA  . LYS A 1 81  ? -9.649  8.621   1.126   1.00 33.92 ? 200 LYS A CA  1 
ATOM   646 C C   . LYS A 1 81  ? -10.774 8.713   0.109   1.00 29.87 ? 200 LYS A C   1 
ATOM   647 O O   . LYS A 1 81  ? -11.947 8.653   0.522   1.00 28.01 ? 200 LYS A O   1 
ATOM   648 C CB  . LYS A 1 81  ? -9.035  10.008  1.372   1.00 34.33 ? 200 LYS A CB  1 
ATOM   649 C CG  . LYS A 1 81  ? -8.562  10.254  2.800   1.00 36.20 ? 200 LYS A CG  1 
ATOM   650 C CD  . LYS A 1 81  ? -7.787  11.577  2.922   1.00 45.17 ? 200 LYS A CD  1 
ATOM   651 C CE  . LYS A 1 81  ? -6.454  11.385  3.675   1.00 41.82 ? 200 LYS A CE  1 
ATOM   652 N NZ  . LYS A 1 81  ? -6.173  12.333  4.798   1.00 41.86 ? 200 LYS A NZ  1 
ATOM   653 N N   . PRO A 1 82  ? -10.524 8.849   -1.201  1.00 24.68 ? 201 PRO A N   1 
ATOM   654 C CA  . PRO A 1 82  ? -11.651 8.960   -2.146  1.00 17.14 ? 201 PRO A CA  1 
ATOM   655 C C   . PRO A 1 82  ? -12.625 7.800   -2.058  1.00 23.08 ? 201 PRO A C   1 
ATOM   656 O O   . PRO A 1 82  ? -13.740 7.898   -2.587  1.00 23.23 ? 201 PRO A O   1 
ATOM   657 C CB  . PRO A 1 82  ? -10.967 9.000   -3.526  1.00 18.84 ? 201 PRO A CB  1 
ATOM   658 C CG  . PRO A 1 82  ? -9.575  9.388   -3.280  1.00 22.34 ? 201 PRO A CG  1 
ATOM   659 C CD  . PRO A 1 82  ? -9.224  8.851   -1.905  1.00 27.49 ? 201 PRO A CD  1 
ATOM   660 N N   . TYR A 1 83  ? -12.239 6.696   -1.423  1.00 29.73 ? 202 TYR A N   1 
ATOM   661 C CA  . TYR A 1 83  ? -13.102 5.532   -1.294  1.00 25.25 ? 202 TYR A CA  1 
ATOM   662 C C   . TYR A 1 83  ? -13.518 5.274   0.147   1.00 24.22 ? 202 TYR A C   1 
ATOM   663 O O   . TYR A 1 83  ? -14.038 4.196   0.450   1.00 32.06 ? 202 TYR A O   1 
ATOM   664 C CB  . TYR A 1 83  ? -12.407 4.307   -1.889  1.00 18.93 ? 202 TYR A CB  1 
ATOM   665 C CG  . TYR A 1 83  ? -12.185 4.437   -3.384  1.00 25.16 ? 202 TYR A CG  1 
ATOM   666 C CD1 . TYR A 1 83  ? -13.170 4.054   -4.283  1.00 26.95 ? 202 TYR A CD1 1 
ATOM   667 C CD2 . TYR A 1 83  ? -10.996 4.955   -3.892  1.00 26.27 ? 202 TYR A CD2 1 
ATOM   668 C CE1 . TYR A 1 83  ? -12.980 4.177   -5.640  1.00 31.62 ? 202 TYR A CE1 1 
ATOM   669 C CE2 . TYR A 1 83  ? -10.799 5.081   -5.253  1.00 28.02 ? 202 TYR A CE2 1 
ATOM   670 C CZ  . TYR A 1 83  ? -11.798 4.687   -6.121  1.00 30.47 ? 202 TYR A CZ  1 
ATOM   671 O OH  . TYR A 1 83  ? -11.619 4.797   -7.482  1.00 43.03 ? 202 TYR A OH  1 
ATOM   672 N N   . ASP A 1 84  ? -13.307 6.241   1.036   1.00 21.39 ? 203 ASP A N   1 
ATOM   673 C CA  . ASP A 1 84  ? -13.716 6.130   2.433   1.00 29.06 ? 203 ASP A CA  1 
ATOM   674 C C   . ASP A 1 84  ? -13.206 4.828   3.042   1.00 26.04 ? 203 ASP A C   1 
ATOM   675 O O   . ASP A 1 84  ? -13.940 4.081   3.686   1.00 23.67 ? 203 ASP A O   1 
ATOM   676 C CB  . ASP A 1 84  ? -15.234 6.253   2.574   1.00 40.60 ? 203 ASP A CB  1 
ATOM   677 C CG  . ASP A 1 84  ? -15.766 7.564   2.013   1.00 50.15 ? 203 ASP A CG  1 
ATOM   678 O OD1 . ASP A 1 84  ? -15.829 8.551   2.778   1.00 51.52 ? 203 ASP A OD1 1 
ATOM   679 O OD2 . ASP A 1 84  ? -16.108 7.604   0.803   1.00 50.06 ? 203 ASP A OD2 1 
ATOM   680 N N   . ARG A 1 85  ? -11.923 4.549   2.806   1.00 23.18 ? 204 ARG A N   1 
ATOM   681 C CA  . ARG A 1 85  ? -11.252 3.414   3.416   1.00 22.19 ? 204 ARG A CA  1 
ATOM   682 C C   . ARG A 1 85  ? -10.022 3.833   4.218   1.00 25.99 ? 204 ARG A C   1 
ATOM   683 O O   . ARG A 1 85  ? -9.402  2.976   4.865   1.00 28.59 ? 204 ARG A O   1 
ATOM   684 C CB  . ARG A 1 85  ? -10.855 2.376   2.343   1.00 25.71 ? 204 ARG A CB  1 
ATOM   685 C CG  . ARG A 1 85  ? -11.992 1.827   1.456   1.00 20.18 ? 204 ARG A CG  1 
ATOM   686 C CD  . ARG A 1 85  ? -13.077 1.179   2.274   1.00 29.17 ? 204 ARG A CD  1 
ATOM   687 N NE  . ARG A 1 85  ? -13.804 0.100   1.601   1.00 34.49 ? 204 ARG A NE  1 
ATOM   688 C CZ  . ARG A 1 85  ? -14.693 0.267   0.614   1.00 38.89 ? 204 ARG A CZ  1 
ATOM   689 N NH1 . ARG A 1 85  ? -14.975 1.484   0.129   1.00 18.87 ? 204 ARG A NH1 1 
ATOM   690 N NH2 . ARG A 1 85  ? -15.307 -0.802  0.105   1.00 34.82 ? 204 ARG A NH2 1 
ATOM   691 N N   . ASP A 1 86  ? -9.680  5.129   4.225   1.00 22.38 ? 205 ASP A N   1 
ATOM   692 C CA  . ASP A 1 86  ? -8.412  5.583   4.801   1.00 36.02 ? 205 ASP A CA  1 
ATOM   693 C C   . ASP A 1 86  ? -8.341  5.303   6.295   1.00 40.83 ? 205 ASP A C   1 
ATOM   694 O O   . ASP A 1 86  ? -7.263  5.000   6.828   1.00 36.88 ? 205 ASP A O   1 
ATOM   695 C CB  . ASP A 1 86  ? -8.214  7.080   4.541   1.00 24.37 ? 205 ASP A CB  1 
ATOM   696 C CG  . ASP A 1 86  ? -9.383  7.923   5.039   1.00 37.46 ? 205 ASP A CG  1 
ATOM   697 O OD1 . ASP A 1 86  ? -10.545 7.656   4.649   1.00 30.73 ? 205 ASP A OD1 1 
ATOM   698 O OD2 . ASP A 1 86  ? -9.137  8.868   5.816   1.00 42.88 ? 205 ASP A OD2 1 
ATOM   699 N N   . LYS A 1 87  ? -9.474  5.408   6.990   1.00 29.74 ? 206 LYS A N   1 
ATOM   700 C CA  . LYS A 1 87  ? -9.447  5.243   8.435   1.00 29.46 ? 206 LYS A CA  1 
ATOM   701 C C   . LYS A 1 87  ? -9.108  3.823   8.859   1.00 27.76 ? 206 LYS A C   1 
ATOM   702 O O   . LYS A 1 87  ? -8.896  3.593   10.057  1.00 38.06 ? 206 LYS A O   1 
ATOM   703 C CB  . LYS A 1 87  ? -10.784 5.664   9.041   1.00 29.98 ? 206 LYS A CB  1 
ATOM   704 C CG  . LYS A 1 87  ? -10.945 7.171   9.135   1.00 36.38 ? 206 LYS A CG  1 
ATOM   705 C CD  . LYS A 1 87  ? -9.670  7.805   9.667   1.00 39.55 ? 206 LYS A CD  1 
ATOM   706 C CE  . LYS A 1 87  ? -9.864  9.279   10.004  1.00 43.36 ? 206 LYS A CE  1 
ATOM   707 N NZ  . LYS A 1 87  ? -10.053 10.102  8.772   1.00 45.67 ? 206 LYS A NZ  1 
ATOM   708 N N   . MET A 1 88  ? -9.040  2.876   7.915   1.00 21.31 ? 207 MET A N   1 
ATOM   709 C CA  . MET A 1 88  ? -8.686  1.502   8.268   1.00 29.21 ? 207 MET A CA  1 
ATOM   710 C C   . MET A 1 88  ? -7.215  1.367   8.635   1.00 32.02 ? 207 MET A C   1 
ATOM   711 O O   . MET A 1 88  ? -6.847  0.417   9.338   1.00 38.65 ? 207 MET A O   1 
ATOM   712 C CB  . MET A 1 88  ? -9.022  0.551   7.117   1.00 31.55 ? 207 MET A CB  1 
ATOM   713 C CG  . MET A 1 88  ? -7.905  0.379   6.117   1.00 35.77 ? 207 MET A CG  1 
ATOM   714 S SD  . MET A 1 88  ? -8.453  -0.342  4.562   1.00 37.78 ? 207 MET A SD  1 
ATOM   715 C CE  . MET A 1 88  ? -8.053  -2.070  4.813   1.00 36.04 ? 207 MET A CE  1 
ATOM   716 N N   . ILE A 1 89  ? -6.376  2.292   8.176   1.00 21.80 ? 208 ILE A N   1 
ATOM   717 C CA  . ILE A 1 89  ? -4.959  2.331   8.521   1.00 25.18 ? 208 ILE A CA  1 
ATOM   718 C C   . ILE A 1 89  ? -4.820  3.262   9.713   1.00 25.32 ? 208 ILE A C   1 
ATOM   719 O O   . ILE A 1 89  ? -4.936  4.483   9.562   1.00 32.28 ? 208 ILE A O   1 
ATOM   720 C CB  . ILE A 1 89  ? -4.102  2.824   7.344   1.00 19.33 ? 208 ILE A CB  1 
ATOM   721 C CG1 . ILE A 1 89  ? -4.252  1.896   6.128   1.00 21.43 ? 208 ILE A CG1 1 
ATOM   722 C CG2 . ILE A 1 89  ? -2.650  2.975   7.774   1.00 16.83 ? 208 ILE A CG2 1 
ATOM   723 C CD1 . ILE A 1 89  ? -3.207  2.115   5.082   1.00 25.40 ? 208 ILE A CD1 1 
ATOM   724 N N   . GLU A 1 90  ? -4.575  2.713   10.904  1.00 25.79 ? 209 GLU A N   1 
ATOM   725 C CA  . GLU A 1 90  ? -4.494  3.564   12.081  1.00 40.30 ? 209 GLU A CA  1 
ATOM   726 C C   . GLU A 1 90  ? -3.097  3.562   12.685  1.00 42.47 ? 209 GLU A C   1 
ATOM   727 O O   . GLU A 1 90  ? -2.352  2.578   12.600  1.00 35.03 ? 209 GLU A O   1 
ATOM   728 C CB  . GLU A 1 90  ? -5.521  3.194   13.163  1.00 46.17 ? 209 GLU A CB  1 
ATOM   729 C CG  . GLU A 1 90  ? -5.843  1.731   13.373  1.00 59.00 ? 209 GLU A CG  1 
ATOM   730 C CD  . GLU A 1 90  ? -7.027  1.549   14.330  1.00 62.58 ? 209 GLU A CD  1 
ATOM   731 O OE1 . GLU A 1 90  ? -7.525  2.574   14.840  1.00 61.40 ? 209 GLU A OE1 1 
ATOM   732 O OE2 . GLU A 1 90  ? -7.460  0.398   14.569  1.00 56.92 ? 209 GLU A OE2 1 
ATOM   733 N N   . THR A 1 91  ? -2.765  4.703   13.288  1.00 42.43 ? 210 THR A N   1 
ATOM   734 C CA  . THR A 1 91  ? -1.497  4.915   13.963  1.00 38.34 ? 210 THR A CA  1 
ATOM   735 C C   . THR A 1 91  ? -1.577  4.432   15.403  1.00 41.04 ? 210 THR A C   1 
ATOM   736 O O   . THR A 1 91  ? -2.557  4.686   16.105  1.00 46.12 ? 210 THR A O   1 
ATOM   737 C CB  . THR A 1 91  ? -1.115  6.396   13.943  1.00 37.25 ? 210 THR A CB  1 
ATOM   738 O OG1 . THR A 1 91  ? -1.357  6.940   12.640  1.00 38.69 ? 210 THR A OG1 1 
ATOM   739 C CG2 . THR A 1 91  ? 0.360   6.586   14.324  1.00 43.60 ? 210 THR A CG2 1 
ATOM   740 N N   . VAL A 1 92  ? -0.547  3.716   15.830  1.00 47.43 ? 211 VAL A N   1 
ATOM   741 C CA  . VAL A 1 92  ? -0.331  3.435   17.242  1.00 58.00 ? 211 VAL A CA  1 
ATOM   742 C C   . VAL A 1 92  ? 0.818   4.335   17.672  1.00 65.58 ? 211 VAL A C   1 
ATOM   743 O O   . VAL A 1 92  ? 1.991   3.994   17.473  1.00 67.18 ? 211 VAL A O   1 
ATOM   744 C CB  . VAL A 1 92  ? -0.008  1.949   17.490  1.00 58.17 ? 211 VAL A CB  1 
ATOM   745 C CG1 . VAL A 1 92  ? 0.312   1.711   18.954  1.00 58.58 ? 211 VAL A CG1 1 
ATOM   746 C CG2 . VAL A 1 92  ? -1.151  1.060   17.001  1.00 50.39 ? 211 VAL A CG2 1 
ATOM   747 N N   . ARG A 1 93  ? 0.491   5.513   18.200  1.00 63.52 ? 212 ARG A N   1 
ATOM   748 C CA  . ARG A 1 93  ? 1.512   6.488   18.565  1.00 56.65 ? 212 ARG A CA  1 
ATOM   749 C C   . ARG A 1 93  ? 2.572   5.823   19.424  1.00 54.65 ? 212 ARG A C   1 
ATOM   750 O O   . ARG A 1 93  ? 2.273   5.299   20.500  1.00 60.46 ? 212 ARG A O   1 
ATOM   751 C CB  . ARG A 1 93  ? 0.875   7.671   19.303  1.00 54.15 ? 212 ARG A CB  1 
ATOM   752 N N   . GLY A 1 94  ? 3.799   5.792   18.913  1.00 58.36 ? 213 GLY A N   1 
ATOM   753 C CA  . GLY A 1 94  ? 4.927   5.217   19.611  1.00 62.67 ? 213 GLY A CA  1 
ATOM   754 C C   . GLY A 1 94  ? 5.386   3.879   19.073  1.00 64.14 ? 213 GLY A C   1 
ATOM   755 O O   . GLY A 1 94  ? 6.547   3.503   19.296  1.00 66.30 ? 213 GLY A O   1 
ATOM   756 N N   . VAL A 1 95  ? 4.523   3.153   18.365  1.00 61.63 ? 214 VAL A N   1 
ATOM   757 C CA  . VAL A 1 95  ? 4.865   1.817   17.886  1.00 57.97 ? 214 VAL A CA  1 
ATOM   758 C C   . VAL A 1 95  ? 4.922   1.783   16.362  1.00 60.37 ? 214 VAL A C   1 
ATOM   759 O O   . VAL A 1 95  ? 5.995   1.659   15.758  1.00 60.89 ? 214 VAL A O   1 
ATOM   760 C CB  . VAL A 1 95  ? 3.852   0.787   18.411  1.00 53.50 ? 214 VAL A CB  1 
ATOM   761 C CG1 . VAL A 1 95  ? 4.247   -0.610  17.968  1.00 52.92 ? 214 VAL A CG1 1 
ATOM   762 C CG2 . VAL A 1 95  ? 3.737   0.881   19.929  1.00 54.69 ? 214 VAL A CG2 1 
ATOM   763 N N   . GLY A 1 96  ? 3.763   1.892   15.734  1.00 54.57 ? 215 GLY A N   1 
ATOM   764 C CA  . GLY A 1 96  ? 3.681   1.779   14.302  1.00 45.65 ? 215 GLY A CA  1 
ATOM   765 C C   . GLY A 1 96  ? 2.256   1.932   13.820  1.00 39.37 ? 215 GLY A C   1 
ATOM   766 O O   . GLY A 1 96  ? 1.559   2.885   14.184  1.00 38.00 ? 215 GLY A O   1 
ATOM   767 N N   . TYR A 1 97  ? 1.809   0.974   13.019  1.00 28.23 ? 216 TYR A N   1 
ATOM   768 C CA  . TYR A 1 97  ? 0.571   1.098   12.277  1.00 27.19 ? 216 TYR A CA  1 
ATOM   769 C C   . TYR A 1 97  ? -0.137  -0.246  12.268  1.00 31.27 ? 216 TYR A C   1 
ATOM   770 O O   . TYR A 1 97  ? 0.492   -1.300  12.417  1.00 38.30 ? 216 TYR A O   1 
ATOM   771 C CB  . TYR A 1 97  ? 0.859   1.581   10.856  1.00 22.50 ? 216 TYR A CB  1 
ATOM   772 C CG  . TYR A 1 97  ? 1.515   2.944   10.822  1.00 28.37 ? 216 TYR A CG  1 
ATOM   773 C CD1 . TYR A 1 97  ? 0.739   4.100   10.828  1.00 30.27 ? 216 TYR A CD1 1 
ATOM   774 C CD2 . TYR A 1 97  ? 2.900   3.083   10.788  1.00 27.08 ? 216 TYR A CD2 1 
ATOM   775 C CE1 . TYR A 1 97  ? 1.315   5.352   10.798  1.00 23.73 ? 216 TYR A CE1 1 
ATOM   776 C CE2 . TYR A 1 97  ? 3.486   4.338   10.754  1.00 20.85 ? 216 TYR A CE2 1 
ATOM   777 C CZ  . TYR A 1 97  ? 2.680   5.469   10.753  1.00 23.65 ? 216 TYR A CZ  1 
ATOM   778 O OH  . TYR A 1 97  ? 3.225   6.736   10.720  1.00 27.87 ? 216 TYR A OH  1 
ATOM   779 N N   . VAL A 1 98  ? -1.461  -0.208  12.108  1.00 23.27 ? 217 VAL A N   1 
ATOM   780 C CA  . VAL A 1 98  ? -2.233  -1.442  12.076  1.00 29.16 ? 217 VAL A CA  1 
ATOM   781 C C   . VAL A 1 98  ? -3.498  -1.229  11.254  1.00 32.42 ? 217 VAL A C   1 
ATOM   782 O O   . VAL A 1 98  ? -4.009  -0.109  11.136  1.00 38.94 ? 217 VAL A O   1 
ATOM   783 C CB  . VAL A 1 98  ? -2.554  -1.936  13.511  1.00 35.37 ? 217 VAL A CB  1 
ATOM   784 C CG1 . VAL A 1 98  ? -3.631  -1.074  14.170  1.00 22.06 ? 217 VAL A CG1 1 
ATOM   785 C CG2 . VAL A 1 98  ? -2.940  -3.422  13.504  1.00 40.72 ? 217 VAL A CG2 1 
ATOM   786 N N   . ILE A 1 99  ? -3.977  -2.315  10.651  1.00 33.63 ? 218 ILE A N   1 
ATOM   787 C CA  . ILE A 1 99  ? -5.320  -2.389  10.084  1.00 37.59 ? 218 ILE A CA  1 
ATOM   788 C C   . ILE A 1 99  ? -6.175  -3.205  11.042  1.00 39.68 ? 218 ILE A C   1 
ATOM   789 O O   . ILE A 1 99  ? -5.803  -4.329  11.416  1.00 38.97 ? 218 ILE A O   1 
ATOM   790 C CB  . ILE A 1 99  ? -5.311  -3.023  8.676   1.00 27.20 ? 218 ILE A CB  1 
ATOM   791 C CG1 . ILE A 1 99  ? -4.444  -2.206  7.716   1.00 24.27 ? 218 ILE A CG1 1 
ATOM   792 C CG2 . ILE A 1 99  ? -6.752  -3.211  8.139   1.00 17.88 ? 218 ILE A CG2 1 
ATOM   793 C CD1 . ILE A 1 99  ? -4.591  -2.600  6.255   1.00 27.10 ? 218 ILE A CD1 1 
ATOM   794 N N   . ARG A 1 100 ? -7.309  -2.645  11.452  1.00 46.31 ? 219 ARG A N   1 
ATOM   795 C CA  . ARG A 1 100 ? -8.274  -3.407  12.238  1.00 54.59 ? 219 ARG A CA  1 
ATOM   796 C C   . ARG A 1 100 ? -9.610  -3.476  11.516  1.00 60.71 ? 219 ARG A C   1 
ATOM   797 O O   . ARG A 1 100 ? -9.922  -4.485  10.887  1.00 64.19 ? 219 ARG A O   1 
ATOM   798 C CB  . ARG A 1 100 ? -8.453  -2.798  13.625  1.00 48.52 ? 219 ARG A CB  1 
ATOM   799 C CG  . ARG A 1 100 ? -7.459  -3.317  14.638  1.00 48.64 ? 219 ARG A CG  1 
ATOM   800 C CD  . ARG A 1 100 ? -7.303  -2.325  15.782  1.00 49.14 ? 219 ARG A CD  1 
ATOM   801 N NE  . ARG A 1 100 ? -6.236  -2.689  16.713  1.00 43.26 ? 219 ARG A NE  1 
ATOM   802 C CZ  . ARG A 1 100 ? -5.417  -1.808  17.278  1.00 44.42 ? 219 ARG A CZ  1 
ATOM   803 N NH1 . ARG A 1 100 ? -5.541  -0.506  17.007  1.00 44.03 ? 219 ARG A NH1 1 
ATOM   804 N NH2 . ARG A 1 100 ? -4.469  -2.229  18.103  1.00 43.18 ? 219 ARG A NH2 1 
HETATM 805 O O   . HOH B 2 .   ? -5.297  -5.930  -8.470  1.00 22.77 ? 301 HOH A O   1 
HETATM 806 O O   . HOH B 2 .   ? 6.145   12.603  5.065   1.00 79.67 ? 302 HOH A O   1 
HETATM 807 O O   . HOH B 2 .   ? -2.453  -6.592  -10.824 0.50 11.14 ? 303 HOH A O   1 
HETATM 808 O O   . HOH B 2 .   ? 0.681   8.015   -4.201  1.00 14.23 ? 304 HOH A O   1 
HETATM 809 O O   . HOH B 2 .   ? 8.394   -3.370  -1.537  1.00 27.62 ? 305 HOH A O   1 
HETATM 810 O O   . HOH B 2 .   ? -9.159  -9.910  -27.078 1.00 29.88 ? 306 HOH A O   1 
HETATM 811 O O   . HOH B 2 .   ? 7.711   10.768  10.597  1.00 37.12 ? 307 HOH A O   1 
HETATM 812 O O   . HOH B 2 .   ? 24.670  -0.223  2.859   1.00 28.21 ? 308 HOH A O   1 
HETATM 813 O O   . HOH B 2 .   ? -0.710  3.563   -19.247 1.00 46.03 ? 309 HOH A O   1 
HETATM 814 O O   . HOH B 2 .   ? -6.622  -2.417  -26.645 1.00 29.32 ? 310 HOH A O   1 
HETATM 815 O O   . HOH B 2 .   ? -7.126  -4.365  -13.430 1.00 30.50 ? 311 HOH A O   1 
HETATM 816 O O   . HOH B 2 .   ? -6.807  11.740  -1.869  1.00 34.32 ? 312 HOH A O   1 
HETATM 817 O O   . HOH B 2 .   ? 19.371  9.882   4.793   1.00 16.14 ? 313 HOH A O   1 
HETATM 818 O O   . HOH B 2 .   ? 1.823   -7.671  15.328  1.00 55.55 ? 314 HOH A O   1 
HETATM 819 O O   . HOH B 2 .   ? -17.880 10.174  2.602   1.00 41.36 ? 315 HOH A O   1 
HETATM 820 O O   . HOH B 2 .   ? 5.161   -6.496  -5.216  1.00 28.19 ? 316 HOH A O   1 
HETATM 821 O O   . HOH B 2 .   ? 12.286  -7.290  2.753   1.00 52.11 ? 317 HOH A O   1 
HETATM 822 O O   . HOH B 2 .   ? 17.851  -4.564  2.653   1.00 49.37 ? 318 HOH A O   1 
HETATM 823 O O   . HOH B 2 .   ? 7.247   2.084   -5.613  1.00 12.24 ? 319 HOH A O   1 
HETATM 824 O O   . HOH B 2 .   ? -12.370 9.302   3.435   1.00 44.97 ? 320 HOH A O   1 
HETATM 825 O O   . HOH B 2 .   ? 16.493  2.747   8.530   1.00 40.38 ? 321 HOH A O   1 
HETATM 826 O O   . HOH B 2 .   ? 5.407   6.822   16.893  1.00 46.62 ? 322 HOH A O   1 
HETATM 827 O O   . HOH B 2 .   ? 11.194  -8.460  10.988  1.00 47.36 ? 323 HOH A O   1 
HETATM 828 O O   . HOH B 2 .   ? -15.737 9.037   5.534   1.00 33.41 ? 324 HOH A O   1 
HETATM 829 O O   . HOH B 2 .   ? 5.941   14.078  2.131   1.00 42.26 ? 325 HOH A O   1 
HETATM 830 O O   . HOH B 2 .   ? -9.197  5.865   -8.477  1.00 52.12 ? 326 HOH A O   1 
HETATM 831 O O   . HOH B 2 .   ? 9.284   -1.394  -3.186  1.00 29.18 ? 327 HOH A O   1 
HETATM 832 O O   . HOH B 2 .   ? -3.755  -3.909  -12.935 1.00 25.56 ? 328 HOH A O   1 
HETATM 833 O O   . HOH B 2 .   ? -7.328  -5.024  -8.805  1.00 26.52 ? 329 HOH A O   1 
HETATM 834 O O   . HOH B 2 .   ? 5.576   1.035   -9.080  1.00 25.59 ? 330 HOH A O   1 
HETATM 835 O O   . HOH B 2 .   ? -1.017  10.151  7.472   1.00 28.48 ? 331 HOH A O   1 
HETATM 836 O O   . HOH B 2 .   ? 4.187   -6.977  1.201   1.00 29.75 ? 332 HOH A O   1 
HETATM 837 O O   . HOH B 2 .   ? 3.179   -2.557  -13.669 1.00 21.81 ? 333 HOH A O   1 
HETATM 838 O O   . HOH B 2 .   ? -2.046  -4.467  10.456  1.00 33.45 ? 334 HOH A O   1 
HETATM 839 O O   . HOH B 2 .   ? -10.598 12.431  10.454  1.00 48.73 ? 335 HOH A O   1 
HETATM 840 O O   . HOH B 2 .   ? -3.051  0.563   -16.057 1.00 14.49 ? 336 HOH A O   1 
HETATM 841 O O   . HOH B 2 .   ? 4.140   -10.303 7.380   1.00 27.84 ? 337 HOH A O   1 
HETATM 842 O O   . HOH B 2 .   ? 22.584  2.876   8.001   1.00 50.02 ? 338 HOH A O   1 
HETATM 843 O O   . HOH B 2 .   ? -7.445  6.971   -5.240  1.00 28.30 ? 339 HOH A O   1 
HETATM 844 O O   . HOH B 2 .   ? -12.873 -6.120  -3.394  1.00 38.15 ? 340 HOH A O   1 
HETATM 845 O O   . HOH B 2 .   ? -1.096  14.749  2.423   1.00 33.73 ? 341 HOH A O   1 
HETATM 846 O O   . HOH B 2 .   ? 3.995   4.726   14.729  1.00 55.55 ? 342 HOH A O   1 
HETATM 847 O O   . HOH B 2 .   ? 2.682   -7.623  -2.669  1.00 38.72 ? 343 HOH A O   1 
HETATM 848 O O   . HOH B 2 .   ? 10.515  4.744   -2.592  0.50 34.73 ? 344 HOH A O   1 
HETATM 849 O O   . HOH B 2 .   ? 15.177  1.097   -0.010  1.00 27.58 ? 345 HOH A O   1 
HETATM 850 O O   . HOH B 2 .   ? -3.149  -7.152  -8.490  1.00 11.50 ? 346 HOH A O   1 
HETATM 851 O O   . HOH B 2 .   ? 3.679   -0.093  -12.272 1.00 31.80 ? 347 HOH A O   1 
HETATM 852 O O   . HOH B 2 .   ? 14.783  -5.080  13.115  1.00 44.41 ? 348 HOH A O   1 
HETATM 853 O O   . HOH B 2 .   ? -3.245  -11.345 10.858  1.00 48.44 ? 349 HOH A O   1 
HETATM 854 O O   . HOH B 2 .   ? 13.708  8.376   10.670  1.00 24.85 ? 350 HOH A O   1 
HETATM 855 O O   . HOH B 2 .   ? -4.907  -7.178  -15.943 1.00 32.27 ? 351 HOH A O   1 
HETATM 856 O O   . HOH B 2 .   ? 7.341   -6.065  0.090   1.00 39.58 ? 352 HOH A O   1 
HETATM 857 O O   . HOH B 2 .   ? 6.832   4.748   -5.080  1.00 8.25  ? 353 HOH A O   1 
HETATM 858 O O   . HOH B 2 .   ? -9.299  -7.420  -27.901 1.00 38.67 ? 354 HOH A O   1 
HETATM 859 O O   . HOH B 2 .   ? 16.247  6.884   10.385  1.00 23.21 ? 355 HOH A O   1 
HETATM 860 O O   . HOH B 2 .   ? -6.468  7.836   8.349   1.00 33.43 ? 356 HOH A O   1 
HETATM 861 O O   . HOH B 2 .   ? -6.252  5.867   -7.496  1.00 12.39 ? 357 HOH A O   1 
HETATM 862 O O   . HOH B 2 .   ? -6.828  2.415   -22.099 1.00 47.87 ? 358 HOH A O   1 
HETATM 863 O O   . HOH B 2 .   ? -9.813  -8.400  -7.425  1.00 32.43 ? 359 HOH A O   1 
HETATM 864 O O   . HOH B 2 .   ? 20.021  0.040   0.655   1.00 24.25 ? 360 HOH A O   1 
HETATM 865 O O   . HOH B 2 .   ? 15.304  -7.875  2.720   1.00 31.56 ? 361 HOH A O   1 
HETATM 866 O O   . HOH B 2 .   ? -4.673  -5.642  -10.966 1.00 28.31 ? 362 HOH A O   1 
HETATM 867 O O   . HOH B 2 .   ? 7.865   7.221   15.596  1.00 44.22 ? 363 HOH A O   1 
HETATM 868 O O   . HOH B 2 .   ? 4.581   -9.651  2.006   1.00 30.98 ? 364 HOH A O   1 
HETATM 869 O O   . HOH B 2 .   ? 7.466   11.743  7.896   1.00 43.67 ? 365 HOH A O   1 
HETATM 870 O O   . HOH B 2 .   ? 21.161  9.716   6.620   1.00 38.96 ? 366 HOH A O   1 
HETATM 871 O O   . HOH B 2 .   ? 4.168   -8.788  -0.863  1.00 26.19 ? 367 HOH A O   1 
HETATM 872 O O   . HOH B 2 .   ? 8.845   -7.385  -8.962  1.00 37.38 ? 368 HOH A O   1 
HETATM 873 O O   . HOH B 2 .   ? -12.600 -7.717  -25.154 1.00 49.14 ? 369 HOH A O   1 
HETATM 874 O O   . HOH B 2 .   ? 23.561  4.991   8.789   1.00 53.37 ? 370 HOH A O   1 
HETATM 875 O O   . HOH B 2 .   ? -9.315  8.307   -6.748  1.00 37.49 ? 371 HOH A O   1 
HETATM 876 O O   . HOH B 2 .   ? -14.385 9.886   7.731   1.00 44.38 ? 372 HOH A O   1 
HETATM 877 O O   . HOH B 2 .   ? -6.169  -6.753  -12.746 1.00 23.14 ? 373 HOH A O   1 
HETATM 878 O O   . HOH B 2 .   ? 18.372  7.416   9.233   1.00 42.83 ? 374 HOH A O   1 
HETATM 879 O O   . HOH B 2 .   ? 4.506   -11.373 -0.124  1.00 36.83 ? 375 HOH A O   1 
# 
loop_
_atom_site_anisotrop.id 
_atom_site_anisotrop.type_symbol 
_atom_site_anisotrop.pdbx_label_atom_id 
_atom_site_anisotrop.pdbx_label_alt_id 
_atom_site_anisotrop.pdbx_label_comp_id 
_atom_site_anisotrop.pdbx_label_asym_id 
_atom_site_anisotrop.pdbx_label_seq_id 
_atom_site_anisotrop.pdbx_PDB_ins_code 
_atom_site_anisotrop.U[1][1] 
_atom_site_anisotrop.U[2][2] 
_atom_site_anisotrop.U[3][3] 
_atom_site_anisotrop.U[1][2] 
_atom_site_anisotrop.U[1][3] 
_atom_site_anisotrop.U[2][3] 
_atom_site_anisotrop.pdbx_auth_seq_id 
_atom_site_anisotrop.pdbx_auth_comp_id 
_atom_site_anisotrop.pdbx_auth_asym_id 
_atom_site_anisotrop.pdbx_auth_atom_id 
1   N N   . GLY A 1   ? 0.7180 0.7582 0.6670 0.0937  0.0050  0.0487  120 GLY A N   
2   C CA  . GLY A 1   ? 0.7507 0.8136 0.7065 0.0931  -0.0031 0.0458  120 GLY A CA  
3   C C   . GLY A 1   ? 0.8744 0.9507 0.8199 0.0865  -0.0114 0.0406  120 GLY A C   
4   O O   . GLY A 1   ? 0.9380 1.0251 0.8737 0.0865  -0.0168 0.0403  120 GLY A O   
5   N N   . SER A 2   ? 0.8902 0.9658 0.8396 0.0784  -0.0116 0.0350  121 SER A N   
6   C CA  . SER A 2   ? 0.7506 0.8327 0.6925 0.0668  -0.0157 0.0272  121 SER A CA  
7   C C   . SER A 2   ? 0.6854 0.7928 0.6355 0.0638  -0.0238 0.0219  121 SER A C   
8   O O   . SER A 2   ? 0.6258 0.7415 0.5912 0.0655  -0.0238 0.0216  121 SER A O   
9   C CB  . SER A 2   ? 0.6255 0.6927 0.5716 0.0572  -0.0101 0.0232  121 SER A CB  
10  O OG  . SER A 2   ? 0.4382 0.4828 0.3761 0.0583  -0.0031 0.0268  121 SER A OG  
11  N N   . LYS A 3   ? 0.6766 0.7972 0.6172 0.0588  -0.0300 0.0170  122 LYS A N   
12  C CA  . LYS A 3   ? 0.6385 0.7819 0.5889 0.0559  -0.0367 0.0120  122 LYS A CA  
13  C C   . LYS A 3   ? 0.6976 0.8491 0.6600 0.0467  -0.0369 0.0047  122 LYS A C   
14  O O   . LYS A 3   ? 0.8098 0.9526 0.7687 0.0364  -0.0337 -0.0006 122 LYS A O   
15  C CB  . LYS A 3   ? 0.5213 0.6739 0.4609 0.0513  -0.0419 0.0074  122 LYS A CB  
16  C CG  . LYS A 3   ? 0.6070 0.7815 0.5584 0.0482  -0.0480 0.0023  122 LYS A CG  
17  C CD  . LYS A 3   ? 0.6619 0.8462 0.6042 0.0406  -0.0529 -0.0048 122 LYS A CD  
18  C CE  . LYS A 3   ? 0.6125 0.8182 0.5675 0.0386  -0.0588 -0.0092 122 LYS A CE  
19  N NZ  . LYS A 3   ? 0.5605 0.7757 0.5102 0.0282  -0.0623 -0.0190 122 LYS A NZ  
20  N N   . ASP A 4   ? 0.6613 0.8248 0.6396 0.0484  -0.0380 0.0041  123 ASP A N   
21  C CA  . ASP A 4   ? 0.6293 0.7982 0.6203 0.0411  -0.0363 -0.0011 123 ASP A CA  
22  C C   . ASP A 4   ? 0.5661 0.7407 0.5548 0.0284  -0.0377 -0.0097 123 ASP A C   
23  O O   . ASP A 4   ? 0.5958 0.7588 0.5855 0.0204  -0.0324 -0.0119 123 ASP A O   
24  C CB  . ASP A 4   ? 0.6718 0.8528 0.6780 0.0445  -0.0369 -0.0014 123 ASP A CB  
25  C CG  . ASP A 4   ? 0.7879 0.9605 0.8010 0.0536  -0.0323 0.0048  123 ASP A CG  
26  O OD1 . ASP A 4   ? 0.8211 1.0011 0.8454 0.0576  -0.0321 0.0055  123 ASP A OD1 
27  O OD2 . ASP A 4   ? 0.7995 0.9574 0.8081 0.0563  -0.0282 0.0086  123 ASP A OD2 
28  N N   . ILE A 5   ? 0.4193 0.6055 0.4070 0.0252  -0.0420 -0.0145 124 ILE A N   
29  C CA  . ILE A 5   ? 0.4047 0.5968 0.3930 0.0129  -0.0423 -0.0236 124 ILE A CA  
30  C C   . ILE A 5   ? 0.4700 0.6626 0.4448 0.0111  -0.0454 -0.0266 124 ILE A C   
31  O O   . ILE A 5   ? 0.5750 0.7732 0.5457 0.0185  -0.0498 -0.0229 124 ILE A O   
32  C CB  . ILE A 5   ? 0.3713 0.5788 0.3750 0.0090  -0.0433 -0.0287 124 ILE A CB  
33  C CG1 . ILE A 5   ? 0.2912 0.4965 0.3062 0.0097  -0.0390 -0.0265 124 ILE A CG1 
34  C CG2 . ILE A 5   ? 0.3620 0.5751 0.3670 -0.0034 -0.0427 -0.0383 124 ILE A CG2 
35  C CD1 . ILE A 5   ? 0.3517 0.5689 0.3800 0.0041  -0.0380 -0.0321 124 ILE A CD1 
36  N N   . ILE A 6   ? 0.4561 0.6427 0.4241 0.0009  -0.0425 -0.0332 125 ILE A N   
37  C CA  . ILE A 6   ? 0.3758 0.5602 0.3296 -0.0026 -0.0438 -0.0374 125 ILE A CA  
38  C C   . ILE A 6   ? 0.3826 0.5755 0.3424 -0.0157 -0.0428 -0.0491 125 ILE A C   
39  O O   . ILE A 6   ? 0.4440 0.6337 0.4122 -0.0242 -0.0375 -0.0534 125 ILE A O   
40  C CB  . ILE A 6   ? 0.3235 0.4877 0.2613 -0.0024 -0.0386 -0.0346 125 ILE A CB  
41  C CG1 . ILE A 6   ? 0.3623 0.5181 0.2938 0.0116  -0.0392 -0.0229 125 ILE A CG1 
42  C CG2 . ILE A 6   ? 0.2864 0.4471 0.2107 -0.0092 -0.0377 -0.0417 125 ILE A CG2 
43  C CD1 . ILE A 6   ? 0.4419 0.5720 0.3615 0.0127  -0.0314 -0.0185 125 ILE A CD1 
44  N N   . ASP A 7   ? 0.4309 0.6350 0.3872 -0.0172 -0.0473 -0.0541 126 ASP A N   
45  C CA  . ASP A 7   ? 0.5071 0.7183 0.4678 -0.0297 -0.0456 -0.0661 126 ASP A CA  
46  C C   . ASP A 7   ? 0.4789 0.6836 0.4230 -0.0337 -0.0449 -0.0708 126 ASP A C   
47  O O   . ASP A 7   ? 0.5628 0.7700 0.4949 -0.0262 -0.0503 -0.0663 126 ASP A O   
48  C CB  . ASP A 7   ? 0.6180 0.8504 0.5909 -0.0296 -0.0512 -0.0698 126 ASP A CB  
49  C CG  . ASP A 7   ? 0.8784 1.1161 0.8679 -0.0273 -0.0503 -0.0669 126 ASP A CG  
50  O OD1 . ASP A 7   ? 0.9916 1.2312 0.9833 -0.0165 -0.0536 -0.0580 126 ASP A OD1 
51  O OD2 . ASP A 7   ? 0.9684 1.2077 0.9693 -0.0365 -0.0452 -0.0734 126 ASP A OD2 
52  N N   . VAL A 8   ? 0.3128 0.5087 0.2566 -0.0457 -0.0373 -0.0799 127 VAL A N   
53  C CA  . VAL A 8   ? 0.2836 0.4707 0.2121 -0.0509 -0.0344 -0.0858 127 VAL A CA  
54  C C   . VAL A 8   ? 0.3539 0.5394 0.2910 -0.0662 -0.0262 -0.0990 127 VAL A C   
55  O O   . VAL A 8   ? 0.3706 0.5468 0.3180 -0.0727 -0.0184 -0.1005 127 VAL A O   
56  C CB  . VAL A 8   ? 0.3702 0.5353 0.2829 -0.0456 -0.0298 -0.0782 127 VAL A CB  
57  C CG1 . VAL A 8   ? 0.2854 0.4339 0.2043 -0.0516 -0.0201 -0.0783 127 VAL A CG1 
58  C CG2 . VAL A 8   ? 0.4239 0.5799 0.3189 -0.0488 -0.0270 -0.0829 127 VAL A CG2 
59  N N   . ASN A 9   ? 0.4107 0.6065 0.3452 -0.0720 -0.0279 -0.1083 128 ASN A N   
60  C CA  . ASN A 9   ? 0.5419 0.7357 0.4847 -0.0865 -0.0188 -0.1216 128 ASN A CA  
61  C C   . ASN A 9   ? 0.4909 0.6930 0.4556 -0.0922 -0.0154 -0.1253 128 ASN A C   
62  O O   . ASN A 9   ? 0.3165 0.5099 0.2913 -0.1034 -0.0045 -0.1329 128 ASN A O   
63  C CB  . ASN A 9   ? 0.5437 0.7120 0.4796 -0.0931 -0.0068 -0.1236 128 ASN A CB  
64  C CG  . ASN A 9   ? 0.5569 0.7221 0.4924 -0.1053 0.0014  -0.1369 128 ASN A CG  
65  O OD1 . ASN A 9   ? 0.7574 0.9298 0.6804 -0.1049 -0.0031 -0.1409 128 ASN A OD1 
66  N ND2 . ASN A 9   ? 0.4795 0.6332 0.4288 -0.1163 0.0142  -0.1432 128 ASN A ND2 
67  N N   . GLY A 10  ? 0.4091 0.6263 0.3817 -0.0843 -0.0236 -0.1193 129 GLY A N   
68  C CA  . GLY A 10  ? 0.4401 0.6640 0.4322 -0.0882 -0.0204 -0.1213 129 GLY A CA  
69  C C   . GLY A 10  ? 0.4678 0.6787 0.4658 -0.0865 -0.0155 -0.1132 129 GLY A C   
70  O O   . GLY A 10  ? 0.4528 0.6682 0.4658 -0.0890 -0.0124 -0.1135 129 GLY A O   
71  N N   . ILE A 11  ? 0.4115 0.6066 0.3978 -0.0821 -0.0145 -0.1059 130 ILE A N   
72  C CA  . ILE A 11  ? 0.4173 0.6008 0.4079 -0.0804 -0.0108 -0.0979 130 ILE A CA  
73  C C   . ILE A 11  ? 0.4062 0.5969 0.3936 -0.0664 -0.0199 -0.0867 130 ILE A C   
74  O O   . ILE A 11  ? 0.3679 0.5604 0.3427 -0.0575 -0.0263 -0.0825 130 ILE A O   
75  C CB  . ILE A 11  ? 0.4419 0.6002 0.4233 -0.0837 -0.0021 -0.0957 130 ILE A CB  
76  C CG1 . ILE A 11  ? 0.3580 0.5080 0.3445 -0.0980 0.0087  -0.1075 130 ILE A CG1 
77  C CG2 . ILE A 11  ? 0.4578 0.5994 0.4456 -0.0776 0.0030  -0.0817 130 ILE A CG2 
78  C CD1 . ILE A 11  ? 0.4048 0.5288 0.3812 -0.0990 0.0179  -0.1051 130 ILE A CD1 
79  N N   . THR A 12  ? 0.4147 0.6084 0.4142 -0.0644 -0.0192 -0.0816 131 THR A N   
80  C CA  . THR A 12  ? 0.4020 0.5999 0.4012 -0.0518 -0.0253 -0.0713 131 THR A CA  
81  C C   . THR A 12  ? 0.3533 0.5316 0.3507 -0.0486 -0.0196 -0.0617 131 THR A C   
82  O O   . THR A 12  ? 0.3323 0.5013 0.3386 -0.0548 -0.0117 -0.0605 131 THR A O   
83  C CB  . THR A 12  ? 0.3747 0.5868 0.3889 -0.0498 -0.0270 -0.0712 131 THR A CB  
84  O OG1 . THR A 12  ? 0.4187 0.6438 0.4372 -0.0541 -0.0291 -0.0798 131 THR A OG1 
85  C CG2 . THR A 12  ? 0.2095 0.4260 0.2230 -0.0365 -0.0329 -0.0620 131 THR A CG2 
86  N N   . ILE A 13  ? 0.2775 0.4469 0.2644 -0.0379 -0.0222 -0.0532 132 ILE A N   
87  C CA  . ILE A 13  ? 0.2395 0.3876 0.2251 -0.0336 -0.0163 -0.0431 132 ILE A CA  
88  C C   . ILE A 13  ? 0.2073 0.3589 0.1924 -0.0210 -0.0213 -0.0350 132 ILE A C   
89  O O   . ILE A 13  ? 0.2346 0.3921 0.2114 -0.0133 -0.0270 -0.0336 132 ILE A O   
90  C CB  . ILE A 13  ? 0.2800 0.4060 0.2544 -0.0352 -0.0103 -0.0416 132 ILE A CB  
91  C CG1 . ILE A 13  ? 0.3936 0.4991 0.3688 -0.0308 -0.0045 -0.0313 132 ILE A CG1 
92  C CG2 . ILE A 13  ? 0.2062 0.3347 0.1653 -0.0301 -0.0153 -0.0432 132 ILE A CG2 
93  C CD1 . ILE A 13  ? 0.4610 0.5452 0.4338 -0.0370 0.0047  -0.0309 132 ILE A CD1 
94  N N   . ASP A 14  ? 0.2187 0.3679 0.2127 -0.0192 -0.0187 -0.0300 133 ASP A N   
95  C CA  . ASP A 14  ? 0.1449 0.2956 0.1408 -0.0086 -0.0213 -0.0234 133 ASP A CA  
96  C C   . ASP A 14  ? 0.2237 0.3525 0.2130 -0.0035 -0.0167 -0.0157 133 ASP A C   
97  O O   . ASP A 14  ? 0.1378 0.2517 0.1267 -0.0091 -0.0108 -0.0140 133 ASP A O   
98  C CB  . ASP A 14  ? 0.1448 0.3049 0.1538 -0.0102 -0.0200 -0.0235 133 ASP A CB  
99  C CG  . ASP A 14  ? 0.3257 0.5081 0.3442 -0.0148 -0.0237 -0.0311 133 ASP A CG  
100 O OD1 . ASP A 14  ? 0.4304 0.6206 0.4468 -0.0198 -0.0263 -0.0375 133 ASP A OD1 
101 O OD2 . ASP A 14  ? 0.3291 0.5219 0.3579 -0.0139 -0.0235 -0.0314 133 ASP A OD2 
102 N N   . LYS A 15  ? 0.2255 0.3525 0.2113 0.0071  -0.0190 -0.0106 134 LYS A N   
103 C CA  . LYS A 15  ? 0.2085 0.3157 0.1907 0.0120  -0.0144 -0.0039 134 LYS A CA  
104 C C   . LYS A 15  ? 0.1370 0.2394 0.1282 0.0090  -0.0105 -0.0018 134 LYS A C   
105 O O   . LYS A 15  ? 0.1939 0.2807 0.1838 0.0060  -0.0057 0.0013  134 LYS A O   
106 C CB  . LYS A 15  ? 0.2363 0.3435 0.2162 0.0242  -0.0164 0.0012  134 LYS A CB  
107 C CG  . LYS A 15  ? 0.2957 0.3817 0.2714 0.0293  -0.0111 0.0074  134 LYS A CG  
108 N N   . ASN A 16  ? 0.1086 0.2252 0.1090 0.0094  -0.0123 -0.0036 135 ASN A N   
109 C CA  . ASN A 16  ? 0.1861 0.3018 0.1936 0.0060  -0.0090 -0.0024 135 ASN A CA  
110 C C   . ASN A 16  ? 0.1807 0.3036 0.1916 -0.0043 -0.0078 -0.0060 135 ASN A C   
111 O O   . ASN A 16  ? 0.1391 0.2781 0.1555 -0.0066 -0.0102 -0.0110 135 ASN A O   
112 C CB  . ASN A 16  ? 0.1317 0.2575 0.1472 0.0119  -0.0100 -0.0030 135 ASN A CB  
113 C CG  . ASN A 16  ? 0.1917 0.3184 0.2125 0.0077  -0.0069 -0.0029 135 ASN A CG  
114 O OD1 . ASN A 16  ? 0.1825 0.3003 0.2007 0.0021  -0.0043 -0.0003 135 ASN A OD1 
115 N ND2 . ASN A 16  ? 0.1461 0.2844 0.1746 0.0102  -0.0069 -0.0057 135 ASN A ND2 
116 N N   . ALA A 17  ? 0.1200 0.2307 0.1293 -0.0102 -0.0036 -0.0030 136 ALA A N   
117 C CA  . ALA A 17  ? 0.1333 0.2481 0.1466 -0.0197 -0.0006 -0.0048 136 ALA A CA  
118 C C   . ALA A 17  ? 0.2033 0.3295 0.2230 -0.0218 0.0001  -0.0047 136 ALA A C   
119 O O   . ALA A 17  ? 0.1476 0.2818 0.1716 -0.0288 0.0022  -0.0074 136 ALA A O   
120 C CB  . ALA A 17  ? 0.0841 0.1820 0.0953 -0.0239 0.0046  0.0004  136 ALA A CB  
121 N N   . PHE A 18  ? 0.1436 0.2704 0.1639 -0.0162 -0.0009 -0.0026 137 PHE A N   
122 C CA  . PHE A 18  ? 0.1694 0.3044 0.1934 -0.0189 0.0008  -0.0023 137 PHE A CA  
123 C C   . PHE A 18  ? 0.1270 0.2789 0.1572 -0.0171 -0.0009 -0.0084 137 PHE A C   
124 O O   . PHE A 18  ? 0.2320 0.3880 0.2649 -0.0123 -0.0012 -0.0097 137 PHE A O   
125 C CB  . PHE A 18  ? 0.0908 0.2178 0.1129 -0.0153 0.0014  0.0023  137 PHE A CB  
126 C CG  . PHE A 18  ? 0.0897 0.2013 0.1083 -0.0171 0.0033  0.0092  137 PHE A CG  
127 C CD1 . PHE A 18  ? 0.0673 0.1656 0.0835 -0.0120 0.0029  0.0115  137 PHE A CD1 
128 C CD2 . PHE A 18  ? 0.0978 0.2089 0.1166 -0.0238 0.0062  0.0138  137 PHE A CD2 
129 C CE1 . PHE A 18  ? 0.1149 0.1993 0.1301 -0.0136 0.0053  0.0177  137 PHE A CE1 
130 C CE2 . PHE A 18  ? 0.1242 0.2217 0.1422 -0.0250 0.0083  0.0211  137 PHE A CE2 
131 C CZ  . PHE A 18  ? 0.1315 0.2159 0.1483 -0.0200 0.0078  0.0226  137 PHE A CZ  
132 N N   . LYS A 19  ? 0.0894 0.2512 0.1235 -0.0216 -0.0012 -0.0129 138 LYS A N   
133 C CA  . LYS A 19  ? 0.0660 0.2449 0.1083 -0.0213 -0.0021 -0.0188 138 LYS A CA  
134 C C   . LYS A 19  ? 0.1753 0.3569 0.2189 -0.0295 0.0021  -0.0205 138 LYS A C   
135 O O   . LYS A 19  ? 0.1771 0.3544 0.2195 -0.0362 0.0050  -0.0185 138 LYS A O   
136 C CB  . LYS A 19  ? 0.1425 0.3278 0.1872 -0.0175 -0.0068 -0.0229 138 LYS A CB  
137 C CG  . LYS A 19  ? 0.1007 0.2809 0.1415 -0.0084 -0.0109 -0.0202 138 LYS A CG  
138 C CD  . LYS A 19  ? 0.1423 0.3317 0.1840 -0.0056 -0.0160 -0.0235 138 LYS A CD  
139 C CE  . LYS A 19  ? 0.1754 0.3571 0.2100 0.0030  -0.0193 -0.0194 138 LYS A CE  
140 N NZ  . LYS A 19  ? 0.3215 0.5129 0.3547 0.0056  -0.0249 -0.0218 138 LYS A NZ  
141 N N   . VAL A 20  ? 0.1080 0.2960 0.1551 -0.0289 0.0035  -0.0240 139 VAL A N   
142 C CA  . VAL A 20  ? 0.1490 0.3404 0.1980 -0.0358 0.0076  -0.0261 139 VAL A CA  
143 C C   . VAL A 20  ? 0.2383 0.4400 0.2956 -0.0341 0.0063  -0.0327 139 VAL A C   
144 O O   . VAL A 20  ? 0.3465 0.5521 0.4073 -0.0272 0.0032  -0.0345 139 VAL A O   
145 C CB  . VAL A 20  ? 0.1349 0.3248 0.1795 -0.0380 0.0116  -0.0235 139 VAL A CB  
146 C CG1 . VAL A 20  ? 0.0773 0.2579 0.1143 -0.0398 0.0126  -0.0158 139 VAL A CG1 
147 C CG2 . VAL A 20  ? 0.1655 0.3595 0.2117 -0.0325 0.0110  -0.0268 139 VAL A CG2 
148 N N   . THR A 21  ? 0.2195 0.4249 0.2812 -0.0403 0.0089  -0.0358 140 THR A N   
149 C CA  . THR A 21  ? 0.1789 0.3947 0.2498 -0.0395 0.0073  -0.0421 140 THR A CA  
150 C C   . THR A 21  ? 0.1850 0.4057 0.2606 -0.0407 0.0116  -0.0445 140 THR A C   
151 O O   . THR A 21  ? 0.2625 0.4802 0.3356 -0.0466 0.0170  -0.0430 140 THR A O   
152 C CB  . THR A 21  ? 0.2362 0.4538 0.3111 -0.0459 0.0079  -0.0456 140 THR A CB  
153 O OG1 . THR A 21  ? 0.3534 0.5664 0.4234 -0.0455 0.0046  -0.0443 140 THR A OG1 
154 C CG2 . THR A 21  ? 0.2625 0.4922 0.3475 -0.0447 0.0053  -0.0521 140 THR A CG2 
155 N N   . VAL A 22  ? 0.1647 0.3929 0.2477 -0.0352 0.0095  -0.0476 141 VAL A N   
156 C CA  . VAL A 22  ? 0.2042 0.4372 0.2929 -0.0357 0.0138  -0.0504 141 VAL A CA  
157 C C   . VAL A 22  ? 0.2119 0.4559 0.3141 -0.0323 0.0114  -0.0550 141 VAL A C   
158 O O   . VAL A 22  ? 0.1551 0.4019 0.2609 -0.0249 0.0064  -0.0541 141 VAL A O   
159 C CB  . VAL A 22  ? 0.1555 0.3844 0.2398 -0.0314 0.0152  -0.0487 141 VAL A CB  
160 C CG1 . VAL A 22  ? 0.2589 0.4927 0.3487 -0.0334 0.0206  -0.0526 141 VAL A CG1 
161 C CG2 . VAL A 22  ? 0.3668 0.5863 0.4383 -0.0339 0.0162  -0.0437 141 VAL A CG2 
162 N N   . ASN A 23  ? 0.2445 0.4948 0.3547 -0.0372 0.0150  -0.0591 142 ASN A N   
163 C CA  . ASN A 23  ? 0.2927 0.5547 0.4179 -0.0344 0.0131  -0.0633 142 ASN A CA  
164 C C   . ASN A 23  ? 0.1825 0.4501 0.3108 -0.0304 0.0050  -0.0633 142 ASN A C   
165 O O   . ASN A 23  ? 0.2172 0.4928 0.3545 -0.0238 0.0007  -0.0632 142 ASN A O   
166 C CB  . ASN A 23  ? 0.2159 0.4806 0.3480 -0.0287 0.0149  -0.0635 142 ASN A CB  
167 C CG  . ASN A 23  ? 0.2362 0.5131 0.3859 -0.0279 0.0158  -0.0677 142 ASN A CG  
168 O OD1 . ASN A 23  ? 0.1497 0.4304 0.3041 -0.0343 0.0197  -0.0713 142 ASN A OD1 
169 N ND2 . ASN A 23  ? 0.1503 0.4333 0.3103 -0.0201 0.0124  -0.0665 142 ASN A ND2 
170 N N   . GLY A 24  ? 0.2283 0.4919 0.3492 -0.0345 0.0032  -0.0631 143 GLY A N   
171 C CA  . GLY A 24  ? 0.1980 0.4669 0.3195 -0.0313 -0.0043 -0.0637 143 GLY A CA  
172 C C   . GLY A 24  ? 0.2639 0.5289 0.3785 -0.0228 -0.0094 -0.0584 143 GLY A C   
173 O O   . GLY A 24  ? 0.3038 0.5738 0.4179 -0.0191 -0.0160 -0.0581 143 GLY A O   
174 N N   . ALA A 25  ? 0.2079 0.4640 0.3168 -0.0199 -0.0064 -0.0544 144 ALA A N   
175 C CA  . ALA A 25  ? 0.1170 0.3675 0.2196 -0.0122 -0.0098 -0.0492 144 ALA A CA  
176 C C   . ALA A 25  ? 0.1235 0.3611 0.2134 -0.0153 -0.0072 -0.0460 144 ALA A C   
177 O O   . ALA A 25  ? 0.2467 0.4804 0.3328 -0.0231 -0.0029 -0.0471 144 ALA A O   
178 C CB  . ALA A 25  ? 0.1732 0.4249 0.2835 -0.0052 -0.0083 -0.0476 144 ALA A CB  
179 N N   . GLU A 26  ? 0.1160 0.3469 0.2001 -0.0089 -0.0093 -0.0415 145 GLU A N   
180 C CA  . GLU A 26  ? 0.1008 0.3203 0.1744 -0.0108 -0.0075 -0.0379 145 GLU A CA  
181 C C   . GLU A 26  ? 0.1946 0.4081 0.2672 -0.0051 -0.0056 -0.0349 145 GLU A C   
182 O O   . GLU A 26  ? 0.1591 0.3739 0.2362 0.0031  -0.0078 -0.0333 145 GLU A O   
183 C CB  . GLU A 26  ? 0.1194 0.3356 0.1861 -0.0098 -0.0120 -0.0357 145 GLU A CB  
184 C CG  . GLU A 26  ? 0.1788 0.4010 0.2465 -0.0160 -0.0137 -0.0400 145 GLU A CG  
185 C CD  . GLU A 26  ? 0.4214 0.6367 0.4808 -0.0195 -0.0146 -0.0388 145 GLU A CD  
186 O OE1 . GLU A 26  ? 0.5564 0.7646 0.6130 -0.0264 -0.0100 -0.0377 145 GLU A OE1 
187 O OE2 . GLU A 26  ? 0.5697 0.7862 0.6250 -0.0151 -0.0197 -0.0383 145 GLU A OE2 
188 N N   . ILE A 27  ? 0.1710 0.3785 0.2386 -0.0096 -0.0012 -0.0341 146 ILE A N   
189 C CA  . ILE A 27  ? 0.1238 0.3242 0.1888 -0.0058 0.0008  -0.0318 146 ILE A CA  
190 C C   . ILE A 27  ? 0.2178 0.4095 0.2750 -0.0048 -0.0012 -0.0270 146 ILE A C   
191 O O   . ILE A 27  ? 0.1084 0.2976 0.1604 -0.0108 -0.0012 -0.0253 146 ILE A O   
192 C CB  . ILE A 27  ? 0.1391 0.3391 0.2017 -0.0117 0.0060  -0.0338 146 ILE A CB  
193 C CG1 . ILE A 27  ? 0.2124 0.4209 0.2833 -0.0130 0.0087  -0.0389 146 ILE A CG1 
194 C CG2 . ILE A 27  ? 0.1046 0.2979 0.1643 -0.0089 0.0077  -0.0325 146 ILE A CG2 
195 C CD1 . ILE A 27  ? 0.2239 0.4331 0.2910 -0.0194 0.0140  -0.0412 146 ILE A CD1 
196 N N   . GLU A 28  ? 0.2467 0.4331 0.3044 0.0027  -0.0021 -0.0245 147 GLU A N   
197 C CA  . GLU A 28  ? 0.2699 0.4481 0.3217 0.0049  -0.0038 -0.0198 147 GLU A CA  
198 C C   . GLU A 28  ? 0.1599 0.3306 0.2095 0.0043  -0.0004 -0.0184 147 GLU A C   
199 O O   . GLU A 28  ? 0.2140 0.3833 0.2680 0.0082  0.0021  -0.0205 147 GLU A O   
200 C CB  . GLU A 28  ? 0.2744 0.4507 0.3275 0.0145  -0.0070 -0.0173 147 GLU A CB  
201 C CG  . GLU A 28  ? 0.3923 0.5754 0.4439 0.0138  -0.0118 -0.0181 147 GLU A CG  
202 C CD  . GLU A 28  ? 0.4554 0.6432 0.5118 0.0223  -0.0144 -0.0172 147 GLU A CD  
203 O OE1 . GLU A 28  ? 0.4613 0.6434 0.5139 0.0299  -0.0162 -0.0126 147 GLU A OE1 
204 O OE2 . GLU A 28  ? 0.5663 0.7633 0.6305 0.0217  -0.0145 -0.0205 147 GLU A OE2 
205 N N   . LEU A 29  ? 0.1119 0.2774 0.1553 -0.0008 -0.0001 -0.0149 148 LEU A N   
206 C CA  . LEU A 29  ? 0.0557 0.2149 0.0957 -0.0031 0.0023  -0.0131 148 LEU A CA  
207 C C   . LEU A 29  ? 0.0821 0.2248 0.1167 -0.0001 0.0013  -0.0074 148 LEU A C   
208 O O   . LEU A 29  ? 0.1639 0.2994 0.1957 0.0028  -0.0006 -0.0049 148 LEU A O   
209 C CB  . LEU A 29  ? 0.1023 0.2668 0.1384 -0.0124 0.0041  -0.0123 148 LEU A CB  
210 C CG  . LEU A 29  ? 0.1771 0.3502 0.2148 -0.0158 0.0060  -0.0175 148 LEU A CG  
211 C CD1 . LEU A 29  ? 0.1321 0.3075 0.1641 -0.0242 0.0082  -0.0151 148 LEU A CD1 
212 C CD2 . LEU A 29  ? 0.1291 0.3046 0.1703 -0.0126 0.0081  -0.0227 148 LEU A CD2 
213 N N   . THR A 30  ? 0.1255 0.2631 0.1586 -0.0012 0.0027  -0.0059 149 THR A N   
214 C CA  . THR A 30  ? 0.1386 0.2616 0.1677 -0.0005 0.0022  0.0000  149 THR A CA  
215 C C   . THR A 30  ? 0.1488 0.2715 0.1731 -0.0081 0.0022  0.0050  149 THR A C   
216 O O   . THR A 30  ? 0.1668 0.3002 0.1901 -0.0138 0.0029  0.0039  149 THR A O   
217 C CB  . THR A 30  ? 0.1815 0.3002 0.2142 0.0030  0.0036  -0.0011 149 THR A CB  
218 O OG1 . THR A 30  ? 0.1345 0.2637 0.1671 -0.0025 0.0042  -0.0039 149 THR A OG1 
219 C CG2 . THR A 30  ? 0.0540 0.1725 0.0936 0.0110  0.0056  -0.0055 149 THR A CG2 
220 N N   . LYS A 31  ? 0.1046 0.2141 0.1267 -0.0079 0.0021  0.0112  150 LYS A N   
221 C CA  . LYS A 31  ? 0.1638 0.2718 0.1834 -0.0141 0.0028  0.0176  150 LYS A CA  
222 C C   . LYS A 31  ? 0.1613 0.2803 0.1799 -0.0180 0.0024  0.0181  150 LYS A C   
223 O O   . LYS A 31  ? 0.1477 0.2737 0.1637 -0.0237 0.0034  0.0212  150 LYS A O   
224 C CB  . LYS A 31  ? 0.0884 0.1807 0.1084 -0.0124 0.0034  0.0242  150 LYS A CB  
225 C CG  . LYS A 31  ? 0.1284 0.2190 0.1483 -0.0178 0.0045  0.0324  150 LYS A CG  
226 C CD  . LYS A 31  ? 0.2728 0.3534 0.2960 -0.0156 0.0042  0.0388  150 LYS A CD  
227 C CE  . LYS A 31  ? 0.3575 0.4391 0.3821 -0.0202 0.0050  0.0486  150 LYS A CE  
228 N NZ  . LYS A 31  ? 0.4444 0.5230 0.4685 -0.0247 0.0090  0.0514  150 LYS A NZ  
229 N N   . THR A 32  ? 0.1012 0.2224 0.1217 -0.0152 0.0013  0.0150  151 THR A N   
230 C CA  . THR A 32  ? 0.1393 0.2719 0.1576 -0.0195 0.0004  0.0150  151 THR A CA  
231 C C   . THR A 32  ? 0.1123 0.2594 0.1282 -0.0233 0.0021  0.0090  151 THR A C   
232 O O   . THR A 32  ? 0.1459 0.3018 0.1564 -0.0290 0.0025  0.0122  151 THR A O   
233 C CB  . THR A 32  ? 0.1530 0.2849 0.1752 -0.0164 -0.0005 0.0111  151 THR A CB  
234 O OG1 . THR A 32  ? 0.0851 0.2033 0.1106 -0.0131 -0.0015 0.0170  151 THR A OG1 
235 C CG2 . THR A 32  ? 0.0780 0.2235 0.0964 -0.0216 -0.0023 0.0103  151 THR A CG2 
236 N N   . GLU A 33  ? 0.1620 0.3119 0.1823 -0.0199 0.0036  0.0012  152 GLU A N   
237 C CA  . GLU A 33  ? 0.1294 0.2929 0.1498 -0.0234 0.0061  -0.0048 152 GLU A CA  
238 C C   . GLU A 33  ? 0.1270 0.2930 0.1443 -0.0283 0.0071  -0.0007 152 GLU A C   
239 O O   . GLU A 33  ? 0.1272 0.3013 0.1404 -0.0333 0.0090  -0.0016 152 GLU A O   
240 C CB  . GLU A 33  ? 0.1148 0.2802 0.1432 -0.0178 0.0076  -0.0125 152 GLU A CB  
241 C CG  . GLU A 33  ? 0.1820 0.3445 0.2158 -0.0128 0.0087  -0.0177 152 GLU A CG  
242 C CD  . GLU A 33  ? 0.1825 0.3414 0.2244 -0.0053 0.0101  -0.0218 152 GLU A CD  
243 O OE1 . GLU A 33  ? 0.0994 0.2553 0.1472 -0.0014 0.0127  -0.0268 152 GLU A OE1 
244 O OE2 . GLU A 33  ? 0.2128 0.3718 0.2555 -0.0034 0.0086  -0.0196 152 GLU A OE2 
245 N N   . TYR A 34  ? 0.1180 0.2743 0.1367 -0.0266 0.0062  0.0032  153 TYR A N   
246 C CA  . TYR A 34  ? 0.1711 0.3288 0.1890 -0.0318 0.0081  0.0062  153 TYR A CA  
247 C C   . TYR A 34  ? 0.1651 0.3223 0.1774 -0.0372 0.0096  0.0145  153 TYR A C   
248 O O   . TYR A 34  ? 0.2079 0.3682 0.2174 -0.0414 0.0118  0.0150  153 TYR A O   
249 C CB  . TYR A 34  ? 0.0912 0.2377 0.1113 -0.0294 0.0071  0.0077  153 TYR A CB  
250 C CG  . TYR A 34  ? 0.0814 0.2288 0.1034 -0.0345 0.0096  0.0080  153 TYR A CG  
251 C CD1 . TYR A 34  ? 0.0690 0.2238 0.0958 -0.0343 0.0090  0.0009  153 TYR A CD1 
252 C CD2 . TYR A 34  ? 0.1818 0.3222 0.2023 -0.0395 0.0127  0.0156  153 TYR A CD2 
253 C CE1 . TYR A 34  ? 0.0951 0.2513 0.1249 -0.0398 0.0114  -0.0003 153 TYR A CE1 
254 C CE2 . TYR A 34  ? 0.0795 0.2181 0.1030 -0.0443 0.0160  0.0148  153 TYR A CE2 
255 C CZ  . TYR A 34  ? 0.0779 0.2249 0.1061 -0.0450 0.0154  0.0062  153 TYR A CZ  
256 O OH  . TYR A 34  ? 0.0909 0.2360 0.1228 -0.0501 0.0187  0.0040  153 TYR A OH  
257 N N   . ASP A 35  ? 0.0752 0.2250 0.0854 -0.0358 0.0078  0.0214  154 ASP A N   
258 C CA  . ASP A 35  ? 0.1712 0.3205 0.1769 -0.0395 0.0082  0.0310  154 ASP A CA  
259 C C   . ASP A 35  ? 0.1773 0.3392 0.1765 -0.0425 0.0078  0.0289  154 ASP A C   
260 O O   . ASP A 35  ? 0.2597 0.4227 0.2547 -0.0457 0.0088  0.0345  154 ASP A O   
261 C CB  . ASP A 35  ? 0.1433 0.2844 0.1501 -0.0367 0.0056  0.0384  154 ASP A CB  
262 C CG  . ASP A 35  ? 0.1986 0.3233 0.2105 -0.0345 0.0070  0.0424  154 ASP A CG  
263 O OD1 . ASP A 35  ? 0.1769 0.2983 0.1909 -0.0364 0.0101  0.0400  154 ASP A OD1 
264 O OD2 . ASP A 35  ? 0.2508 0.3667 0.2653 -0.0314 0.0053  0.0473  154 ASP A OD2 
265 N N   . LEU A 36  ? 0.1470 0.3184 0.1461 -0.0413 0.0068  0.0207  155 LEU A N   
266 C CA  . LEU A 36  ? 0.0917 0.2755 0.0843 -0.0448 0.0070  0.0165  155 LEU A CA  
267 C C   . LEU A 36  ? 0.2126 0.3991 0.2046 -0.0476 0.0104  0.0125  155 LEU A C   
268 O O   . LEU A 36  ? 0.2494 0.4402 0.2355 -0.0516 0.0115  0.0158  155 LEU A O   
269 C CB  . LEU A 36  ? 0.1414 0.3323 0.1366 -0.0427 0.0067  0.0064  155 LEU A CB  
270 C CG  . LEU A 36  ? 0.0944 0.2976 0.0842 -0.0466 0.0077  -0.0014 155 LEU A CG  
271 C CD1 . LEU A 36  ? 0.1039 0.3138 0.0850 -0.0508 0.0049  0.0063  155 LEU A CD1 
272 C CD2 . LEU A 36  ? 0.1505 0.3568 0.1460 -0.0437 0.0084  -0.0119 155 LEU A CD2 
273 N N   . LEU A 37  ? 0.2156 0.3992 0.2144 -0.0452 0.0120  0.0058  156 LEU A N   
274 C CA  . LEU A 37  ? 0.1976 0.3839 0.1980 -0.0478 0.0154  0.0019  156 LEU A CA  
275 C C   . LEU A 37  ? 0.2313 0.4121 0.2295 -0.0515 0.0175  0.0104  156 LEU A C   
276 O O   . LEU A 37  ? 0.1580 0.3428 0.1532 -0.0552 0.0208  0.0106  156 LEU A O   
277 C CB  . LEU A 37  ? 0.0883 0.2729 0.0976 -0.0441 0.0155  -0.0049 156 LEU A CB  
278 C CG  . LEU A 37  ? 0.1568 0.3459 0.1700 -0.0467 0.0188  -0.0100 156 LEU A CG  
279 C CD1 . LEU A 37  ? 0.1379 0.3353 0.1473 -0.0497 0.0216  -0.0146 156 LEU A CD1 
280 C CD2 . LEU A 37  ? 0.0861 0.2758 0.1087 -0.0420 0.0176  -0.0166 156 LEU A CD2 
281 N N   . TYR A 38  ? 0.1809 0.3515 0.1816 -0.0502 0.0168  0.0173  157 TYR A N   
282 C CA  . TYR A 38  ? 0.1670 0.3301 0.1678 -0.0530 0.0201  0.0250  157 TYR A CA  
283 C C   . TYR A 38  ? 0.2809 0.4466 0.2740 -0.0549 0.0204  0.0331  157 TYR A C   
284 O O   . TYR A 38  ? 0.2552 0.4211 0.2469 -0.0578 0.0247  0.0360  157 TYR A O   
285 C CB  . TYR A 38  ? 0.1043 0.2545 0.1096 -0.0511 0.0199  0.0303  157 TYR A CB  
286 C CG  . TYR A 38  ? 0.1601 0.3008 0.1679 -0.0537 0.0250  0.0370  157 TYR A CG  
287 C CD1 . TYR A 38  ? 0.1519 0.2865 0.1571 -0.0530 0.0254  0.0477  157 TYR A CD1 
288 C CD2 . TYR A 38  ? 0.2011 0.3398 0.2153 -0.0566 0.0297  0.0323  157 TYR A CD2 
289 C CE1 . TYR A 38  ? 0.1792 0.3039 0.1879 -0.0546 0.0315  0.0536  157 TYR A CE1 
290 C CE2 . TYR A 38  ? 0.2251 0.3544 0.2434 -0.0590 0.0359  0.0375  157 TYR A CE2 
291 C CZ  . TYR A 38  ? 0.2475 0.3688 0.2628 -0.0578 0.0374  0.0483  157 TYR A CZ  
292 O OH  . TYR A 38  ? 0.3651 0.4760 0.3853 -0.0595 0.0450  0.0534  157 TYR A OH  
293 N N   . LEU A 39  ? 0.2917 0.4608 0.2806 -0.0531 0.0158  0.0366  158 LEU A N   
294 C CA  . LEU A 39  ? 0.2521 0.4263 0.2341 -0.0546 0.0147  0.0445  158 LEU A CA  
295 C C   . LEU A 39  ? 0.1924 0.3777 0.1681 -0.0584 0.0172  0.0395  158 LEU A C   
296 O O   . LEU A 39  ? 0.2391 0.4244 0.2106 -0.0605 0.0204  0.0460  158 LEU A O   
297 C CB  . LEU A 39  ? 0.2039 0.3829 0.1837 -0.0527 0.0088  0.0470  158 LEU A CB  
298 C CG  . LEU A 39  ? 0.2076 0.3960 0.1805 -0.0544 0.0064  0.0540  158 LEU A CG  
299 C CD1 . LEU A 39  ? 0.2039 0.3833 0.1788 -0.0528 0.0074  0.0676  158 LEU A CD1 
300 C CD2 . LEU A 39  ? 0.1478 0.3455 0.1194 -0.0537 0.0009  0.0520  158 LEU A CD2 
301 N N   . LEU A 40  ? 0.1787 0.3724 0.1542 -0.0591 0.0169  0.0279  159 LEU A N   
302 C CA  . LEU A 40  ? 0.2519 0.4549 0.2225 -0.0628 0.0201  0.0222  159 LEU A CA  
303 C C   . LEU A 40  ? 0.3298 0.5280 0.3034 -0.0648 0.0264  0.0224  159 LEU A C   
304 O O   . LEU A 40  ? 0.3179 0.5196 0.2859 -0.0680 0.0303  0.0251  159 LEU A O   
305 C CB  . LEU A 40  ? 0.1581 0.3689 0.1307 -0.0627 0.0196  0.0089  159 LEU A CB  
306 C CG  . LEU A 40  ? 0.1357 0.3523 0.1066 -0.0614 0.0150  0.0061  159 LEU A CG  
307 C CD1 . LEU A 40  ? 0.2182 0.4399 0.1936 -0.0608 0.0167  -0.0077 159 LEU A CD1 
308 C CD2 . LEU A 40  ? 0.1673 0.3924 0.1291 -0.0647 0.0130  0.0112  159 LEU A CD2 
309 N N   . ALA A 41  ? 0.3428 0.5337 0.3257 -0.0632 0.0279  0.0197  160 ALA A N   
310 C CA  . ALA A 41  ? 0.3428 0.5308 0.3311 -0.0656 0.0340  0.0182  160 ALA A CA  
311 C C   . ALA A 41  ? 0.3768 0.5570 0.3630 -0.0671 0.0382  0.0296  160 ALA A C   
312 O O   . ALA A 41  ? 0.3031 0.4839 0.2888 -0.0702 0.0446  0.0306  160 ALA A O   
313 C CB  . ALA A 41  ? 0.2347 0.4181 0.2339 -0.0637 0.0336  0.0126  160 ALA A CB  
314 N N   . GLU A 42  ? 0.3370 0.5090 0.3231 -0.0647 0.0356  0.0384  161 GLU A N   
315 C CA  . GLU A 42  ? 0.3518 0.5146 0.3376 -0.0649 0.0399  0.0499  161 GLU A CA  
316 C C   . GLU A 42  ? 0.4692 0.6387 0.4445 -0.0663 0.0410  0.0566  161 GLU A C   
317 O O   . GLU A 42  ? 0.6091 0.7728 0.5836 -0.0672 0.0473  0.0646  161 GLU A O   
318 C CB  . GLU A 42  ? 0.3490 0.5021 0.3380 -0.0613 0.0360  0.0568  161 GLU A CB  
319 C CG  . GLU A 42  ? 0.4528 0.5966 0.4417 -0.0602 0.0390  0.0694  161 GLU A CG  
320 C CD  . GLU A 42  ? 0.5852 0.7217 0.5774 -0.0560 0.0339  0.0747  161 GLU A CD  
321 O OE1 . GLU A 42  ? 0.5966 0.7413 0.5850 -0.0542 0.0264  0.0740  161 GLU A OE1 
322 O OE2 . GLU A 42  ? 0.6482 0.7705 0.6479 -0.0550 0.0382  0.0785  161 GLU A OE2 
323 N N   . ASN A 43  ? 0.4342 0.6162 0.4013 -0.0667 0.0357  0.0527  162 ASN A N   
324 C CA  . ASN A 43  ? 0.3844 0.5756 0.3401 -0.0685 0.0359  0.0572  162 ASN A CA  
325 C C   . ASN A 43  ? 0.3992 0.5996 0.3508 -0.0723 0.0397  0.0470  162 ASN A C   
326 O O   . ASN A 43  ? 0.4383 0.6496 0.3806 -0.0741 0.0374  0.0447  162 ASN A O   
327 C CB  . ASN A 43  ? 0.3392 0.5386 0.2895 -0.0669 0.0274  0.0599  162 ASN A CB  
328 C CG  . ASN A 43  ? 0.4538 0.6454 0.4075 -0.0632 0.0245  0.0726  162 ASN A CG  
329 O OD1 . ASN A 43  ? 0.5536 0.7465 0.5022 -0.0626 0.0250  0.0834  162 ASN A OD1 
330 N ND2 . ASN A 43  ? 0.4089 0.5923 0.3714 -0.0603 0.0219  0.0713  162 ASN A ND2 
331 N N   . LYS A 44  ? 0.4283 0.6246 0.3879 -0.0737 0.0454  0.0402  163 LYS A N   
332 C CA  . LYS A 44  ? 0.4434 0.6478 0.4017 -0.0769 0.0493  0.0300  163 LYS A CA  
333 C C   . LYS A 44  ? 0.4615 0.6705 0.4080 -0.0797 0.0539  0.0356  163 LYS A C   
334 O O   . LYS A 44  ? 0.5383 0.7410 0.4819 -0.0794 0.0579  0.0471  163 LYS A O   
335 C CB  . LYS A 44  ? 0.4474 0.6469 0.4183 -0.0777 0.0552  0.0241  163 LYS A CB  
336 C CG  . LYS A 44  ? 0.5517 0.7585 0.5242 -0.0808 0.0602  0.0140  163 LYS A CG  
337 C CD  . LYS A 44  ? 0.6164 0.8191 0.6026 -0.0819 0.0664  0.0103  163 LYS A CD  
338 C CE  . LYS A 44  ? 0.7064 0.9151 0.6940 -0.0852 0.0736  0.0038  163 LYS A CE  
339 N NZ  . LYS A 44  ? 0.7320 0.9353 0.7246 -0.0877 0.0832  0.0093  163 LYS A NZ  
340 N N   . ASN A 45  ? 0.3877 0.6074 0.3277 -0.0823 0.0538  0.0273  164 ASN A N   
341 C CA  . ASN A 45  ? 0.4834 0.7096 0.4101 -0.0855 0.0576  0.0302  164 ASN A CA  
342 C C   . ASN A 45  ? 0.4705 0.7012 0.3853 -0.0845 0.0518  0.0405  164 ASN A C   
343 O O   . ASN A 45  ? 0.5550 0.7917 0.4574 -0.0868 0.0544  0.0445  164 ASN A O   
344 C CB  . ASN A 45  ? 0.5525 0.7721 0.4794 -0.0870 0.0681  0.0360  164 ASN A CB  
345 C CG  . ASN A 45  ? 0.6301 0.8477 0.5698 -0.0886 0.0743  0.0256  164 ASN A CG  
346 O OD1 . ASN A 45  ? 0.7288 0.9534 0.6708 -0.0902 0.0739  0.0134  164 ASN A OD1 
347 N ND2 . ASN A 45  ? 0.5482 0.7563 0.4981 -0.0881 0.0805  0.0300  164 ASN A ND2 
348 N N   . HIS A 46  ? 0.4241 0.6532 0.3427 -0.0811 0.0440  0.0448  165 HIS A N   
349 C CA  . HIS A 46  ? 0.4312 0.6659 0.3416 -0.0798 0.0376  0.0546  165 HIS A CA  
350 C C   . HIS A 46  ? 0.4194 0.6627 0.3320 -0.0795 0.0293  0.0465  165 HIS A C   
351 O O   . HIS A 46  ? 0.5158 0.7533 0.4379 -0.0764 0.0254  0.0458  165 HIS A O   
352 C CB  . HIS A 46  ? 0.3534 0.5769 0.2685 -0.0757 0.0373  0.0693  165 HIS A CB  
353 N N   . VAL A 47  ? 0.4666 0.7228 0.3703 -0.0830 0.0276  0.0397  166 VAL A N   
354 C CA  . VAL A 47  ? 0.4028 0.6674 0.3095 -0.0835 0.0217  0.0303  166 VAL A CA  
355 C C   . VAL A 47  ? 0.4579 0.7216 0.3685 -0.0797 0.0143  0.0394  166 VAL A C   
356 O O   . VAL A 47  ? 0.5797 0.8445 0.4849 -0.0783 0.0121  0.0525  166 VAL A O   
357 C CB  . VAL A 47  ? 0.3364 0.6153 0.2323 -0.0886 0.0220  0.0229  166 VAL A CB  
358 C CG1 . VAL A 47  ? 0.2608 0.5489 0.1595 -0.0893 0.0160  0.0154  166 VAL A CG1 
359 C CG2 . VAL A 47  ? 0.4262 0.7052 0.3218 -0.0923 0.0294  0.0108  166 VAL A CG2 
360 N N   . MET A 48  ? 0.3793 0.6403 0.2996 -0.0777 0.0110  0.0328  167 MET A N   
361 C CA  . MET A 48  ? 0.3292 0.5887 0.2549 -0.0740 0.0047  0.0397  167 MET A CA  
362 C C   . MET A 48  ? 0.2621 0.5333 0.1869 -0.0759 0.0007  0.0310  167 MET A C   
363 O O   . MET A 48  ? 0.3770 0.6518 0.3040 -0.0782 0.0032  0.0168  167 MET A O   
364 C CB  . MET A 48  ? 0.4076 0.6538 0.3447 -0.0700 0.0048  0.0392  167 MET A CB  
365 C CG  . MET A 48  ? 0.4713 0.7052 0.4111 -0.0688 0.0100  0.0439  167 MET A CG  
366 S SD  . MET A 48  ? 0.5625 0.7869 0.5037 -0.0652 0.0090  0.0626  167 MET A SD  
367 C CE  . MET A 48  ? 0.5191 0.7434 0.4676 -0.0616 0.0015  0.0651  167 MET A CE  
368 N N   . GLN A 49  ? 0.3906 0.6674 0.3137 -0.0747 -0.0048 0.0392  168 GLN A N   
369 C CA  . GLN A 49  ? 0.4954 0.7828 0.4183 -0.0764 -0.0083 0.0313  168 GLN A CA  
370 C C   . GLN A 49  ? 0.4088 0.6879 0.3430 -0.0726 -0.0100 0.0271  168 GLN A C   
371 O O   . GLN A 49  ? 0.3486 0.6157 0.2895 -0.0684 -0.0108 0.0354  168 GLN A O   
372 C CB  . GLN A 49  ? 0.5979 0.8954 0.5139 -0.0766 -0.0138 0.0417  168 GLN A CB  
373 C CG  . GLN A 49  ? 0.6594 0.9707 0.5617 -0.0816 -0.0128 0.0403  168 GLN A CG  
374 C CD  . GLN A 49  ? 0.8066 1.1232 0.7014 -0.0800 -0.0164 0.0571  168 GLN A CD  
375 O OE1 . GLN A 49  ? 0.8657 1.1964 0.7523 -0.0822 -0.0204 0.0582  168 GLN A OE1 
376 N NE2 . GLN A 49  ? 0.8363 1.1411 0.7341 -0.0761 -0.0145 0.0701  168 GLN A NE2 
377 N N   . ARG A 50  ? 0.4041 0.6890 0.3404 -0.0745 -0.0098 0.0137  169 ARG A N   
378 C CA  . ARG A 50  ? 0.3241 0.6005 0.2702 -0.0706 -0.0105 0.0083  169 ARG A CA  
379 C C   . ARG A 50  ? 0.3465 0.6160 0.2965 -0.0661 -0.0161 0.0210  169 ARG A C   
380 O O   . ARG A 50  ? 0.4388 0.6957 0.3965 -0.0617 -0.0161 0.0233  169 ARG A O   
381 C CB  . ARG A 50  ? 0.3053 0.5896 0.2529 -0.0732 -0.0094 -0.0073 169 ARG A CB  
382 C CG  . ARG A 50  ? 0.4558 0.7425 0.4054 -0.0763 -0.0024 -0.0220 169 ARG A CG  
383 C CD  . ARG A 50  ? 0.4784 0.7698 0.4338 -0.0781 0.0001  -0.0383 169 ARG A CD  
384 N NE  . ARG A 50  ? 0.6747 0.9722 0.6277 -0.0785 -0.0051 -0.0370 169 ARG A NE  
385 C CZ  . ARG A 50  ? 0.7462 1.0439 0.7063 -0.0782 -0.0048 -0.0480 169 ARG A CZ  
386 N NH1 . ARG A 50  ? 0.7762 1.0681 0.7465 -0.0769 0.0012  -0.0608 169 ARG A NH1 
387 N NH2 . ARG A 50  ? 0.6914 0.9953 0.6496 -0.0788 -0.0105 -0.0464 169 ARG A NH2 
388 N N   . GLU A 51  ? 0.2763 0.5544 0.2214 -0.0669 -0.0207 0.0300  170 GLU A N   
389 C CA  . GLU A 51  ? 0.3061 0.5785 0.2569 -0.0626 -0.0259 0.0420  170 GLU A CA  
390 C C   . GLU A 51  ? 0.2789 0.5401 0.2338 -0.0593 -0.0248 0.0565  170 GLU A C   
391 O O   . GLU A 51  ? 0.3754 0.6256 0.3392 -0.0550 -0.0265 0.0632  170 GLU A O   
392 C CB  . GLU A 51  ? 0.4905 0.7768 0.4361 -0.0642 -0.0315 0.0468  170 GLU A CB  
393 C CG  . GLU A 51  ? 0.7032 1.0000 0.6468 -0.0675 -0.0332 0.0318  170 GLU A CG  
394 C CD  . GLU A 51  ? 0.9138 1.2223 0.8483 -0.0736 -0.0287 0.0194  170 GLU A CD  
395 O OE1 . GLU A 51  ? 0.9340 1.2432 0.8626 -0.0754 -0.0251 0.0230  170 GLU A OE1 
396 O OE2 . GLU A 51  ? 0.8490 1.1653 0.7833 -0.0768 -0.0285 0.0053  170 GLU A OE2 
397 N N   . GLN A 52  ? 0.2823 0.5449 0.2316 -0.0612 -0.0216 0.0609  171 GLN A N   
398 C CA  . GLN A 52  ? 0.4224 0.6722 0.3769 -0.0579 -0.0196 0.0730  171 GLN A CA  
399 C C   . GLN A 52  ? 0.4048 0.6411 0.3657 -0.0561 -0.0160 0.0666  171 GLN A C   
400 O O   . GLN A 52  ? 0.3266 0.5496 0.2953 -0.0524 -0.0154 0.0742  171 GLN A O   
401 C CB  . GLN A 52  ? 0.5163 0.7691 0.4632 -0.0596 -0.0166 0.0799  171 GLN A CB  
402 C CG  . GLN A 52  ? 0.7597 1.0206 0.6967 -0.0644 -0.0131 0.0686  171 GLN A CG  
403 C CD  . GLN A 52  ? 0.8845 1.1469 0.8129 -0.0659 -0.0094 0.0762  171 GLN A CD  
404 O OE1 . GLN A 52  ? 0.9149 1.1888 0.8327 -0.0699 -0.0086 0.0717  171 GLN A OE1 
405 N NE2 . GLN A 52  ? 0.8048 1.0545 0.7376 -0.0627 -0.0066 0.0872  171 GLN A NE2 
406 N N   . ILE A 53  ? 0.3234 0.5632 0.2818 -0.0586 -0.0133 0.0523  172 ILE A N   
407 C CA  . ILE A 53  ? 0.1732 0.4023 0.1376 -0.0564 -0.0106 0.0453  172 ILE A CA  
408 C C   . ILE A 53  ? 0.2617 0.4835 0.2333 -0.0524 -0.0138 0.0463  172 ILE A C   
409 O O   . ILE A 53  ? 0.2599 0.4689 0.2376 -0.0490 -0.0129 0.0501  172 ILE A O   
410 C CB  . ILE A 53  ? 0.2009 0.4364 0.1629 -0.0593 -0.0069 0.0296  172 ILE A CB  
411 C CG1 . ILE A 53  ? 0.2295 0.4685 0.1855 -0.0628 -0.0030 0.0290  172 ILE A CG1 
412 C CG2 . ILE A 53  ? 0.1247 0.3513 0.0934 -0.0561 -0.0047 0.0220  172 ILE A CG2 
413 C CD1 . ILE A 53  ? 0.2514 0.4970 0.2066 -0.0657 0.0010  0.0138  172 ILE A CD1 
414 N N   . LEU A 54  ? 0.3430 0.5719 0.3142 -0.0527 -0.0172 0.0421  173 LEU A N   
415 C CA  . LEU A 54  ? 0.2876 0.5083 0.2666 -0.0485 -0.0207 0.0431  173 LEU A CA  
416 C C   . LEU A 54  ? 0.2577 0.4689 0.2428 -0.0454 -0.0226 0.0589  173 LEU A C   
417 O O   . LEU A 54  ? 0.1818 0.3800 0.1747 -0.0414 -0.0225 0.0614  173 LEU A O   
418 C CB  . LEU A 54  ? 0.2029 0.4331 0.1810 -0.0498 -0.0246 0.0368  173 LEU A CB  
419 C CG  . LEU A 54  ? 0.1787 0.3989 0.1673 -0.0455 -0.0271 0.0327  173 LEU A CG  
420 C CD1 . LEU A 54  ? 0.1648 0.3826 0.1569 -0.0450 -0.0235 0.0167  173 LEU A CD1 
421 C CD2 . LEU A 54  ? 0.2769 0.5039 0.2681 -0.0457 -0.0325 0.0333  173 LEU A CD2 
422 N N   . ASN A 55  ? 0.1359 0.3531 0.1184 -0.0467 -0.0237 0.0698  174 ASN A N   
423 C CA  . ASN A 55  ? 0.2319 0.4399 0.2231 -0.0433 -0.0245 0.0846  174 ASN A CA  
424 C C   . ASN A 55  ? 0.2152 0.4077 0.2114 -0.0413 -0.0197 0.0878  174 ASN A C   
425 O O   . ASN A 55  ? 0.1820 0.3609 0.1880 -0.0375 -0.0192 0.0937  174 ASN A O   
426 C CB  . ASN A 55  ? 0.3589 0.5771 0.3469 -0.0444 -0.0261 0.0949  174 ASN A CB  
427 C CG  . ASN A 55  ? 0.3995 0.6314 0.3844 -0.0456 -0.0317 0.0941  174 ASN A CG  
428 O OD1 . ASN A 55  ? 0.5041 0.7350 0.4931 -0.0444 -0.0348 0.0881  174 ASN A OD1 
429 N ND2 . ASN A 55  ? 0.4121 0.6569 0.3897 -0.0477 -0.0331 0.0996  174 ASN A ND2 
430 N N   . HIS A 56  ? 0.1722 0.3652 0.1617 -0.0437 -0.0158 0.0828  175 HIS A N   
431 C CA  . HIS A 56  ? 0.1736 0.3509 0.1672 -0.0421 -0.0109 0.0842  175 HIS A CA  
432 C C   . HIS A 56  ? 0.2554 0.4230 0.2525 -0.0402 -0.0094 0.0767  175 HIS A C   
433 O O   . HIS A 56  ? 0.2759 0.4272 0.2802 -0.0374 -0.0068 0.0798  175 HIS A O   
434 C CB  . HIS A 56  ? 0.3165 0.4971 0.3027 -0.0453 -0.0069 0.0808  175 HIS A CB  
435 C CG  . HIS A 56  ? 0.5276 0.7092 0.5122 -0.0455 -0.0055 0.0915  175 HIS A CG  
436 N ND1 . HIS A 56  ? 0.5664 0.7633 0.5437 -0.0478 -0.0082 0.0945  175 HIS A ND1 
437 C CD2 . HIS A 56  ? 0.5348 0.7033 0.5243 -0.0436 -0.0010 0.0994  175 HIS A CD2 
438 C CE1 . HIS A 56  ? 0.6034 0.7972 0.5808 -0.0467 -0.0058 0.1054  175 HIS A CE1 
439 N NE2 . HIS A 56  ? 0.6105 0.7868 0.5955 -0.0442 -0.0010 0.1081  175 HIS A NE2 
440 N N   . VAL A 57  ? 0.1616 0.3381 0.1539 -0.0415 -0.0105 0.0660  176 VAL A N   
441 C CA  . VAL A 57  ? 0.1806 0.3481 0.1765 -0.0390 -0.0082 0.0579  176 VAL A CA  
442 C C   . VAL A 57  ? 0.1937 0.3524 0.1984 -0.0343 -0.0115 0.0569  176 VAL A C   
443 O O   . VAL A 57  ? 0.2228 0.3660 0.2343 -0.0305 -0.0093 0.0554  176 VAL A O   
444 C CB  . VAL A 57  ? 0.2040 0.3808 0.1958 -0.0407 -0.0066 0.0437  176 VAL A CB  
445 C CG1 . VAL A 57  ? 0.1500 0.3153 0.1498 -0.0359 -0.0050 0.0340  176 VAL A CG1 
446 C CG2 . VAL A 57  ? 0.1803 0.3618 0.1668 -0.0447 -0.0027 0.0437  176 VAL A CG2 
447 N N   . TRP A 58  ? 0.1338 0.3027 0.1383 -0.0347 -0.0167 0.0573  177 TRP A N   
448 C CA  . TRP A 58  ? 0.0959 0.2579 0.1103 -0.0308 -0.0195 0.0559  177 TRP A CA  
449 C C   . TRP A 58  ? 0.1198 0.2800 0.1400 -0.0295 -0.0228 0.0699  177 TRP A C   
450 O O   . TRP A 58  ? 0.2761 0.4267 0.3069 -0.0258 -0.0236 0.0701  177 TRP A O   
451 C CB  . TRP A 58  ? 0.0888 0.2638 0.1026 -0.0322 -0.0225 0.0438  177 TRP A CB  
452 C CG  . TRP A 58  ? 0.1712 0.3423 0.1860 -0.0309 -0.0181 0.0297  177 TRP A CG  
453 C CD1 . TRP A 58  ? 0.0947 0.2531 0.1190 -0.0260 -0.0157 0.0229  177 TRP A CD1 
454 C CD2 . TRP A 58  ? 0.1361 0.3159 0.1433 -0.0341 -0.0150 0.0219  177 TRP A CD2 
455 N NE1 . TRP A 58  ? 0.1625 0.3216 0.1858 -0.0254 -0.0116 0.0121  177 TRP A NE1 
456 C CE2 . TRP A 58  ? 0.1066 0.2789 0.1202 -0.0304 -0.0111 0.0109  177 TRP A CE2 
457 C CE3 . TRP A 58  ? 0.1595 0.3528 0.1555 -0.0395 -0.0145 0.0235  177 TRP A CE3 
458 C CZ2 . TRP A 58  ? 0.1180 0.2963 0.1291 -0.0318 -0.0070 0.0016  177 TRP A CZ2 
459 C CZ3 . TRP A 58  ? 0.1910 0.3896 0.1837 -0.0415 -0.0101 0.0134  177 TRP A CZ3 
460 C CH2 . TRP A 58  ? 0.2033 0.3948 0.2044 -0.0375 -0.0066 0.0025  177 TRP A CH2 
461 N N   . GLY A 59  ? 0.2190 0.3860 0.2346 -0.0322 -0.0232 0.0808  178 GLY A N   
462 C CA  . GLY A 59  ? 0.2040 0.3665 0.2291 -0.0300 -0.0245 0.0926  178 GLY A CA  
463 C C   . GLY A 59  ? 0.2053 0.3838 0.2272 -0.0322 -0.0291 0.0941  178 GLY A C   
464 O O   . GLY A 59  ? 0.3335 0.5231 0.3486 -0.0343 -0.0320 0.0834  178 GLY A O   
465 N N   . TYR A 60  ? 0.2640 0.4435 0.2915 -0.0314 -0.0295 0.1065  179 TYR A N   
466 C CA  . TYR A 60  ? 0.3512 0.5475 0.3736 -0.0334 -0.0340 0.1099  179 TYR A CA  
467 C C   . TYR A 60  ? 0.2837 0.4847 0.3101 -0.0324 -0.0398 0.1058  179 TYR A C   
468 O O   . TYR A 60  ? 0.4181 0.6348 0.4370 -0.0350 -0.0442 0.1019  179 TYR A O   
469 C CB  . TYR A 60  ? 0.4235 0.6200 0.4526 -0.0319 -0.0328 0.1247  179 TYR A CB  
470 C CG  . TYR A 60  ? 0.5610 0.7600 0.5821 -0.0337 -0.0291 0.1269  179 TYR A CG  
471 C CD1 . TYR A 60  ? 0.6618 0.8772 0.6723 -0.0365 -0.0312 0.1293  179 TYR A CD1 
472 C CD2 . TYR A 60  ? 0.6292 0.8133 0.6526 -0.0326 -0.0233 0.1253  179 TYR A CD2 
473 C CE1 . TYR A 60  ? 0.8003 1.0166 0.8035 -0.0379 -0.0274 0.1311  179 TYR A CE1 
474 C CE2 . TYR A 60  ? 0.6998 0.8842 0.7157 -0.0341 -0.0197 0.1263  179 TYR A CE2 
475 C CZ  . TYR A 60  ? 0.8104 1.0108 0.8166 -0.0368 -0.0215 0.1296  179 TYR A CZ  
476 O OH  . TYR A 60  ? 0.8767 1.0765 0.8755 -0.0383 -0.0172 0.1308  179 TYR A OH  
477 N N   . ASN A 61  ? 0.2903 0.4780 0.3292 -0.0286 -0.0395 0.1061  180 ASN A N   
478 C CA  . ASN A 61  ? 0.5323 0.7232 0.5781 -0.0272 -0.0448 0.1014  180 ASN A CA  
479 C C   . ASN A 61  ? 0.5555 0.7459 0.6000 -0.0276 -0.0456 0.0842  180 ASN A C   
480 O O   . ASN A 61  ? 0.5790 0.7712 0.6321 -0.0265 -0.0492 0.0778  180 ASN A O   
481 C CB  . ASN A 61  ? 0.4693 0.6455 0.5324 -0.0228 -0.0432 0.1107  180 ASN A CB  
482 N N   . SER A 62  ? 0.4305 0.6196 0.4665 -0.0293 -0.0419 0.0761  181 SER A N   
483 C CA  . SER A 62  ? 0.2962 0.4783 0.3369 -0.0280 -0.0400 0.0623  181 SER A CA  
484 C C   . SER A 62  ? 0.2417 0.4339 0.2855 -0.0297 -0.0435 0.0491  181 SER A C   
485 O O   . SER A 62  ? 0.2409 0.4483 0.2752 -0.0338 -0.0464 0.0450  181 SER A O   
486 C CB  . SER A 62  ? 0.2265 0.4086 0.2576 -0.0299 -0.0356 0.0557  181 SER A CB  
487 O OG  . SER A 62  ? 0.2015 0.3758 0.2403 -0.0276 -0.0329 0.0442  181 SER A OG  
488 N N   . GLU A 63  ? 0.2001 0.3836 0.2584 -0.0267 -0.0426 0.0425  182 GLU A N   
489 C CA  . GLU A 63  ? 0.1670 0.3590 0.2313 -0.0288 -0.0445 0.0282  182 GLU A CA  
490 C C   . GLU A 63  ? 0.1711 0.3659 0.2308 -0.0313 -0.0399 0.0129  182 GLU A C   
491 O O   . GLU A 63  ? 0.2038 0.4033 0.2704 -0.0332 -0.0392 -0.0004 182 GLU A O   
492 C CB  . GLU A 63  ? 0.0912 0.2732 0.1760 -0.0249 -0.0439 0.0269  182 GLU A CB  
493 C CG  . GLU A 63  ? 0.1229 0.3025 0.2152 -0.0224 -0.0478 0.0402  182 GLU A CG  
494 C CD  . GLU A 63  ? 0.2176 0.4153 0.3064 -0.0257 -0.0552 0.0396  182 GLU A CD  
495 O OE1 . GLU A 63  ? 0.1961 0.4061 0.2805 -0.0300 -0.0568 0.0263  182 GLU A OE1 
496 O OE2 . GLU A 63  ? 0.3008 0.5001 0.3913 -0.0242 -0.0587 0.0527  182 GLU A OE2 
497 N N   . VAL A 64  ? 0.1435 0.3352 0.1931 -0.0314 -0.0359 0.0139  183 VAL A N   
498 C CA  . VAL A 64  ? 0.1488 0.3426 0.1956 -0.0331 -0.0306 -0.0003 183 VAL A CA  
499 C C   . VAL A 64  ? 0.1645 0.3745 0.1986 -0.0392 -0.0316 -0.0079 183 VAL A C   
500 O O   . VAL A 64  ? 0.2411 0.4604 0.2639 -0.0418 -0.0353 0.0005  183 VAL A O   
501 C CB  . VAL A 64  ? 0.1874 0.3729 0.2299 -0.0308 -0.0260 0.0032  183 VAL A CB  
502 C CG1 . VAL A 64  ? 0.0930 0.2859 0.1192 -0.0342 -0.0271 0.0106  183 VAL A CG1 
503 C CG2 . VAL A 64  ? 0.1264 0.3103 0.1736 -0.0302 -0.0197 -0.0112 183 VAL A CG2 
504 N N   . GLU A 65  ? 0.1086 0.3221 0.1458 -0.0413 -0.0271 -0.0239 184 GLU A N   
505 C CA  . GLU A 65  ? 0.1703 0.3991 0.1966 -0.0473 -0.0258 -0.0333 184 GLU A CA  
506 C C   . GLU A 65  ? 0.2282 0.4611 0.2400 -0.0492 -0.0232 -0.0289 184 GLU A C   
507 O O   . GLU A 65  ? 0.1903 0.4140 0.2034 -0.0462 -0.0200 -0.0263 184 GLU A O   
508 C CB  . GLU A 65  ? 0.1182 0.3474 0.1538 -0.0489 -0.0194 -0.0521 184 GLU A CB  
509 C CG  . GLU A 65  ? 0.1176 0.3445 0.1681 -0.0481 -0.0211 -0.0578 184 GLU A CG  
510 C CD  . GLU A 65  ? 0.1949 0.4232 0.2552 -0.0505 -0.0134 -0.0770 184 GLU A CD  
511 O OE1 . GLU A 65  ? 0.2374 0.4600 0.3133 -0.0490 -0.0123 -0.0825 184 GLU A OE1 
512 O OE2 . GLU A 65  ? 0.2433 0.4783 0.2970 -0.0539 -0.0076 -0.0868 184 GLU A OE2 
513 N N   . THR A 66  ? 0.2561 0.5036 0.2554 -0.0543 -0.0245 -0.0277 185 THR A N   
514 C CA  . THR A 66  ? 0.1727 0.4243 0.1602 -0.0565 -0.0218 -0.0220 185 THR A CA  
515 C C   . THR A 66  ? 0.2154 0.4667 0.2037 -0.0577 -0.0139 -0.0343 185 THR A C   
516 O O   . THR A 66  ? 0.2051 0.4552 0.1883 -0.0579 -0.0111 -0.0296 185 THR A O   
517 C CB  . THR A 66  ? 0.2098 0.4780 0.1859 -0.0618 -0.0243 -0.0185 185 THR A CB  
518 O OG1 . THR A 66  ? 0.3098 0.5784 0.2870 -0.0598 -0.0317 -0.0060 185 THR A OG1 
519 C CG2 . THR A 66  ? 0.2274 0.4997 0.1937 -0.0642 -0.0211 -0.0116 185 THR A CG2 
520 N N   . ASN A 67  ? 0.2574 0.5094 0.2541 -0.0585 -0.0098 -0.0501 186 ASN A N   
521 C CA  . ASN A 67  ? 0.2609 0.5134 0.2601 -0.0594 -0.0018 -0.0616 186 ASN A CA  
522 C C   . ASN A 67  ? 0.2056 0.4441 0.2122 -0.0534 -0.0003 -0.0582 186 ASN A C   
523 O O   . ASN A 67  ? 0.2316 0.4708 0.2411 -0.0535 0.0056  -0.0658 186 ASN A O   
524 C CB  . ASN A 67  ? 0.3002 0.5569 0.3089 -0.0619 0.0037  -0.0799 186 ASN A CB  
525 C CG  . ASN A 67  ? 0.3372 0.5831 0.3601 -0.0575 0.0021  -0.0828 186 ASN A CG  
526 O OD1 . ASN A 67  ? 0.4172 0.6665 0.4409 -0.0589 -0.0027 -0.0820 186 ASN A OD1 
527 N ND2 . ASN A 67  ? 0.2277 0.4604 0.2635 -0.0521 0.0060  -0.0857 186 ASN A ND2 
528 N N   . VAL A 68  ? 0.1488 0.3756 0.1604 -0.0482 -0.0053 -0.0470 187 VAL A N   
529 C CA  . VAL A 68  ? 0.1388 0.3535 0.1573 -0.0426 -0.0036 -0.0424 187 VAL A CA  
530 C C   . VAL A 68  ? 0.1682 0.3872 0.1766 -0.0446 -0.0024 -0.0367 187 VAL A C   
531 O O   . VAL A 68  ? 0.2912 0.5018 0.3044 -0.0406 0.0015  -0.0368 187 VAL A O   
532 C CB  . VAL A 68  ? 0.1763 0.3784 0.2017 -0.0374 -0.0081 -0.0306 187 VAL A CB  
533 C CG1 . VAL A 68  ? 0.1278 0.3313 0.1420 -0.0389 -0.0136 -0.0153 187 VAL A CG1 
534 C CG2 . VAL A 68  ? 0.0778 0.2616 0.1110 -0.0299 -0.0038 -0.0284 187 VAL A CG2 
535 N N   . VAL A 69  ? 0.2549 0.4838 0.2498 -0.0496 -0.0041 -0.0311 188 VAL A N   
536 C CA  . VAL A 69  ? 0.2409 0.4741 0.2280 -0.0521 -0.0013 -0.0269 188 VAL A CA  
537 C C   . VAL A 69  ? 0.2745 0.5141 0.2647 -0.0542 0.0054  -0.0411 188 VAL A C   
538 O O   . VAL A 69  ? 0.2175 0.4539 0.2092 -0.0525 0.0086  -0.0415 188 VAL A O   
539 C CB  . VAL A 69  ? 0.2306 0.4728 0.2074 -0.0570 -0.0035 -0.0177 188 VAL A CB  
540 C CG1 . VAL A 69  ? 0.1787 0.4255 0.1512 -0.0603 0.0003  -0.0170 188 VAL A CG1 
541 C CG2 . VAL A 69  ? 0.1214 0.3566 0.0972 -0.0542 -0.0093 -0.0018 188 VAL A CG2 
542 N N   . ASP A 70  ? 0.2274 0.4753 0.2199 -0.0577 0.0083  -0.0531 189 ASP A N   
543 C CA  . ASP A 70  ? 0.2394 0.4916 0.2388 -0.0597 0.0149  -0.0670 189 ASP A CA  
544 C C   . ASP A 70  ? 0.2288 0.4654 0.2397 -0.0519 0.0180  -0.0716 189 ASP A C   
545 O O   . ASP A 70  ? 0.3164 0.5447 0.3312 -0.0491 0.0212  -0.0732 189 ASP A O   
546 C CB  . ASP A 70  ? 0.2671 0.5293 0.2690 -0.0651 0.0178  -0.0792 189 ASP A CB  
547 C CG  . ASP A 70  ? 0.3887 0.6613 0.3779 -0.0704 0.0141  -0.0723 189 ASP A CG  
548 O OD1 . ASP A 70  ? 0.4287 0.7060 0.4179 -0.0721 0.0125  -0.0764 189 ASP A OD1 
549 O OD2 . ASP A 70  ? 0.4081 0.6837 0.3882 -0.0727 0.0123  -0.0630 189 ASP A OD2 
550 N N   . VAL A 71  ? 0.1564 0.3847 0.1768 -0.0469 0.0169  -0.0706 190 VAL A N   
551 C CA  . VAL A 71  ? 0.1287 0.3373 0.1621 -0.0376 0.0198  -0.0705 190 VAL A CA  
552 C C   . VAL A 71  ? 0.2593 0.4604 0.2907 -0.0333 0.0188  -0.0609 190 VAL A C   
553 O O   . VAL A 71  ? 0.2046 0.3968 0.2423 -0.0287 0.0222  -0.0631 190 VAL A O   
554 C CB  . VAL A 71  ? 0.0861 0.2860 0.1283 -0.0332 0.0174  -0.0671 190 VAL A CB  
555 C CG1 . VAL A 71  ? 0.0798 0.2599 0.1333 -0.0234 0.0207  -0.0646 190 VAL A CG1 
556 C CG2 . VAL A 71  ? 0.0920 0.2995 0.1380 -0.0379 0.0182  -0.0780 190 VAL A CG2 
557 N N   . TYR A 72  ? 0.2204 0.4254 0.2436 -0.0353 0.0140  -0.0496 191 TYR A N   
558 C CA  . TYR A 72  ? 0.1409 0.3381 0.1635 -0.0317 0.0132  -0.0411 191 TYR A CA  
559 C C   . TYR A 72  ? 0.1506 0.3539 0.1670 -0.0355 0.0154  -0.0429 191 TYR A C   
560 O O   . TYR A 72  ? 0.1058 0.3023 0.1265 -0.0316 0.0164  -0.0417 191 TYR A O   
561 C CB  . TYR A 72  ? 0.1166 0.3090 0.1342 -0.0318 0.0078  -0.0281 191 TYR A CB  
562 C CG  . TYR A 72  ? 0.0986 0.2753 0.1247 -0.0245 0.0064  -0.0250 191 TYR A CG  
563 C CD1 . TYR A 72  ? 0.1227 0.2884 0.1526 -0.0188 0.0071  -0.0210 191 TYR A CD1 
564 C CD2 . TYR A 72  ? 0.0704 0.2440 0.1008 -0.0235 0.0052  -0.0271 191 TYR A CD2 
565 C CE1 . TYR A 72  ? 0.1222 0.2735 0.1581 -0.0122 0.0066  -0.0182 191 TYR A CE1 
566 C CE2 . TYR A 72  ? 0.1239 0.2825 0.1623 -0.0168 0.0053  -0.0245 191 TYR A CE2 
567 C CZ  . TYR A 72  ? 0.1103 0.2575 0.1507 -0.0111 0.0063  -0.0198 191 TYR A CZ  
568 O OH  . TYR A 72  ? 0.1209 0.2529 0.1676 -0.0047 0.0070  -0.0169 191 TYR A OH  
569 N N   . ILE A 73  ? 0.1648 0.3811 0.1719 -0.0431 0.0156  -0.0456 192 ILE A N   
570 C CA  . ILE A 73  ? 0.1403 0.3606 0.1445 -0.0467 0.0183  -0.0492 192 ILE A CA  
571 C C   . ILE A 73  ? 0.2291 0.4428 0.2446 -0.0422 0.0228  -0.0585 192 ILE A C   
572 O O   . ILE A 73  ? 0.2466 0.4576 0.2656 -0.0406 0.0247  -0.0582 192 ILE A O   
573 C CB  . ILE A 73  ? 0.1861 0.4205 0.1814 -0.0551 0.0181  -0.0520 192 ILE A CB  
574 C CG1 . ILE A 73  ? 0.2065 0.4455 0.1919 -0.0583 0.0138  -0.0389 192 ILE A CG1 
575 C CG2 . ILE A 73  ? 0.1558 0.3930 0.1515 -0.0582 0.0226  -0.0583 192 ILE A CG2 
576 C CD1 . ILE A 73  ? 0.1189 0.3536 0.1006 -0.0588 0.0142  -0.0304 192 ILE A CD1 
577 N N   . ARG A 74  ? 0.2584 0.4687 0.2813 -0.0400 0.0248  -0.0662 193 ARG A N   
578 C CA  . ARG A 74  ? 0.2820 0.4843 0.3173 -0.0350 0.0296  -0.0731 193 ARG A CA  
579 C C   . ARG A 74  ? 0.2043 0.3950 0.2481 -0.0260 0.0286  -0.0661 193 ARG A C   
580 O O   . ARG A 74  ? 0.1919 0.3795 0.2432 -0.0224 0.0312  -0.0672 193 ARG A O   
581 C CB  . ARG A 74  ? 0.3291 0.5291 0.3712 -0.0353 0.0329  -0.0826 193 ARG A CB  
582 C CG  . ARG A 74  ? 0.6340 0.8255 0.6894 -0.0310 0.0388  -0.0884 193 ARG A CG  
583 C CD  . ARG A 74  ? 0.7963 0.9745 0.8634 -0.0239 0.0407  -0.0881 193 ARG A CD  
584 N NE  . ARG A 74  ? 0.9221 1.1024 0.9895 -0.0283 0.0415  -0.0959 193 ARG A NE  
585 C CZ  . ARG A 74  ? 0.9401 1.1180 1.0062 -0.0270 0.0383  -0.0929 193 ARG A CZ  
586 N NH1 . ARG A 74  ? 0.9406 1.1224 1.0090 -0.0316 0.0394  -0.1015 193 ARG A NH1 
587 N NH2 . ARG A 74  ? 0.9745 1.1470 1.0389 -0.0214 0.0342  -0.0818 193 ARG A NH2 
588 N N   . TYR A 75  ? 0.2322 0.4172 0.2751 -0.0223 0.0249  -0.0590 194 TYR A N   
589 C CA  . TYR A 75  ? 0.1916 0.3674 0.2406 -0.0147 0.0234  -0.0522 194 TYR A CA  
590 C C   . TYR A 75  ? 0.1977 0.3784 0.2431 -0.0163 0.0218  -0.0483 194 TYR A C   
591 O O   . TYR A 75  ? 0.1340 0.3118 0.1864 -0.0113 0.0221  -0.0472 194 TYR A O   
592 C CB  . TYR A 75  ? 0.1590 0.3286 0.2064 -0.0118 0.0198  -0.0449 194 TYR A CB  
593 C CG  . TYR A 75  ? 0.2419 0.4041 0.2959 -0.0085 0.0215  -0.0478 194 TYR A CG  
594 C CD1 . TYR A 75  ? 0.1765 0.3362 0.2378 -0.0078 0.0264  -0.0564 194 TYR A CD1 
595 C CD2 . TYR A 75  ? 0.2378 0.3941 0.2917 -0.0063 0.0189  -0.0420 194 TYR A CD2 
596 C CE1 . TYR A 75  ? 0.3277 0.4790 0.3959 -0.0054 0.0287  -0.0592 194 TYR A CE1 
597 C CE2 . TYR A 75  ? 0.2819 0.4307 0.3432 -0.0034 0.0210  -0.0450 194 TYR A CE2 
598 C CZ  . TYR A 75  ? 0.3758 0.5219 0.4438 -0.0031 0.0259  -0.0537 194 TYR A CZ  
599 O OH  . TYR A 75  ? 0.3426 0.4797 0.4184 -0.0009 0.0286  -0.0568 194 TYR A OH  
600 N N   . LEU A 76  ? 0.1745 0.3629 0.2094 -0.0235 0.0204  -0.0459 195 LEU A N   
601 C CA  . LEU A 76  ? 0.1851 0.3769 0.2172 -0.0259 0.0196  -0.0422 195 LEU A CA  
602 C C   . LEU A 76  ? 0.2263 0.4227 0.2638 -0.0267 0.0236  -0.0491 195 LEU A C   
603 O O   . LEU A 76  ? 0.2304 0.4264 0.2743 -0.0238 0.0235  -0.0483 195 LEU A O   
604 C CB  . LEU A 76  ? 0.2262 0.4234 0.2465 -0.0331 0.0180  -0.0366 195 LEU A CB  
605 C CG  . LEU A 76  ? 0.3472 0.5441 0.3640 -0.0357 0.0169  -0.0295 195 LEU A CG  
606 C CD1 . LEU A 76  ? 0.3667 0.5559 0.3900 -0.0302 0.0148  -0.0262 195 LEU A CD1 
607 C CD2 . LEU A 76  ? 0.2389 0.4374 0.2457 -0.0407 0.0152  -0.0212 195 LEU A CD2 
608 N N   . ARG A 77  ? 0.2614 0.4627 0.2973 -0.0308 0.0270  -0.0563 196 ARG A N   
609 C CA  . ARG A 77  ? 0.1192 0.3239 0.1616 -0.0318 0.0318  -0.0632 196 ARG A CA  
610 C C   . ARG A 77  ? 0.1920 0.3905 0.2490 -0.0235 0.0333  -0.0644 196 ARG A C   
611 O O   . ARG A 77  ? 0.2601 0.4612 0.3245 -0.0219 0.0349  -0.0651 196 ARG A O   
612 C CB  . ARG A 77  ? 0.1098 0.3194 0.1486 -0.0374 0.0355  -0.0715 196 ARG A CB  
613 C CG  . ARG A 77  ? 0.1589 0.3780 0.1847 -0.0461 0.0352  -0.0707 196 ARG A CG  
614 C CD  . ARG A 77  ? 0.2292 0.4548 0.2512 -0.0521 0.0380  -0.0794 196 ARG A CD  
615 N NE  . ARG A 77  ? 0.2408 0.4764 0.2500 -0.0603 0.0374  -0.0771 196 ARG A NE  
616 C CZ  . ARG A 77  ? 0.3063 0.5506 0.3078 -0.0664 0.0367  -0.0802 196 ARG A CZ  
617 N NH1 . ARG A 77  ? 0.3439 0.5968 0.3338 -0.0728 0.0362  -0.0759 196 ARG A NH1 
618 N NH2 . ARG A 77  ? 0.3499 0.5942 0.3560 -0.0658 0.0368  -0.0872 196 ARG A NH2 
619 N N   . ASN A 78  ? 0.1499 0.3406 0.2119 -0.0180 0.0331  -0.0641 197 ASN A N   
620 C CA  . ASN A 78  ? 0.1789 0.3635 0.2544 -0.0093 0.0345  -0.0628 197 ASN A CA  
621 C C   . ASN A 78  ? 0.2124 0.3977 0.2899 -0.0051 0.0301  -0.0558 197 ASN A C   
622 O O   . ASN A 78  ? 0.2215 0.4078 0.3101 0.0002  0.0310  -0.0549 197 ASN A O   
623 C CB  . ASN A 78  ? 0.1958 0.3704 0.2753 -0.0043 0.0352  -0.0620 197 ASN A CB  
624 C CG  . ASN A 78  ? 0.3258 0.4994 0.4072 -0.0079 0.0404  -0.0705 197 ASN A CG  
625 O OD1 . ASN A 78  ? 0.3932 0.5729 0.4748 -0.0129 0.0440  -0.0772 197 ASN A OD1 
626 N ND2 . ASN A 78  ? 0.3876 0.5535 0.4708 -0.0057 0.0410  -0.0709 197 ASN A ND2 
627 N N   . LYS A 79  ? 0.2604 0.4462 0.3282 -0.0075 0.0252  -0.0506 198 LYS A N   
628 C CA  . LYS A 79  ? 0.1555 0.3429 0.2245 -0.0049 0.0211  -0.0454 198 LYS A CA  
629 C C   . LYS A 79  ? 0.2240 0.4202 0.2950 -0.0090 0.0220  -0.0478 198 LYS A C   
630 O O   . LYS A 79  ? 0.2248 0.4244 0.3027 -0.0057 0.0199  -0.0463 198 LYS A O   
631 C CB  . LYS A 79  ? 0.1488 0.3330 0.2078 -0.0069 0.0169  -0.0395 198 LYS A CB  
632 C CG  . LYS A 79  ? 0.1776 0.3526 0.2374 -0.0006 0.0149  -0.0355 198 LYS A CG  
633 C CD  . LYS A 79  ? 0.0650 0.2388 0.1312 0.0068  0.0122  -0.0322 198 LYS A CD  
634 C CE  . LYS A 79  ? 0.1242 0.2878 0.1905 0.0136  0.0113  -0.0280 198 LYS A CE  
635 N NZ  . LYS A 79  ? 0.2458 0.4088 0.3127 0.0195  0.0072  -0.0234 198 LYS A NZ  
636 N N   . LEU A 80  ? 0.1576 0.3581 0.2229 -0.0163 0.0253  -0.0516 199 LEU A N   
637 C CA  . LEU A 80  ? 0.2134 0.4213 0.2805 -0.0207 0.0272  -0.0536 199 LEU A CA  
638 C C   . LEU A 80  ? 0.2304 0.4421 0.3096 -0.0188 0.0318  -0.0595 199 LEU A C   
639 O O   . LEU A 80  ? 0.2947 0.5128 0.3797 -0.0205 0.0331  -0.0609 199 LEU A O   
640 C CB  . LEU A 80  ? 0.2570 0.4677 0.3119 -0.0295 0.0290  -0.0536 199 LEU A CB  
641 C CG  . LEU A 80  ? 0.1180 0.3256 0.1622 -0.0324 0.0253  -0.0462 199 LEU A CG  
642 C CD1 . LEU A 80  ? 0.1996 0.4102 0.2321 -0.0397 0.0272  -0.0451 199 LEU A CD1 
643 C CD2 . LEU A 80  ? 0.1297 0.3384 0.1767 -0.0334 0.0238  -0.0431 199 LEU A CD2 
644 N N   . LYS A 81  ? 0.2115 0.4195 0.2960 -0.0154 0.0350  -0.0628 200 LYS A N   
645 C CA  . LYS A 81  ? 0.3269 0.5377 0.4241 -0.0135 0.0405  -0.0678 200 LYS A CA  
646 C C   . LYS A 81  ? 0.2696 0.4846 0.3807 -0.0074 0.0389  -0.0648 200 LYS A C   
647 O O   . LYS A 81  ? 0.2413 0.4632 0.3600 -0.0094 0.0421  -0.0679 200 LYS A O   
648 C CB  . LYS A 81  ? 0.3328 0.5369 0.4346 -0.0103 0.0447  -0.0711 200 LYS A CB  
649 C CG  . LYS A 81  ? 0.3592 0.5640 0.4525 -0.0181 0.0490  -0.0786 200 LYS A CG  
650 C CD  . LYS A 81  ? 0.4737 0.6710 0.5717 -0.0154 0.0525  -0.0823 200 LYS A CD  
651 C CE  . LYS A 81  ? 0.4359 0.6327 0.5204 -0.0216 0.0510  -0.0855 200 LYS A CE  
652 N NZ  . LYS A 81  ? 0.4362 0.6334 0.5209 -0.0269 0.0565  -0.0954 200 LYS A NZ  
653 N N   . PRO A 82  ? 0.2033 0.4157 0.3186 -0.0002 0.0341  -0.0589 201 PRO A N   
654 C CA  . PRO A 82  ? 0.1010 0.3202 0.2298 0.0055  0.0318  -0.0561 201 PRO A CA  
655 C C   . PRO A 82  ? 0.1734 0.4019 0.3019 0.0002  0.0297  -0.0575 201 PRO A C   
656 O O   . PRO A 82  ? 0.1683 0.4048 0.3096 0.0035  0.0285  -0.0568 201 PRO A O   
657 C CB  . PRO A 82  ? 0.1245 0.3393 0.2519 0.0125  0.0257  -0.0493 201 PRO A CB  
658 C CG  . PRO A 82  ? 0.1754 0.3795 0.2940 0.0126  0.0272  -0.0489 201 PRO A CG  
659 C CD  . PRO A 82  ? 0.2442 0.4485 0.3520 0.0030  0.0302  -0.0544 201 PRO A CD  
660 N N   . TYR A 83  ? 0.2622 0.4900 0.3774 -0.0077 0.0294  -0.0588 202 TYR A N   
661 C CA  . TYR A 83  ? 0.2032 0.4380 0.3182 -0.0133 0.0287  -0.0600 202 TYR A CA  
662 C C   . TYR A 83  ? 0.1906 0.4274 0.3024 -0.0209 0.0353  -0.0650 202 TYR A C   
663 O O   . TYR A 83  ? 0.2894 0.5299 0.3986 -0.0267 0.0360  -0.0655 202 TYR A O   
664 C CB  . TYR A 83  ? 0.1281 0.3599 0.2314 -0.0161 0.0234  -0.0560 202 TYR A CB  
665 C CG  . TYR A 83  ? 0.2062 0.4375 0.3125 -0.0092 0.0169  -0.0518 202 TYR A CG  
666 C CD1 . TYR A 83  ? 0.2234 0.4628 0.3379 -0.0075 0.0128  -0.0517 202 TYR A CD1 
667 C CD2 . TYR A 83  ? 0.2248 0.4479 0.3253 -0.0045 0.0146  -0.0480 202 TYR A CD2 
668 C CE1 . TYR A 83  ? 0.2820 0.5220 0.3973 -0.0015 0.0065  -0.0479 202 TYR A CE1 
669 C CE2 . TYR A 83  ? 0.2468 0.4692 0.3487 0.0019  0.0090  -0.0439 202 TYR A CE2 
670 C CZ  . TYR A 83  ? 0.2727 0.5039 0.3811 0.0033  0.0047  -0.0438 202 TYR A CZ  
671 O OH  . TYR A 83  ? 0.4318 0.6635 0.5398 0.0094  -0.0013 -0.0397 202 TYR A OH  
672 N N   . ASP A 84  ? 0.1555 0.3897 0.2675 -0.0211 0.0407  -0.0687 203 ASP A N   
673 C CA  . ASP A 84  ? 0.2531 0.4897 0.3613 -0.0282 0.0473  -0.0740 203 ASP A CA  
674 C C   . ASP A 84  ? 0.2204 0.4562 0.3127 -0.0359 0.0467  -0.0718 203 ASP A C   
675 O O   . ASP A 84  ? 0.1893 0.4292 0.2809 -0.0415 0.0503  -0.0732 203 ASP A O   
676 C CB  . ASP A 84  ? 0.3917 0.6360 0.5149 -0.0281 0.0514  -0.0774 203 ASP A CB  
677 C CG  . ASP A 84  ? 0.5066 0.7521 0.6469 -0.0200 0.0525  -0.0779 203 ASP A CG  
678 O OD1 . ASP A 84  ? 0.5234 0.7669 0.6674 -0.0200 0.0589  -0.0823 203 ASP A OD1 
679 O OD2 . ASP A 84  ? 0.5010 0.7499 0.6513 -0.0137 0.0472  -0.0735 203 ASP A OD2 
680 N N   . ARG A 85  ? 0.1898 0.4202 0.2706 -0.0358 0.0425  -0.0676 204 ARG A N   
681 C CA  . ARG A 85  ? 0.1827 0.4119 0.2487 -0.0424 0.0421  -0.0637 204 ARG A CA  
682 C C   . ARG A 85  ? 0.2358 0.4622 0.2897 -0.0446 0.0423  -0.0639 204 ARG A C   
683 O O   . ARG A 85  ? 0.2728 0.4993 0.3143 -0.0499 0.0419  -0.0598 204 ARG A O   
684 C CB  . ARG A 85  ? 0.2290 0.4550 0.2926 -0.0412 0.0365  -0.0571 204 ARG A CB  
685 C CG  . ARG A 85  ? 0.1540 0.3840 0.2288 -0.0399 0.0352  -0.0574 204 ARG A CG  
686 C CD  . ARG A 85  ? 0.2651 0.5002 0.3430 -0.0459 0.0406  -0.0601 204 ARG A CD  
687 N NE  . ARG A 85  ? 0.3296 0.5673 0.4137 -0.0478 0.0395  -0.0590 204 ARG A NE  
688 C CZ  . ARG A 85  ? 0.3792 0.6221 0.4764 -0.0440 0.0365  -0.0615 204 ARG A CZ  
689 N NH1 . ARG A 85  ? 0.1216 0.3676 0.2280 -0.0371 0.0345  -0.0636 204 ARG A NH1 
690 N NH2 . ARG A 85  ? 0.3251 0.5708 0.4270 -0.0471 0.0357  -0.0615 204 ARG A NH2 
691 N N   . ASP A 86  ? 0.1892 0.4135 0.2476 -0.0408 0.0432  -0.0684 205 ASP A N   
692 C CA  . ASP A 86  ? 0.3659 0.5881 0.4148 -0.0426 0.0423  -0.0693 205 ASP A CA  
693 C C   . ASP A 86  ? 0.4285 0.6564 0.4663 -0.0509 0.0458  -0.0720 205 ASP A C   
694 O O   . ASP A 86  ? 0.3821 0.6111 0.4079 -0.0545 0.0434  -0.0693 205 ASP A O   
695 C CB  . ASP A 86  ? 0.2163 0.4346 0.2748 -0.0372 0.0442  -0.0747 205 ASP A CB  
696 C CG  . ASP A 86  ? 0.3776 0.5985 0.4472 -0.0372 0.0508  -0.0819 205 ASP A CG  
697 O OD1 . ASP A 86  ? 0.2883 0.5121 0.3670 -0.0354 0.0519  -0.0810 205 ASP A OD1 
698 O OD2 . ASP A 86  ? 0.4463 0.6667 0.5161 -0.0393 0.0550  -0.0888 205 ASP A OD2 
699 N N   . LYS A 87  ? 0.2855 0.5174 0.3271 -0.0541 0.0516  -0.0771 206 LYS A N   
700 C CA  . LYS A 87  ? 0.2838 0.5211 0.3145 -0.0620 0.0555  -0.0800 206 LYS A CA  
701 C C   . LYS A 87  ? 0.2660 0.5053 0.2836 -0.0667 0.0535  -0.0714 206 LYS A C   
702 O O   . LYS A 87  ? 0.3986 0.6426 0.4049 -0.0730 0.0558  -0.0715 206 LYS A O   
703 C CB  . LYS A 87  ? 0.2867 0.5271 0.3254 -0.0641 0.0630  -0.0871 206 LYS A CB  
704 C CG  . LYS A 87  ? 0.3649 0.6037 0.4138 -0.0615 0.0669  -0.0963 206 LYS A CG  
705 C CD  . LYS A 87  ? 0.4079 0.6468 0.4480 -0.0642 0.0653  -0.0996 206 LYS A CD  
706 C CE  . LYS A 87  ? 0.4534 0.6906 0.5033 -0.0635 0.0710  -0.1100 206 LYS A CE  
707 N NZ  . LYS A 87  ? 0.4797 0.7093 0.5461 -0.0541 0.0705  -0.1092 206 LYS A NZ  
708 N N   . MET A 88  ? 0.1850 0.4205 0.2041 -0.0640 0.0497  -0.0635 207 MET A N   
709 C CA  . MET A 88  ? 0.2887 0.5239 0.2970 -0.0680 0.0487  -0.0542 207 MET A CA  
710 C C   . MET A 88  ? 0.3283 0.5638 0.3245 -0.0694 0.0439  -0.0486 207 MET A C   
711 O O   . MET A 88  ? 0.4154 0.6520 0.4011 -0.0732 0.0440  -0.0409 207 MET A O   
712 C CB  . MET A 88  ? 0.3178 0.5481 0.3327 -0.0652 0.0465  -0.0485 207 MET A CB  
713 C CG  . MET A 88  ? 0.3735 0.5985 0.3872 -0.0612 0.0401  -0.0427 207 MET A CG  
714 S SD  . MET A 88  ? 0.3970 0.6170 0.4216 -0.0574 0.0377  -0.0399 207 MET A SD  
715 C CE  . MET A 88  ? 0.3791 0.5945 0.3957 -0.0622 0.0387  -0.0292 207 MET A CE  
716 N N   . ILE A 89  ? 0.1984 0.4329 0.1970 -0.0659 0.0403  -0.0518 208 ILE A N   
717 C CA  . ILE A 89  ? 0.2435 0.4800 0.2331 -0.0670 0.0357  -0.0479 208 ILE A CA  
718 C C   . ILE A 89  ? 0.2441 0.4884 0.2295 -0.0715 0.0384  -0.0563 208 ILE A C   
719 O O   . ILE A 89  ? 0.3297 0.5738 0.3229 -0.0697 0.0402  -0.0661 208 ILE A O   
720 C CB  . ILE A 89  ? 0.1693 0.4001 0.1648 -0.0609 0.0312  -0.0473 208 ILE A CB  
721 C CG1 . ILE A 89  ? 0.1971 0.4203 0.1967 -0.0570 0.0289  -0.0396 208 ILE A CG1 
722 C CG2 . ILE A 89  ? 0.1389 0.3735 0.1272 -0.0625 0.0272  -0.0445 208 ILE A CG2 
723 C CD1 . ILE A 89  ? 0.2486 0.4658 0.2508 -0.0518 0.0245  -0.0363 208 ILE A CD1 
724 N N   . GLU A 90  ? 0.2518 0.5028 0.2253 -0.0773 0.0388  -0.0525 209 GLU A N   
725 C CA  . GLU A 90  ? 0.4343 0.6937 0.4033 -0.0825 0.0416  -0.0611 209 GLU A CA  
726 C C   . GLU A 90  ? 0.4622 0.7290 0.4223 -0.0850 0.0366  -0.0574 209 GLU A C   
727 O O   . GLU A 90  ? 0.3704 0.6366 0.3241 -0.0841 0.0320  -0.0454 209 GLU A O   
728 C CB  . GLU A 90  ? 0.5094 0.7726 0.4721 -0.0877 0.0479  -0.0625 209 GLU A CB  
729 C CG  . GLU A 90  ? 0.6753 0.9362 0.6303 -0.0885 0.0485  -0.0506 209 GLU A CG  
730 C CD  . GLU A 90  ? 0.7211 0.9843 0.6723 -0.0930 0.0565  -0.0540 209 GLU A CD  
731 O OE1 . GLU A 90  ? 0.7038 0.9710 0.6580 -0.0956 0.0610  -0.0655 209 GLU A OE1 
732 O OE2 . GLU A 90  ? 0.6520 0.9126 0.5982 -0.0938 0.0592  -0.0453 209 GLU A OE2 
733 N N   . THR A 91  ? 0.4592 0.7327 0.4202 -0.0882 0.0381  -0.0681 210 THR A N   
734 C CA  . THR A 91  ? 0.4065 0.6894 0.3610 -0.0913 0.0341  -0.0674 210 THR A CA  
735 C C   . THR A 91  ? 0.4423 0.7348 0.3825 -0.0977 0.0354  -0.0645 210 THR A C   
736 O O   . THR A 91  ? 0.5068 0.8013 0.4445 -0.1016 0.0415  -0.0713 210 THR A O   
737 C CB  . THR A 91  ? 0.3887 0.6744 0.3523 -0.0923 0.0361  -0.0814 210 THR A CB  
738 O OG1 . THR A 91  ? 0.4062 0.6809 0.3831 -0.0858 0.0366  -0.0850 210 THR A OG1 
739 C CG2 . THR A 91  ? 0.4674 0.7620 0.4272 -0.0942 0.0314  -0.0800 210 THR A CG2 
740 N N   . VAL A 92  ? 0.5245 0.8224 0.4551 -0.0982 0.0299  -0.0540 211 VAL A N   
741 C CA  . VAL A 92  ? 0.6596 0.9687 0.5756 -0.1037 0.0300  -0.0516 211 VAL A CA  
742 C C   . VAL A 92  ? 0.7520 1.0717 0.6681 -0.1064 0.0269  -0.0584 211 VAL A C   
743 O O   . VAL A 92  ? 0.7719 1.0937 0.6867 -0.1038 0.0204  -0.0504 211 VAL A O   
744 C CB  . VAL A 92  ? 0.6658 0.9734 0.5710 -0.1017 0.0261  -0.0340 211 VAL A CB  
745 C CG1 . VAL A 92  ? 0.6722 0.9922 0.5615 -0.1067 0.0255  -0.0310 211 VAL A CG1 
746 C CG2 . VAL A 92  ? 0.5705 0.8668 0.4774 -0.0993 0.0303  -0.0282 211 VAL A CG2 
747 N N   . ARG A 93  ? 0.7228 1.0485 0.6420 -0.1113 0.0319  -0.0738 212 ARG A N   
748 C CA  . ARG A 93  ? 0.6317 0.9673 0.5533 -0.1143 0.0304  -0.0828 212 ARG A CA  
749 C C   . ARG A 93  ? 0.6073 0.9541 0.5148 -0.1160 0.0240  -0.0729 212 ARG A C   
750 O O   . ARG A 93  ? 0.6833 1.0374 0.5766 -0.1200 0.0245  -0.0690 212 ARG A O   
751 C CB  . ARG A 93  ? 0.5971 0.9387 0.5217 -0.1211 0.0381  -0.1000 212 ARG A CB  
752 N N   . GLY A 94  ? 0.6529 1.0001 0.5643 -0.1124 0.0179  -0.0681 213 GLY A N   
753 C CA  . GLY A 94  ? 0.7079 1.0652 0.6081 -0.1130 0.0108  -0.0585 213 GLY A CA  
754 C C   . GLY A 94  ? 0.7298 1.0798 0.6276 -0.1067 0.0047  -0.0396 213 GLY A C   
755 O O   . GLY A 94  ? 0.7565 1.1122 0.6503 -0.1052 -0.0021 -0.0313 213 GLY A O   
756 N N   . VAL A 95  ? 0.7011 1.0385 0.6020 -0.1031 0.0069  -0.0327 214 VAL A N   
757 C CA  . VAL A 95  ? 0.6578 0.9875 0.5573 -0.0977 0.0024  -0.0149 214 VAL A CA  
758 C C   . VAL A 95  ? 0.6884 1.0037 0.6014 -0.0918 0.0021  -0.0133 214 VAL A C   
759 O O   . VAL A 95  ? 0.6943 1.0066 0.6124 -0.0879 -0.0028 -0.0077 214 VAL A O   
760 C CB  . VAL A 95  ? 0.6053 0.9324 0.4951 -0.0985 0.0056  -0.0064 214 VAL A CB  
761 C CG1 . VAL A 95  ? 0.6008 0.9198 0.4903 -0.0932 0.0019  0.0119  214 VAL A CG1 
762 C CG2 . VAL A 95  ? 0.6207 0.9618 0.4955 -0.1044 0.0066  -0.0085 214 VAL A CG2 
763 N N   . GLY A 96  ? 0.6162 0.9225 0.5349 -0.0910 0.0073  -0.0183 215 GLY A N   
764 C CA  . GLY A 96  ? 0.5037 0.7969 0.4338 -0.0855 0.0071  -0.0165 215 GLY A CA  
765 C C   . GLY A 96  ? 0.4250 0.7109 0.3600 -0.0853 0.0129  -0.0231 215 GLY A C   
766 O O   . GLY A 96  ? 0.4057 0.6954 0.3427 -0.0886 0.0177  -0.0362 215 GLY A O   
767 N N   . TYR A 97  ? 0.2867 0.5617 0.2241 -0.0816 0.0130  -0.0142 216 TYR A N   
768 C CA  . TYR A 97  ? 0.2740 0.5408 0.2184 -0.0801 0.0176  -0.0200 216 TYR A CA  
769 C C   . TYR A 97  ? 0.3292 0.5893 0.2695 -0.0796 0.0197  -0.0094 216 TYR A C   
770 O O   . TYR A 97  ? 0.4206 0.6788 0.3560 -0.0785 0.0169  0.0036  216 TYR A O   
771 C CB  . TYR A 97  ? 0.2135 0.4721 0.1692 -0.0748 0.0160  -0.0229 216 TYR A CB  
772 C CG  . TYR A 97  ? 0.2844 0.5480 0.2454 -0.0748 0.0157  -0.0340 216 TYR A CG  
773 C CD1 . TYR A 97  ? 0.3061 0.5704 0.2738 -0.0756 0.0205  -0.0481 216 TYR A CD1 
774 C CD2 . TYR A 97  ? 0.2672 0.5336 0.2279 -0.0738 0.0112  -0.0306 216 TYR A CD2 
775 C CE1 . TYR A 97  ? 0.2201 0.4876 0.1942 -0.0757 0.0213  -0.0589 216 TYR A CE1 
776 C CE2 . TYR A 97  ? 0.1852 0.4554 0.1515 -0.0739 0.0121  -0.0418 216 TYR A CE2 
777 C CZ  . TYR A 97  ? 0.2181 0.4890 0.1916 -0.0750 0.0173  -0.0562 216 TYR A CZ  
778 O OH  . TYR A 97  ? 0.2680 0.5417 0.2492 -0.0753 0.0192  -0.0682 216 TYR A OH  
779 N N   . VAL A 98  ? 0.2280 0.4842 0.1718 -0.0802 0.0254  -0.0151 217 VAL A N   
780 C CA  . VAL A 98  ? 0.3056 0.5551 0.2474 -0.0801 0.0289  -0.0068 217 VAL A CA  
781 C C   . VAL A 98  ? 0.3454 0.5887 0.2975 -0.0786 0.0335  -0.0143 217 VAL A C   
782 O O   . VAL A 98  ? 0.4250 0.6712 0.3833 -0.0787 0.0354  -0.0262 217 VAL A O   
783 C CB  . VAL A 98  ? 0.3862 0.6420 0.3157 -0.0847 0.0325  -0.0031 217 VAL A CB  
784 C CG1 . VAL A 98  ? 0.2160 0.4771 0.1451 -0.0887 0.0386  -0.0159 217 VAL A CG1 
785 C CG2 . VAL A 98  ? 0.4576 0.7052 0.3846 -0.0838 0.0359  0.0093  217 VAL A CG2 
786 N N   . ILE A 99  ? 0.3624 0.5974 0.3181 -0.0772 0.0355  -0.0072 218 ILE A N   
787 C CA  . ILE A 99  ? 0.4107 0.6418 0.3758 -0.0767 0.0406  -0.0129 218 ILE A CA  
788 C C   . ILE A 99  ? 0.4387 0.6705 0.3986 -0.0807 0.0476  -0.0095 218 ILE A C   
789 O O   . ILE A 99  ? 0.4330 0.6611 0.3866 -0.0813 0.0485  0.0018  218 ILE A O   
790 C CB  . ILE A 99  ? 0.2791 0.5008 0.2535 -0.0728 0.0388  -0.0088 218 ILE A CB  
791 C CG1 . ILE A 99  ? 0.2411 0.4613 0.2199 -0.0685 0.0327  -0.0115 218 ILE A CG1 
792 C CG2 . ILE A 99  ? 0.1581 0.3779 0.1434 -0.0729 0.0438  -0.0144 218 ILE A CG2 
793 C CD1 . ILE A 99  ? 0.2764 0.4886 0.2647 -0.0645 0.0312  -0.0101 218 ILE A CD1 
794 N N   . ARG A 100 ? 0.5202 0.7559 0.4835 -0.0830 0.0531  -0.0189 219 ARG A N   
795 C CA  . ARG A 100 ? 0.6261 0.8615 0.5866 -0.0864 0.0611  -0.0165 219 ARG A CA  
796 C C   . ARG A 100 ? 0.6995 0.9323 0.6749 -0.0858 0.0659  -0.0228 219 ARG A C   
797 O O   . ARG A 100 ? 0.7435 0.9702 0.7253 -0.0851 0.0675  -0.0174 219 ARG A O   
798 C CB  . ARG A 100 ? 0.5499 0.7935 0.5001 -0.0907 0.0647  -0.0213 219 ARG A CB  
799 C CG  . ARG A 100 ? 0.5558 0.8024 0.4897 -0.0925 0.0626  -0.0115 219 ARG A CG  
800 C CD  . ARG A 100 ? 0.5620 0.8189 0.4863 -0.0964 0.0631  -0.0192 219 ARG A CD  
801 N NE  . ARG A 100 ? 0.4908 0.7531 0.3997 -0.0979 0.0593  -0.0104 219 ARG A NE  
802 C CZ  . ARG A 100 ? 0.5044 0.7762 0.4072 -0.0999 0.0547  -0.0154 219 ARG A CZ  
803 N NH1 . ARG A 100 ? 0.4956 0.7709 0.4064 -0.1007 0.0542  -0.0293 219 ARG A NH1 
804 N NH2 . ARG A 100 ? 0.4910 0.7688 0.3807 -0.1008 0.0508  -0.0065 219 ARG A NH2 
805 O O   . HOH B .   ? 0.2137 0.3909 0.2606 -0.0463 0.0076  -0.0231 301 HOH A O   
806 O O   . HOH B .   ? 0.9231 1.1238 0.9801 -0.0399 0.0323  -0.1027 302 HOH A O   
807 O O   . HOH B .   ? 0.0818 0.2292 0.1124 -0.0296 -0.0018 -0.0143 303 HOH A O   
808 O O   . HOH B .   ? 0.1100 0.2581 0.1725 0.0101  0.0171  -0.0313 304 HOH A O   
809 O O   . HOH B .   ? 0.3040 0.4268 0.3188 -0.0282 -0.0013 0.0494  305 HOH A O   
810 O O   . HOH B .   ? 0.3112 0.5506 0.2736 -0.0642 -0.0431 -0.1068 306 HOH A O   
811 O O   . HOH B .   ? 0.3732 0.6549 0.3824 -0.0752 0.0224  -0.1054 307 HOH A O   
812 O O   . HOH B .   ? 0.2632 0.4336 0.3751 -0.0159 -0.0530 0.0726  308 HOH A O   
813 O O   . HOH B .   ? 0.5467 0.6692 0.5331 0.0515  -0.0216 0.0119  309 HOH A O   
814 O O   . HOH B .   ? 0.3234 0.5336 0.2572 0.0087  -0.0601 -0.0356 310 HOH A O   
815 O O   . HOH B .   ? 0.3040 0.5070 0.3478 -0.0293 -0.0164 -0.0398 311 HOH A O   
816 O O   . HOH B .   ? 0.3370 0.5164 0.4504 0.0129  0.0389  -0.0547 312 HOH A O   
817 O O   . HOH B .   ? 0.1043 0.3120 0.1969 -0.0414 -0.0220 -0.0603 313 HOH A O   
818 O O   . HOH B .   ? 0.6533 0.9007 0.5566 -0.0741 0.0196  0.0772  314 HOH A O   
819 O O   . HOH B .   ? 0.3797 0.6323 0.5594 -0.0113 0.0670  -0.0848 315 HOH A O   
820 O O   . HOH B .   ? 0.3187 0.4132 0.3393 -0.0347 0.0142  0.0431  316 HOH A O   
821 O O   . HOH B .   ? 0.6048 0.7474 0.6277 -0.0310 -0.0117 0.1006  317 HOH A O   
822 O O   . HOH B .   ? 0.5566 0.7105 0.6087 -0.0233 -0.0306 0.1043  318 HOH A O   
823 O O   . HOH B .   ? 0.1113 0.2122 0.1413 -0.0022 0.0021  0.0114  319 HOH A O   
824 O O   . HOH B .   ? 0.4572 0.6816 0.5698 -0.0225 0.0564  -0.0828 320 HOH A O   
825 O O   . HOH B .   ? 0.4297 0.6748 0.4297 -0.0485 -0.0419 0.0155  321 HOH A O   
826 O O   . HOH B .   ? 0.5001 0.8358 0.4356 -0.1034 0.0141  -0.0732 322 HOH A O   
827 O O   . HOH B .   ? 0.5321 0.7636 0.5036 -0.0467 -0.0200 0.1223  323 HOH A O   
828 O O   . HOH B .   ? 0.2994 0.5407 0.4295 -0.0334 0.0729  -0.0957 324 HOH A O   
829 O O   . HOH B .   ? 0.4559 0.6099 0.5400 -0.0177 0.0392  -0.0908 325 HOH A O   
830 O O   . HOH B .   ? 0.5577 0.7696 0.6531 0.0200  -0.0028 -0.0308 326 HOH A O   
831 O O   . HOH B .   ? 0.3261 0.4331 0.3495 -0.0180 -0.0025 0.0375  327 HOH A O   
832 O O   . HOH B .   ? 0.2610 0.4231 0.2872 -0.0230 -0.0098 -0.0228 328 HOH A O   
833 O O   . HOH B .   ? 0.2526 0.4476 0.3073 -0.0416 0.0025  -0.0334 329 HOH A O   
834 O O   . HOH B .   ? 0.2888 0.3726 0.3110 0.0050  0.0029  0.0133  330 HOH A O   
835 O O   . HOH B .   ? 0.2760 0.5003 0.3058 -0.0529 0.0394  -0.0963 331 HOH A O   
836 O O   . HOH B .   ? 0.3305 0.4696 0.3304 -0.0449 0.0113  0.0549  332 HOH A O   
837 O O   . HOH B .   ? 0.2508 0.3258 0.2521 -0.0035 0.0018  0.0079  333 HOH A O   
838 O O   . HOH B .   ? 0.3660 0.5907 0.3143 -0.0739 0.0293  0.0200  334 HOH A O   
839 O O   . HOH B .   ? 0.5146 0.7440 0.5929 -0.0608 0.0858  -0.1305 335 HOH A O   
840 O O   . HOH B .   ? 0.1267 0.2857 0.1382 0.0176  -0.0238 -0.0104 336 HOH A O   
841 O O   . HOH B .   ? 0.3062 0.4705 0.2812 -0.0524 0.0178  0.0919  337 HOH A O   
842 O O   . HOH B .   ? 0.5326 0.7805 0.5875 -0.0395 -0.0665 0.0263  338 HOH A O   
843 O O   . HOH B .   ? 0.2631 0.4590 0.3533 0.0111  0.0124  -0.0379 339 HOH A O   
844 O O   . HOH B .   ? 0.3811 0.6024 0.4662 -0.0608 0.0270  -0.0481 340 HOH A O   
845 O O   . HOH B .   ? 0.3422 0.5021 0.4372 -0.0110 0.0525  -0.0893 341 HOH A O   
846 O O   . HOH B .   ? 0.6212 0.9274 0.5620 -0.0913 0.0127  -0.0492 342 HOH A O   
847 O O   . HOH B .   ? 0.4465 0.5627 0.4623 -0.0445 0.0184  0.0402  343 HOH A O   
848 O O   . HOH B .   ? 0.3922 0.4659 0.4615 -0.0128 -0.0151 0.0041  344 HOH A O   
849 O O   . HOH B .   ? 0.2873 0.4249 0.3359 -0.0187 -0.0207 0.0381  345 HOH A O   
850 O O   . HOH B .   ? 0.0827 0.2333 0.1212 -0.0500 0.0137  -0.0109 346 HOH A O   
851 O O   . HOH B .   ? 0.3724 0.4535 0.3825 0.0076  0.0003  0.0101  347 HOH A O   
852 O O   . HOH B .   ? 0.4817 0.7638 0.4419 -0.0524 -0.0424 0.1052  348 HOH A O   
853 O O   . HOH B .   ? 0.5695 0.7465 0.5245 -0.0735 0.0595  0.0700  349 HOH A O   
854 O O   . HOH B .   ? 0.2238 0.5013 0.2192 -0.0677 -0.0151 -0.0645 350 HOH A O   
855 O O   . HOH B .   ? 0.3459 0.5135 0.3667 -0.0447 -0.0096 -0.0439 351 HOH A O   
856 O O   . HOH B .   ? 0.4560 0.5838 0.4641 -0.0366 0.0031  0.0640  352 HOH A O   
857 O O   . HOH B .   ? 0.0539 0.1647 0.0949 0.0039  0.0060  -0.0037 353 HOH A O   
858 O O   . HOH B .   ? 0.4247 0.6729 0.3716 -0.0398 -0.0590 -0.0867 354 HOH A O   
859 O O   . HOH B .   ? 0.2027 0.4765 0.2028 -0.0621 -0.0329 -0.0400 355 HOH A O   
860 O O   . HOH B .   ? 0.3361 0.5683 0.3656 -0.0580 0.0505  -0.0899 356 HOH A O   
861 O O   . HOH B .   ? 0.0680 0.2571 0.1457 0.0165  0.0025  -0.0282 357 HOH A O   
862 O O   . HOH B .   ? 0.5403 0.7474 0.5312 0.0441  -0.0517 -0.0053 358 HOH A O   
863 O O   . HOH B .   ? 0.3209 0.5184 0.3931 -0.0646 0.0184  -0.0431 359 HOH A O   
864 O O   . HOH B .   ? 0.2320 0.3737 0.3157 -0.0156 -0.0343 0.0624  360 HOH A O   
865 O O   . HOH B .   ? 0.3375 0.4773 0.3842 -0.0247 -0.0169 0.1167  361 HOH A O   
866 O O   . HOH B .   ? 0.2884 0.4591 0.3280 -0.0398 -0.0004 -0.0259 362 HOH A O   
867 O O   . HOH B .   ? 0.4681 0.7972 0.4148 -0.0952 0.0055  -0.0698 363 HOH A O   
868 O O   . HOH B .   ? 0.3501 0.4734 0.3536 -0.0456 0.0180  0.0725  364 HOH A O   
869 O O   . HOH B .   ? 0.4583 0.7093 0.4919 -0.0616 0.0258  -0.1121 365 HOH A O   
870 O O   . HOH B .   ? 0.3862 0.6192 0.4751 -0.0492 -0.0351 -0.0609 366 HOH A O   
871 O O   . HOH B .   ? 0.2909 0.4009 0.3032 -0.0437 0.0186  0.0574  367 HOH A O   
872 O O   . HOH B .   ? 0.4529 0.4852 0.4823 -0.0239 0.0211  0.0509  368 HOH A O   
873 O O   . HOH B .   ? 0.5255 0.8124 0.5293 -0.0456 -0.0602 -0.0953 369 HOH A O   
874 O O   . HOH B .   ? 0.5659 0.8304 0.6316 -0.0461 -0.0698 -0.0009 370 HOH A O   
875 O O   . HOH B .   ? 0.3684 0.5741 0.4822 0.0246  0.0101  -0.0346 371 HOH A O   
876 O O   . HOH B .   ? 0.4473 0.6834 0.5556 -0.0447 0.0808  -0.1074 372 HOH A O   
877 O O   . HOH B .   ? 0.2159 0.4026 0.2606 -0.0475 -0.0043 -0.0403 373 HOH A O   
878 O O   . HOH B .   ? 0.4461 0.7082 0.4728 -0.0568 -0.0395 -0.0412 374 HOH A O   
879 O O   . HOH B .   ? 0.4300 0.5222 0.4474 -0.0451 0.0279  0.0708  375 HOH A O   
# 
